data_4IX1
#
_entry.id   4IX1
#
_cell.length_a   117.824
_cell.length_b   117.902
_cell.length_c   166.324
_cell.angle_alpha   90.000
_cell.angle_beta   90.000
_cell.angle_gamma   90.000
#
_symmetry.space_group_name_H-M   'P 21 21 21'
#
loop_
_entity.id
_entity.type
_entity.pdbx_description
1 polymer 'hypothetical protein'
2 non-polymer 'PHOSPHATE ION'
3 water water
#
_entity_poly.entity_id   1
_entity_poly.type   'polypeptide(L)'
_entity_poly.pdbx_seq_one_letter_code
;(MSE)THWSADYGWRGKVGLISTPVIENAHVELARVAPEGVGVYQTFPYVPNFRVDATNIKRAVEQLETSAAALGSAGVD
IVGQVGTPFSFAGGTGLEWAEDISTKLEKASGKPVAL(MSE)GLSIVEALQERGYKTVAISSTYYSRELSERYTQFLEAG
GIRVLTIKNWVDQKRFPDEESVDGRNLWYPASYAYKSAREVAAEAPEADCII(MSE)SGAAVHT(MSE)DIIAPLEADLG
KPVISSDSAFFWKILSLLGVRETSGGWGSLLDSL
;
_entity_poly.pdbx_strand_id   A,B,C,D,E,F,G,H
#
# COMPACT_ATOMS: atom_id res chain seq x y z
N ALA A 6 -7.16 -8.09 -22.17
CA ALA A 6 -8.48 -7.98 -21.48
C ALA A 6 -9.18 -6.67 -21.82
N ASP A 7 -10.18 -6.74 -22.69
CA ASP A 7 -11.05 -5.59 -22.92
C ASP A 7 -12.20 -5.55 -21.88
N TYR A 8 -12.68 -4.34 -21.61
CA TYR A 8 -13.78 -4.12 -20.67
C TYR A 8 -14.97 -5.06 -20.97
N GLY A 9 -15.57 -5.61 -19.94
CA GLY A 9 -16.76 -6.41 -20.10
C GLY A 9 -16.53 -7.83 -20.55
N TRP A 10 -15.28 -8.30 -20.50
CA TRP A 10 -14.95 -9.65 -21.01
C TRP A 10 -15.65 -10.75 -20.31
N ARG A 11 -16.11 -10.50 -19.09
CA ARG A 11 -16.82 -11.52 -18.34
C ARG A 11 -18.35 -11.41 -18.41
N GLY A 12 -18.86 -10.45 -19.17
CA GLY A 12 -20.30 -10.21 -19.22
C GLY A 12 -20.59 -8.74 -19.22
N LYS A 13 -21.57 -8.34 -20.03
CA LYS A 13 -21.98 -6.95 -20.13
C LYS A 13 -23.39 -6.76 -19.71
N VAL A 14 -23.64 -5.78 -18.88
CA VAL A 14 -24.96 -5.49 -18.38
C VAL A 14 -25.37 -4.14 -18.83
N GLY A 15 -26.58 -4.04 -19.36
CA GLY A 15 -27.15 -2.75 -19.73
C GLY A 15 -28.28 -2.45 -18.76
N LEU A 16 -28.22 -1.29 -18.13
CA LEU A 16 -29.24 -0.89 -17.19
C LEU A 16 -30.10 0.21 -17.77
N ILE A 17 -31.41 0.00 -17.73
CA ILE A 17 -32.38 0.99 -18.12
C ILE A 17 -32.65 1.81 -16.88
N SER A 18 -32.30 3.08 -16.91
CA SER A 18 -32.40 3.92 -15.75
C SER A 18 -33.57 4.83 -15.81
N THR A 19 -34.14 5.11 -14.67
CA THR A 19 -35.18 6.10 -14.55
C THR A 19 -34.64 7.50 -14.62
N PRO A 20 -35.58 8.45 -14.99
CA PRO A 20 -35.05 9.82 -15.05
C PRO A 20 -34.77 10.35 -13.67
N VAL A 21 -34.81 9.45 -12.70
CA VAL A 21 -34.56 9.83 -11.33
C VAL A 21 -33.12 10.30 -11.34
N ILE A 22 -32.38 9.87 -12.35
CA ILE A 22 -30.93 9.99 -12.32
C ILE A 22 -30.38 9.09 -11.24
N GLU A 23 -30.80 7.85 -11.33
CA GLU A 23 -30.38 6.78 -10.48
C GLU A 23 -28.91 6.49 -10.73
N ASN A 24 -28.23 6.04 -9.68
CA ASN A 24 -26.83 5.72 -9.71
C ASN A 24 -26.52 4.25 -9.65
N ALA A 25 -27.45 3.42 -10.09
CA ALA A 25 -27.29 1.99 -9.96
C ALA A 25 -26.10 1.47 -10.72
N HIS A 26 -25.84 2.01 -11.88
CA HIS A 26 -24.66 1.66 -12.67
C HIS A 26 -23.35 1.76 -11.85
N VAL A 27 -23.22 2.78 -11.03
CA VAL A 27 -22.08 2.95 -10.16
C VAL A 27 -22.05 1.91 -9.08
N GLU A 28 -23.17 1.70 -8.44
CA GLU A 28 -23.22 0.70 -7.43
C GLU A 28 -22.95 -0.68 -7.98
N LEU A 29 -23.43 -0.99 -9.15
CA LEU A 29 -23.19 -2.31 -9.71
C LEU A 29 -21.69 -2.47 -10.04
N ALA A 30 -21.11 -1.42 -10.54
CA ALA A 30 -19.72 -1.46 -10.87
C ALA A 30 -18.89 -1.77 -9.60
N ARG A 31 -19.28 -1.25 -8.45
CA ARG A 31 -18.56 -1.57 -7.22
C ARG A 31 -18.72 -3.02 -6.79
N VAL A 32 -19.91 -3.58 -7.01
CA VAL A 32 -20.22 -4.88 -6.49
C VAL A 32 -19.73 -5.96 -7.42
N ALA A 33 -19.81 -5.70 -8.71
CA ALA A 33 -19.46 -6.71 -9.68
C ALA A 33 -18.00 -7.07 -9.55
N PRO A 34 -17.66 -8.32 -9.82
CA PRO A 34 -16.29 -8.72 -9.87
C PRO A 34 -15.64 -8.18 -11.12
N GLU A 35 -14.31 -8.30 -11.21
CA GLU A 35 -13.50 -7.87 -12.36
C GLU A 35 -13.97 -8.58 -13.62
N GLY A 36 -14.14 -7.80 -14.68
CA GLY A 36 -14.46 -8.36 -16.00
C GLY A 36 -15.88 -8.09 -16.41
N VAL A 37 -16.72 -7.74 -15.44
CA VAL A 37 -18.11 -7.40 -15.74
C VAL A 37 -18.25 -5.95 -16.17
N GLY A 38 -18.77 -5.73 -17.35
CA GLY A 38 -18.94 -4.36 -17.86
C GLY A 38 -20.34 -3.86 -17.55
N VAL A 39 -20.46 -2.57 -17.27
CA VAL A 39 -21.74 -1.96 -17.01
C VAL A 39 -22.04 -0.85 -17.98
N TYR A 40 -23.26 -0.84 -18.48
CA TYR A 40 -23.75 0.16 -19.43
C TYR A 40 -25.08 0.69 -18.96
N GLN A 41 -25.45 1.81 -19.52
CA GLN A 41 -26.60 2.52 -19.03
C GLN A 41 -27.36 3.15 -20.22
N THR A 42 -28.67 3.28 -20.08
CA THR A 42 -29.44 4.06 -21.01
C THR A 42 -30.65 4.65 -20.35
N PHE A 43 -31.13 5.74 -20.90
CA PHE A 43 -32.29 6.46 -20.36
C PHE A 43 -33.44 6.42 -21.37
N PRO A 44 -34.61 5.94 -20.93
CA PRO A 44 -35.80 6.09 -21.76
C PRO A 44 -36.22 7.54 -21.83
N TYR A 45 -36.77 8.00 -22.97
CA TYR A 45 -37.27 9.37 -23.10
C TYR A 45 -38.74 9.39 -22.76
N VAL A 46 -39.10 9.96 -21.62
CA VAL A 46 -40.47 9.90 -21.14
C VAL A 46 -40.83 11.25 -20.54
N PRO A 47 -41.00 12.28 -21.40
CA PRO A 47 -41.34 13.63 -20.96
C PRO A 47 -42.79 13.71 -20.48
N ASN A 48 -43.06 14.62 -19.55
CA ASN A 48 -44.43 14.89 -19.11
C ASN A 48 -45.20 13.62 -18.70
N PHE A 49 -44.51 12.75 -17.98
CA PHE A 49 -45.15 11.57 -17.47
C PHE A 49 -46.12 11.90 -16.38
N ARG A 50 -47.21 11.16 -16.38
CA ARG A 50 -48.24 11.23 -15.36
C ARG A 50 -48.90 9.87 -15.36
N VAL A 51 -49.54 9.55 -14.22
CA VAL A 51 -50.04 8.20 -13.96
C VAL A 51 -51.40 8.01 -14.59
N ASP A 52 -51.36 7.68 -15.87
CA ASP A 52 -52.56 7.39 -16.64
C ASP A 52 -52.26 6.12 -17.42
N ALA A 53 -53.28 5.39 -17.84
CA ALA A 53 -52.95 4.18 -18.55
C ALA A 53 -52.23 4.61 -19.80
N THR A 54 -52.71 5.66 -20.42
CA THR A 54 -52.17 6.04 -21.73
C THR A 54 -50.66 6.37 -21.57
N ASN A 55 -50.29 6.98 -20.45
CA ASN A 55 -48.91 7.35 -20.17
C ASN A 55 -48.10 6.10 -19.84
N ILE A 56 -48.66 5.24 -18.99
CA ILE A 56 -48.06 3.94 -18.68
C ILE A 56 -47.83 3.10 -19.93
N LYS A 57 -48.77 3.09 -20.84
CA LYS A 57 -48.54 2.41 -22.11
C LYS A 57 -47.36 3.01 -22.88
N ARG A 58 -47.25 4.34 -22.88
CA ARG A 58 -46.16 5.06 -23.53
C ARG A 58 -44.83 4.70 -22.85
N ALA A 59 -44.85 4.69 -21.52
CA ALA A 59 -43.69 4.33 -20.71
C ALA A 59 -43.16 2.99 -21.14
N VAL A 60 -44.02 1.98 -21.12
CA VAL A 60 -43.62 0.64 -21.49
C VAL A 60 -43.05 0.56 -22.91
N GLU A 61 -43.55 1.37 -23.81
CA GLU A 61 -43.01 1.36 -25.17
C GLU A 61 -41.62 1.96 -25.14
N GLN A 62 -41.40 2.92 -24.25
CA GLN A 62 -40.07 3.52 -24.10
C GLN A 62 -39.05 2.57 -23.48
N LEU A 63 -39.45 1.89 -22.41
CA LEU A 63 -38.65 0.78 -21.88
C LEU A 63 -38.31 -0.23 -22.95
N GLU A 64 -39.23 -0.54 -23.85
CA GLU A 64 -38.93 -1.53 -24.91
C GLU A 64 -37.91 -0.96 -25.92
N THR A 65 -37.96 0.35 -26.14
CA THR A 65 -37.02 0.97 -27.05
C THR A 65 -35.61 0.94 -26.45
N SER A 66 -35.54 1.35 -25.17
CA SER A 66 -34.30 1.35 -24.40
C SER A 66 -33.69 -0.07 -24.45
N ALA A 67 -34.49 -1.07 -24.12
CA ALA A 67 -34.03 -2.44 -24.14
C ALA A 67 -33.48 -2.84 -25.51
N ALA A 68 -34.16 -2.40 -26.56
CA ALA A 68 -33.70 -2.73 -27.89
C ALA A 68 -32.40 -1.98 -28.23
N ALA A 69 -32.30 -0.73 -27.78
CA ALA A 69 -31.06 0.04 -27.95
C ALA A 69 -29.89 -0.69 -27.27
N LEU A 70 -30.10 -1.12 -26.03
CA LEU A 70 -29.10 -1.89 -25.31
C LEU A 70 -28.79 -3.22 -26.00
N GLY A 71 -29.83 -3.97 -26.38
CA GLY A 71 -29.64 -5.21 -27.11
C GLY A 71 -28.73 -4.99 -28.31
N SER A 72 -29.06 -4.00 -29.12
CA SER A 72 -28.33 -3.73 -30.34
C SER A 72 -26.89 -3.36 -30.02
N ALA A 73 -26.70 -2.61 -28.95
CA ALA A 73 -25.37 -2.17 -28.54
C ALA A 73 -24.47 -3.37 -28.33
N GLY A 74 -24.98 -4.42 -27.69
CA GLY A 74 -24.22 -5.66 -27.51
C GLY A 74 -24.13 -6.17 -26.07
N VAL A 75 -25.02 -5.72 -25.19
CA VAL A 75 -25.00 -6.22 -23.84
C VAL A 75 -25.49 -7.68 -23.84
N ASP A 76 -25.25 -8.36 -22.73
CA ASP A 76 -25.63 -9.74 -22.58
C ASP A 76 -26.88 -9.87 -21.76
N ILE A 77 -27.14 -8.88 -20.93
CA ILE A 77 -28.25 -8.90 -19.98
C ILE A 77 -28.78 -7.47 -19.85
N VAL A 78 -30.09 -7.34 -19.61
CA VAL A 78 -30.70 -6.04 -19.46
C VAL A 78 -31.37 -5.97 -18.12
N GLY A 79 -31.16 -4.87 -17.41
CA GLY A 79 -31.73 -4.71 -16.09
C GLY A 79 -32.60 -3.49 -16.08
N GLN A 80 -33.76 -3.59 -15.43
CA GLN A 80 -34.66 -2.47 -15.36
C GLN A 80 -34.66 -1.94 -13.96
N VAL A 81 -34.31 -0.68 -13.82
CA VAL A 81 -34.17 -0.04 -12.53
C VAL A 81 -35.46 0.61 -12.14
N GLY A 82 -35.95 0.31 -10.95
CA GLY A 82 -37.20 0.88 -10.45
C GLY A 82 -38.01 -0.23 -9.82
N THR A 83 -38.01 -0.28 -8.51
CA THR A 83 -38.79 -1.28 -7.81
C THR A 83 -40.33 -1.13 -7.89
N PRO A 84 -40.89 0.05 -7.71
CA PRO A 84 -42.34 0.15 -7.82
C PRO A 84 -42.91 -0.19 -9.21
N PHE A 85 -42.12 -0.04 -10.26
CA PHE A 85 -42.61 -0.39 -11.61
C PHE A 85 -42.88 -1.89 -11.82
N SER A 86 -42.50 -2.75 -10.89
CA SER A 86 -42.79 -4.18 -11.02
C SER A 86 -44.23 -4.45 -10.54
N PHE A 87 -44.77 -3.50 -9.79
CA PHE A 87 -46.16 -3.55 -9.35
C PHE A 87 -47.00 -2.37 -9.85
N ALA A 88 -46.62 -1.82 -10.98
CA ALA A 88 -47.20 -0.60 -11.51
C ALA A 88 -48.69 -0.73 -11.74
N GLY A 89 -49.13 -1.95 -12.04
CA GLY A 89 -50.55 -2.19 -12.25
C GLY A 89 -51.20 -3.22 -11.35
N GLY A 90 -52.37 -2.88 -10.81
CA GLY A 90 -53.24 -3.86 -10.19
C GLY A 90 -52.82 -4.66 -8.97
N THR A 91 -52.79 -5.97 -9.10
CA THR A 91 -52.20 -6.79 -8.07
C THR A 91 -51.70 -8.08 -8.65
N GLY A 92 -50.82 -8.73 -7.92
CA GLY A 92 -50.09 -9.87 -8.42
C GLY A 92 -48.76 -9.64 -9.11
N LEU A 93 -48.18 -10.73 -9.61
CA LEU A 93 -46.90 -10.72 -10.29
C LEU A 93 -47.03 -10.82 -11.79
N GLU A 94 -48.27 -10.70 -12.24
CA GLU A 94 -48.60 -10.80 -13.65
C GLU A 94 -48.03 -9.68 -14.47
N TRP A 95 -48.09 -8.49 -13.93
CA TRP A 95 -47.62 -7.27 -14.57
C TRP A 95 -46.11 -7.33 -14.84
N ALA A 96 -45.38 -7.57 -13.75
CA ALA A 96 -43.94 -7.72 -13.80
C ALA A 96 -43.53 -8.74 -14.85
N GLU A 97 -44.11 -9.93 -14.78
CA GLU A 97 -43.70 -11.01 -15.68
C GLU A 97 -44.02 -10.67 -17.13
N ASP A 98 -45.04 -9.84 -17.34
CA ASP A 98 -45.34 -9.38 -18.65
C ASP A 98 -44.26 -8.46 -19.17
N ILE A 99 -43.97 -7.44 -18.40
CA ILE A 99 -42.94 -6.50 -18.76
C ILE A 99 -41.64 -7.22 -19.02
N SER A 100 -41.28 -8.11 -18.11
CA SER A 100 -40.08 -8.87 -18.29
C SER A 100 -40.05 -9.49 -19.68
N THR A 101 -41.13 -10.12 -20.09
CA THR A 101 -41.17 -10.72 -21.42
C THR A 101 -41.07 -9.74 -22.58
N LYS A 102 -41.71 -8.59 -22.44
CA LYS A 102 -41.62 -7.56 -23.46
C LYS A 102 -40.17 -7.15 -23.67
N LEU A 103 -39.46 -6.95 -22.57
CA LEU A 103 -38.07 -6.49 -22.61
C LEU A 103 -37.12 -7.58 -23.10
N GLU A 104 -37.42 -8.84 -22.76
CA GLU A 104 -36.70 -9.96 -23.37
C GLU A 104 -36.90 -9.99 -24.87
N LYS A 105 -38.17 -9.83 -25.29
CA LYS A 105 -38.60 -9.77 -26.69
C LYS A 105 -37.85 -8.62 -27.40
N ALA A 106 -37.94 -7.42 -26.82
CA ALA A 106 -37.38 -6.22 -27.41
C ALA A 106 -35.85 -6.22 -27.54
N SER A 107 -35.17 -6.87 -26.60
CA SER A 107 -33.70 -6.80 -26.49
C SER A 107 -33.03 -8.04 -27.07
N GLY A 108 -33.73 -9.17 -27.00
CA GLY A 108 -33.16 -10.43 -27.40
C GLY A 108 -32.27 -11.01 -26.34
N LYS A 109 -32.38 -10.47 -25.11
CA LYS A 109 -31.50 -10.83 -24.03
C LYS A 109 -32.28 -11.08 -22.75
N PRO A 110 -31.70 -11.87 -21.84
CA PRO A 110 -32.41 -12.06 -20.58
C PRO A 110 -32.49 -10.76 -19.81
N VAL A 111 -33.43 -10.70 -18.88
CA VAL A 111 -33.82 -9.45 -18.27
C VAL A 111 -34.01 -9.60 -16.79
N ALA A 112 -33.61 -8.59 -16.05
CA ALA A 112 -33.88 -8.52 -14.64
C ALA A 112 -34.64 -7.25 -14.37
N LEU A 113 -35.62 -7.32 -13.49
CA LEU A 113 -36.35 -6.15 -13.02
C LEU A 113 -36.14 -5.96 -11.54
N GLY A 115 -37.79 -4.83 -8.89
CA GLY A 115 -38.76 -5.26 -7.85
C GLY A 115 -38.93 -6.76 -7.86
N LEU A 116 -39.06 -7.33 -9.06
CA LEU A 116 -39.28 -8.76 -9.18
C LEU A 116 -38.14 -9.54 -8.57
N SER A 117 -36.91 -9.02 -8.70
CA SER A 117 -35.71 -9.67 -8.19
C SER A 117 -35.75 -9.96 -6.70
N ILE A 118 -36.39 -9.09 -5.93
CA ILE A 118 -36.50 -9.30 -4.50
C ILE A 118 -37.25 -10.60 -4.24
N VAL A 119 -38.34 -10.80 -4.97
CA VAL A 119 -39.14 -12.00 -4.82
C VAL A 119 -38.34 -13.23 -5.24
N GLU A 120 -37.68 -13.13 -6.39
CA GLU A 120 -36.91 -14.26 -6.88
C GLU A 120 -35.80 -14.64 -5.91
N ALA A 121 -35.19 -13.63 -5.29
CA ALA A 121 -34.13 -13.87 -4.33
C ALA A 121 -34.66 -14.57 -3.10
N LEU A 122 -35.72 -14.02 -2.53
CA LEU A 122 -36.32 -14.64 -1.34
C LEU A 122 -36.69 -16.08 -1.65
N GLN A 123 -37.24 -16.31 -2.82
CA GLN A 123 -37.62 -17.65 -3.19
C GLN A 123 -36.39 -18.57 -3.29
N GLU A 124 -35.39 -18.16 -4.06
CA GLU A 124 -34.21 -18.98 -4.26
C GLU A 124 -33.61 -19.33 -2.89
N ARG A 125 -33.72 -18.43 -1.94
CA ARG A 125 -33.12 -18.61 -0.63
C ARG A 125 -34.03 -19.30 0.34
N GLY A 126 -35.25 -19.55 -0.08
CA GLY A 126 -36.23 -20.16 0.77
C GLY A 126 -36.58 -19.35 1.97
N TYR A 127 -36.60 -18.04 1.83
CA TYR A 127 -37.06 -17.20 2.89
C TYR A 127 -38.55 -17.05 2.74
N LYS A 128 -39.30 -17.44 3.75
CA LYS A 128 -40.75 -17.40 3.66
C LYS A 128 -41.34 -16.21 4.39
N THR A 129 -40.71 -15.81 5.48
CA THR A 129 -41.17 -14.70 6.28
C THR A 129 -40.16 -13.55 6.22
N VAL A 130 -40.64 -12.33 6.15
CA VAL A 130 -39.78 -11.18 6.17
C VAL A 130 -40.26 -10.11 7.11
N ALA A 131 -39.35 -9.23 7.46
CA ALA A 131 -39.66 -8.03 8.20
C ALA A 131 -39.06 -6.88 7.41
N ILE A 132 -39.79 -5.78 7.24
CA ILE A 132 -39.43 -4.78 6.23
C ILE A 132 -39.21 -3.42 6.82
N SER A 133 -38.16 -2.76 6.36
CA SER A 133 -37.89 -1.38 6.65
C SER A 133 -37.94 -0.66 5.33
N SER A 134 -38.82 0.32 5.19
CA SER A 134 -39.00 0.97 3.90
C SER A 134 -39.04 2.45 4.14
N THR A 135 -37.92 3.00 4.53
CA THR A 135 -37.89 4.35 4.98
C THR A 135 -38.40 5.21 3.84
N TYR A 136 -38.03 4.89 2.61
CA TYR A 136 -38.32 5.74 1.44
C TYR A 136 -39.82 5.84 1.02
N TYR A 137 -40.67 4.97 1.56
CA TYR A 137 -42.04 4.77 1.09
C TYR A 137 -43.20 5.47 1.81
N SER A 138 -44.30 5.76 1.08
CA SER A 138 -45.53 6.29 1.71
C SER A 138 -46.49 5.16 1.96
N ARG A 139 -47.46 5.33 2.86
CA ARG A 139 -48.32 4.22 3.29
C ARG A 139 -49.01 3.49 2.14
N GLU A 140 -49.43 4.23 1.12
CA GLU A 140 -50.00 3.62 -0.09
C GLU A 140 -48.98 2.64 -0.70
N LEU A 141 -47.77 3.11 -0.94
CA LEU A 141 -46.71 2.32 -1.54
C LEU A 141 -46.32 1.10 -0.75
N SER A 142 -46.29 1.26 0.57
CA SER A 142 -45.94 0.14 1.43
C SER A 142 -46.94 -0.99 1.38
N GLU A 143 -48.22 -0.67 1.43
CA GLU A 143 -49.25 -1.73 1.37
C GLU A 143 -49.20 -2.38 -0.02
N ARG A 144 -48.99 -1.56 -1.05
CA ARG A 144 -48.89 -2.08 -2.40
C ARG A 144 -47.73 -3.11 -2.49
N TYR A 145 -46.57 -2.70 -1.98
CA TYR A 145 -45.36 -3.52 -1.91
C TYR A 145 -45.56 -4.82 -1.14
N THR A 146 -46.10 -4.69 0.07
CA THR A 146 -46.51 -5.83 0.88
C THR A 146 -47.34 -6.82 0.09
N GLN A 147 -48.36 -6.31 -0.58
CA GLN A 147 -49.21 -7.12 -1.44
C GLN A 147 -48.39 -7.89 -2.48
N PHE A 148 -47.52 -7.16 -3.16
CA PHE A 148 -46.62 -7.72 -4.18
C PHE A 148 -45.83 -8.91 -3.64
N LEU A 149 -45.26 -8.76 -2.45
CA LEU A 149 -44.47 -9.84 -1.85
C LEU A 149 -45.33 -11.02 -1.45
N GLU A 150 -46.50 -10.72 -0.91
CA GLU A 150 -47.45 -11.75 -0.54
C GLU A 150 -47.92 -12.48 -1.79
N ALA A 151 -48.10 -11.76 -2.89
CA ALA A 151 -48.29 -12.41 -4.18
C ALA A 151 -47.19 -13.42 -4.55
N GLY A 152 -46.00 -13.26 -4.00
CA GLY A 152 -44.89 -14.20 -4.25
C GLY A 152 -44.78 -15.30 -3.21
N GLY A 153 -45.72 -15.34 -2.28
CA GLY A 153 -45.77 -16.42 -1.34
C GLY A 153 -44.95 -16.11 -0.12
N ILE A 154 -44.93 -14.83 0.23
CA ILE A 154 -44.02 -14.37 1.27
C ILE A 154 -44.82 -13.64 2.33
N ARG A 155 -44.75 -14.16 3.56
CA ARG A 155 -45.40 -13.54 4.69
C ARG A 155 -44.62 -12.38 5.20
N VAL A 156 -45.25 -11.21 5.22
CA VAL A 156 -44.66 -10.03 5.81
C VAL A 156 -45.05 -9.85 7.28
N LEU A 157 -44.17 -10.24 8.19
CA LEU A 157 -44.46 -10.09 9.62
C LEU A 157 -44.56 -8.64 10.10
N THR A 158 -43.98 -7.68 9.36
CA THR A 158 -44.10 -6.27 9.77
C THR A 158 -43.49 -5.37 8.74
N ILE A 159 -43.80 -4.07 8.84
CA ILE A 159 -43.27 -3.09 7.91
C ILE A 159 -43.22 -1.75 8.60
N LYS A 160 -42.20 -0.96 8.34
CA LYS A 160 -42.01 0.33 8.98
C LYS A 160 -41.51 1.38 8.01
N ASN A 161 -41.89 2.62 8.28
CA ASN A 161 -41.52 3.74 7.45
C ASN A 161 -41.64 4.87 8.51
N TRP A 162 -41.27 6.09 8.17
CA TRP A 162 -41.58 7.20 9.05
C TRP A 162 -42.73 8.07 8.58
N PRO A 182 -29.79 10.05 5.19
CA PRO A 182 -28.73 9.44 5.94
C PRO A 182 -28.97 7.94 6.17
N ALA A 183 -27.85 7.27 6.39
CA ALA A 183 -27.72 5.87 6.76
C ALA A 183 -28.04 5.53 8.20
N SER A 184 -28.00 6.52 9.08
CA SER A 184 -28.24 6.27 10.49
C SER A 184 -29.65 5.71 10.62
N TYR A 185 -30.58 6.28 9.87
CA TYR A 185 -31.97 5.87 9.96
C TYR A 185 -32.12 4.51 9.33
N ALA A 186 -31.41 4.29 8.23
CA ALA A 186 -31.44 2.98 7.55
C ALA A 186 -31.02 1.87 8.52
N TYR A 187 -29.82 2.02 9.09
CA TYR A 187 -29.32 1.07 10.09
C TYR A 187 -30.29 0.92 11.26
N LYS A 188 -30.69 2.05 11.85
CA LYS A 188 -31.52 2.01 13.05
C LYS A 188 -32.86 1.33 12.76
N SER A 189 -33.46 1.67 11.63
CA SER A 189 -34.75 1.10 11.29
C SER A 189 -34.67 -0.41 11.12
N ALA A 190 -33.69 -0.87 10.36
CA ALA A 190 -33.50 -2.29 10.19
C ALA A 190 -33.28 -2.97 11.54
N ARG A 191 -32.56 -2.30 12.44
CA ARG A 191 -32.32 -2.88 13.75
C ARG A 191 -33.63 -3.04 14.50
N GLU A 192 -34.44 -1.97 14.46
CA GLU A 192 -35.73 -1.91 15.13
C GLU A 192 -36.67 -3.02 14.64
N VAL A 193 -36.88 -3.03 13.33
CA VAL A 193 -37.69 -4.05 12.67
C VAL A 193 -37.28 -5.46 13.04
N ALA A 194 -35.98 -5.71 13.13
CA ALA A 194 -35.50 -7.08 13.42
C ALA A 194 -35.74 -7.41 14.88
N ALA A 195 -35.71 -6.39 15.72
CA ALA A 195 -36.05 -6.53 17.10
C ALA A 195 -37.49 -6.88 17.28
N GLU A 196 -38.35 -6.25 16.48
CA GLU A 196 -39.76 -6.50 16.54
C GLU A 196 -40.12 -7.91 16.15
N ALA A 197 -39.46 -8.43 15.13
CA ALA A 197 -39.87 -9.69 14.54
C ALA A 197 -38.74 -10.66 14.45
N PRO A 198 -38.33 -11.13 15.70
CA PRO A 198 -37.08 -11.87 15.67
C PRO A 198 -37.13 -13.15 14.90
N GLU A 199 -38.31 -13.60 14.59
CA GLU A 199 -38.46 -14.89 13.95
C GLU A 199 -38.42 -14.79 12.42
N ALA A 200 -38.23 -13.58 11.89
CA ALA A 200 -38.20 -13.40 10.43
C ALA A 200 -37.03 -14.12 9.78
N ASP A 201 -37.29 -14.72 8.64
CA ASP A 201 -36.25 -15.38 7.91
C ASP A 201 -35.20 -14.39 7.39
N CYS A 202 -35.63 -13.17 7.07
CA CYS A 202 -34.83 -12.20 6.34
C CYS A 202 -35.35 -10.82 6.60
N ILE A 203 -34.46 -9.83 6.61
CA ILE A 203 -34.84 -8.42 6.71
C ILE A 203 -34.74 -7.78 5.33
N ILE A 204 -35.68 -6.90 5.01
CA ILE A 204 -35.71 -6.25 3.72
C ILE A 204 -35.58 -4.78 3.94
N SER A 206 -36.16 -1.42 1.72
CA SER A 206 -36.77 -1.06 0.44
C SER A 206 -36.82 0.44 0.27
N GLY A 207 -36.84 0.83 -1.01
CA GLY A 207 -36.58 2.19 -1.37
C GLY A 207 -35.26 2.21 -2.07
N ALA A 208 -35.32 2.17 -3.40
CA ALA A 208 -34.15 2.01 -4.28
C ALA A 208 -33.13 3.14 -4.21
N ALA A 209 -33.60 4.37 -3.93
CA ALA A 209 -32.74 5.57 -3.99
C ALA A 209 -31.76 5.76 -2.80
N VAL A 210 -32.02 5.13 -1.66
CA VAL A 210 -31.06 5.12 -0.52
C VAL A 210 -29.94 4.12 -0.80
N HIS A 211 -28.71 4.46 -0.40
CA HIS A 211 -27.57 3.59 -0.71
C HIS A 211 -27.23 2.63 0.43
N THR A 212 -27.64 1.38 0.24
CA THR A 212 -27.68 0.39 1.26
C THR A 212 -26.58 -0.68 1.18
N ASP A 214 -23.40 -0.78 1.27
CA ASP A 214 -22.37 -0.67 2.27
C ASP A 214 -22.77 -1.13 3.65
N ILE A 215 -24.06 -1.11 3.99
CA ILE A 215 -24.43 -1.51 5.34
C ILE A 215 -25.00 -2.91 5.50
N ILE A 216 -25.13 -3.63 4.39
CA ILE A 216 -25.73 -4.93 4.46
C ILE A 216 -24.88 -5.83 5.33
N ALA A 217 -23.60 -5.97 4.98
CA ALA A 217 -22.75 -6.89 5.74
C ALA A 217 -22.65 -6.52 7.22
N PRO A 218 -22.41 -5.22 7.56
CA PRO A 218 -22.47 -4.85 8.98
C PRO A 218 -23.79 -5.23 9.67
N LEU A 219 -24.92 -4.97 9.01
CA LEU A 219 -26.21 -5.39 9.56
C LEU A 219 -26.32 -6.87 9.73
N GLU A 220 -25.94 -7.64 8.70
CA GLU A 220 -25.93 -9.09 8.84
C GLU A 220 -25.08 -9.53 10.02
N ALA A 221 -23.96 -8.88 10.23
CA ALA A 221 -23.10 -9.23 11.36
C ALA A 221 -23.73 -8.89 12.67
N ASP A 222 -24.35 -7.73 12.75
CA ASP A 222 -24.91 -7.28 14.01
C ASP A 222 -26.18 -8.04 14.39
N LEU A 223 -27.00 -8.37 13.40
CA LEU A 223 -28.28 -9.04 13.65
C LEU A 223 -28.20 -10.53 13.61
N GLY A 224 -27.16 -11.08 13.00
CA GLY A 224 -27.11 -12.52 12.75
C GLY A 224 -28.26 -13.03 11.91
N LYS A 225 -28.79 -12.20 11.03
CA LYS A 225 -29.86 -12.59 10.10
C LYS A 225 -29.58 -12.10 8.69
N PRO A 226 -30.13 -12.76 7.68
CA PRO A 226 -29.97 -12.27 6.29
C PRO A 226 -30.63 -10.95 6.11
N VAL A 227 -30.05 -10.12 5.25
CA VAL A 227 -30.57 -8.78 4.97
C VAL A 227 -30.48 -8.60 3.49
N ILE A 228 -31.57 -8.13 2.92
CA ILE A 228 -31.69 -7.98 1.48
C ILE A 228 -32.31 -6.62 1.15
N SER A 229 -31.85 -6.02 0.06
CA SER A 229 -32.26 -4.70 -0.34
C SER A 229 -32.70 -4.80 -1.80
N SER A 230 -33.37 -3.77 -2.26
CA SER A 230 -33.75 -3.68 -3.67
C SER A 230 -32.54 -3.82 -4.57
N ASP A 231 -31.50 -3.05 -4.23
CA ASP A 231 -30.23 -3.10 -4.95
C ASP A 231 -29.57 -4.48 -4.95
N SER A 232 -29.49 -5.11 -3.78
CA SER A 232 -28.72 -6.33 -3.66
C SER A 232 -29.39 -7.45 -4.40
N ALA A 233 -30.71 -7.48 -4.32
CA ALA A 233 -31.48 -8.50 -5.02
C ALA A 233 -31.36 -8.35 -6.53
N PHE A 234 -31.44 -7.12 -6.99
CA PHE A 234 -31.29 -6.78 -8.39
C PHE A 234 -29.92 -7.23 -8.89
N PHE A 235 -28.87 -6.89 -8.14
CA PHE A 235 -27.50 -7.21 -8.60
C PHE A 235 -27.28 -8.73 -8.55
N TRP A 236 -27.84 -9.36 -7.51
CA TRP A 236 -27.83 -10.82 -7.42
C TRP A 236 -28.47 -11.50 -8.63
N LYS A 237 -29.62 -10.99 -9.01
CA LYS A 237 -30.26 -11.49 -10.18
C LYS A 237 -29.42 -11.27 -11.44
N ILE A 238 -28.92 -10.07 -11.62
CA ILE A 238 -28.10 -9.74 -12.80
C ILE A 238 -26.89 -10.65 -12.91
N LEU A 239 -26.17 -10.84 -11.82
CA LEU A 239 -25.01 -11.70 -11.83
C LEU A 239 -25.37 -13.17 -12.03
N SER A 240 -26.48 -13.62 -11.41
CA SER A 240 -27.03 -14.96 -11.71
C SER A 240 -27.25 -15.15 -13.20
N LEU A 241 -27.95 -14.22 -13.82
CA LEU A 241 -28.18 -14.34 -15.24
C LEU A 241 -26.90 -14.36 -16.02
N LEU A 242 -25.93 -13.52 -15.67
CA LEU A 242 -24.63 -13.57 -16.34
C LEU A 242 -23.90 -14.89 -16.10
N GLY A 243 -24.29 -15.62 -15.07
CA GLY A 243 -23.58 -16.87 -14.73
C GLY A 243 -22.25 -16.63 -14.06
N VAL A 244 -22.11 -15.47 -13.45
CA VAL A 244 -20.90 -15.04 -12.80
C VAL A 244 -21.11 -15.30 -11.33
N ARG A 245 -20.13 -15.95 -10.69
CA ARG A 245 -20.32 -16.39 -9.31
C ARG A 245 -19.28 -15.83 -8.36
N GLU A 246 -18.95 -14.59 -8.57
CA GLU A 246 -18.10 -13.84 -7.70
C GLU A 246 -18.58 -12.43 -7.63
N THR A 247 -18.26 -11.75 -6.55
CA THR A 247 -18.50 -10.34 -6.39
C THR A 247 -17.19 -9.84 -5.93
N SER A 248 -17.07 -8.55 -5.79
CA SER A 248 -15.82 -7.95 -5.46
C SER A 248 -15.57 -8.00 -4.01
N GLY A 249 -16.46 -8.52 -3.21
CA GLY A 249 -16.30 -8.11 -1.83
C GLY A 249 -17.20 -8.53 -0.76
N GLY A 250 -17.60 -7.58 0.05
CA GLY A 250 -18.31 -7.95 1.27
C GLY A 250 -19.66 -7.31 1.17
N TRP A 251 -20.49 -7.89 0.30
CA TRP A 251 -21.81 -7.34 0.03
C TRP A 251 -22.97 -8.15 0.64
N GLY A 252 -22.70 -8.98 1.64
CA GLY A 252 -23.78 -9.74 2.26
C GLY A 252 -23.96 -11.13 1.72
N SER A 253 -24.76 -11.91 2.43
CA SER A 253 -24.83 -13.35 2.22
C SER A 253 -25.48 -13.71 0.93
N LEU A 254 -26.50 -12.97 0.56
CA LEU A 254 -27.18 -13.28 -0.71
C LEU A 254 -26.18 -13.24 -1.82
N LEU A 255 -25.46 -12.13 -1.94
CA LEU A 255 -24.44 -12.05 -3.00
C LEU A 255 -23.29 -13.01 -2.80
N ASP A 256 -22.96 -13.35 -1.55
CA ASP A 256 -21.95 -14.38 -1.33
C ASP A 256 -22.42 -15.76 -1.74
N SER A 257 -23.74 -15.96 -1.84
CA SER A 257 -24.27 -17.26 -2.19
C SER A 257 -24.29 -17.53 -3.67
N LEU A 258 -23.99 -16.55 -4.49
CA LEU A 258 -23.97 -16.75 -5.92
C LEU A 258 -23.04 -17.94 -6.24
N ALA B 6 23.53 -7.56 -2.68
CA ALA B 6 23.68 -6.55 -1.60
C ALA B 6 23.71 -7.21 -0.22
N ASP B 7 24.88 -7.27 0.37
CA ASP B 7 25.01 -7.73 1.77
CA ASP B 7 25.04 -7.69 1.75
C ASP B 7 24.88 -6.53 2.71
N TYR B 8 24.42 -6.81 3.93
CA TYR B 8 24.19 -5.80 4.96
C TYR B 8 25.45 -4.92 5.16
N GLY B 9 25.24 -3.62 5.31
CA GLY B 9 26.32 -2.71 5.60
C GLY B 9 27.16 -2.31 4.42
N TRP B 10 26.69 -2.59 3.19
CA TRP B 10 27.51 -2.33 2.01
C TRP B 10 27.91 -0.90 1.84
N ARG B 11 27.15 0.01 2.45
CA ARG B 11 27.41 1.42 2.31
C ARG B 11 28.18 1.98 3.47
N GLY B 12 28.53 1.15 4.43
CA GLY B 12 29.26 1.63 5.62
C GLY B 12 28.76 0.93 6.84
N LYS B 13 29.68 0.58 7.74
CA LYS B 13 29.32 -0.09 8.96
C LYS B 13 29.66 0.73 10.17
N VAL B 14 28.73 0.85 11.10
CA VAL B 14 28.94 1.63 12.29
C VAL B 14 28.84 0.75 13.49
N GLY B 15 29.81 0.87 14.40
CA GLY B 15 29.79 0.16 15.66
C GLY B 15 29.55 1.14 16.76
N LEU B 16 28.55 0.87 17.58
CA LEU B 16 28.22 1.78 18.67
C LEU B 16 28.58 1.13 19.99
N ILE B 17 29.36 1.86 20.77
CA ILE B 17 29.63 1.51 22.11
C ILE B 17 28.49 2.04 22.95
N SER B 18 27.73 1.11 23.51
CA SER B 18 26.51 1.44 24.21
C SER B 18 26.79 1.47 25.67
N THR B 19 26.01 2.26 26.38
CA THR B 19 26.07 2.31 27.80
C THR B 19 25.32 1.17 28.34
N PRO B 20 25.56 0.89 29.70
CA PRO B 20 24.72 -0.18 30.24
C PRO B 20 23.35 0.34 30.58
N VAL B 21 23.09 1.51 30.06
CA VAL B 21 21.83 2.18 30.26
C VAL B 21 20.77 1.48 29.45
N ILE B 22 21.17 0.47 28.67
CA ILE B 22 20.38 -0.13 27.59
C ILE B 22 20.01 0.84 26.50
N GLU B 23 21.02 1.49 25.96
CA GLU B 23 20.79 2.43 24.89
C GLU B 23 20.15 1.69 23.74
N ASN B 24 19.15 2.35 23.15
CA ASN B 24 18.57 1.99 21.87
C ASN B 24 19.01 2.91 20.72
N ALA B 25 20.18 3.49 20.84
CA ALA B 25 20.72 4.31 19.78
C ALA B 25 20.95 3.52 18.52
N HIS B 26 21.28 2.23 18.66
CA HIS B 26 21.40 1.38 17.48
C HIS B 26 20.09 1.31 16.68
N VAL B 27 18.97 1.21 17.37
CA VAL B 27 17.69 1.18 16.73
C VAL B 27 17.42 2.51 16.06
N GLU B 28 17.57 3.59 16.85
CA GLU B 28 17.39 4.93 16.33
C GLU B 28 18.22 5.19 15.09
N LEU B 29 19.47 4.76 15.10
CA LEU B 29 20.35 4.98 13.95
C LEU B 29 19.93 4.16 12.73
N ALA B 30 19.50 2.94 12.98
CA ALA B 30 18.96 2.14 11.92
C ALA B 30 17.74 2.80 11.25
N ARG B 31 16.87 3.49 11.99
CA ARG B 31 15.76 4.23 11.37
C ARG B 31 16.17 5.45 10.58
N VAL B 32 17.21 6.12 11.04
CA VAL B 32 17.62 7.35 10.37
C VAL B 32 18.53 7.10 9.18
N ALA B 33 19.41 6.11 9.30
CA ALA B 33 20.36 5.85 8.25
C ALA B 33 19.66 5.47 6.97
N PRO B 34 20.27 5.79 5.84
CA PRO B 34 19.75 5.42 4.57
C PRO B 34 20.08 3.97 4.34
N GLU B 35 19.54 3.41 3.28
CA GLU B 35 19.75 2.03 2.90
C GLU B 35 21.20 1.74 2.66
N GLY B 36 21.68 0.62 3.17
CA GLY B 36 23.05 0.17 2.92
C GLY B 36 23.97 0.37 4.12
N VAL B 37 23.55 1.18 5.08
CA VAL B 37 24.34 1.42 6.28
C VAL B 37 24.06 0.36 7.32
N GLY B 38 25.09 -0.33 7.76
CA GLY B 38 24.93 -1.38 8.75
C GLY B 38 25.20 -0.82 10.12
N VAL B 39 24.49 -1.31 11.12
CA VAL B 39 24.69 -0.88 12.49
C VAL B 39 25.03 -2.05 13.40
N TYR B 40 26.04 -1.84 14.24
CA TYR B 40 26.49 -2.83 15.19
C TYR B 40 26.61 -2.22 16.55
N GLN B 41 26.68 -3.07 17.55
CA GLN B 41 26.60 -2.62 18.93
C GLN B 41 27.54 -3.44 19.80
N THR B 42 28.03 -2.83 20.85
CA THR B 42 28.76 -3.55 21.86
C THR B 42 28.67 -2.87 23.21
N PHE B 43 28.82 -3.64 24.27
CA PHE B 43 28.68 -3.14 25.64
C PHE B 43 30.00 -3.28 26.42
N PRO B 44 30.51 -2.17 26.99
CA PRO B 44 31.68 -2.28 27.85
C PRO B 44 31.26 -2.92 29.18
N TYR B 45 32.15 -3.69 29.81
CA TYR B 45 31.87 -4.29 31.13
C TYR B 45 32.40 -3.38 32.21
N VAL B 46 31.54 -2.66 32.91
CA VAL B 46 31.99 -1.83 34.00
C VAL B 46 31.12 -2.07 35.21
N PRO B 47 31.47 -3.18 35.98
CA PRO B 47 30.38 -3.65 36.85
C PRO B 47 29.87 -2.76 37.97
N ASN B 48 30.76 -2.11 38.69
CA ASN B 48 30.33 -1.51 39.95
C ASN B 48 30.01 -0.05 39.87
N PHE B 49 28.82 0.29 40.36
CA PHE B 49 28.32 1.64 40.15
C PHE B 49 28.97 2.55 41.18
N ARG B 50 29.93 3.35 40.72
CA ARG B 50 30.66 4.27 41.58
C ARG B 50 31.29 5.38 40.76
N VAL B 51 31.66 6.47 41.43
CA VAL B 51 32.39 7.53 40.78
C VAL B 51 33.78 7.66 41.39
N ASP B 52 34.82 7.57 40.58
CA ASP B 52 36.16 7.68 41.10
C ASP B 52 37.01 8.14 39.96
N ALA B 53 38.14 8.77 40.25
CA ALA B 53 39.08 9.06 39.21
C ALA B 53 39.54 7.72 38.69
N THR B 54 39.86 6.83 39.61
CA THR B 54 40.29 5.50 39.23
C THR B 54 39.14 4.74 38.60
N ASN B 55 37.92 5.05 39.04
CA ASN B 55 36.79 4.34 38.49
C ASN B 55 36.76 4.66 37.01
N ILE B 56 36.94 5.93 36.73
CA ILE B 56 36.93 6.41 35.37
C ILE B 56 38.06 5.82 34.59
N LYS B 57 39.22 5.71 35.20
CA LYS B 57 40.38 5.25 34.47
C LYS B 57 40.05 3.89 33.97
N ARG B 58 39.33 3.17 34.79
CA ARG B 58 38.88 1.82 34.44
C ARG B 58 37.84 1.87 33.30
N ALA B 59 36.91 2.82 33.43
CA ALA B 59 35.90 3.05 32.41
C ALA B 59 36.55 3.25 31.06
N VAL B 60 37.46 4.22 31.00
CA VAL B 60 38.13 4.53 29.75
C VAL B 60 38.88 3.33 29.16
N GLU B 61 39.38 2.50 30.04
CA GLU B 61 40.06 1.30 29.66
C GLU B 61 39.09 0.40 28.96
N GLN B 62 37.90 0.34 29.51
CA GLN B 62 36.79 -0.50 28.96
C GLN B 62 36.25 0.00 27.62
N LEU B 63 35.99 1.30 27.51
CA LEU B 63 35.71 1.92 26.22
C LEU B 63 36.76 1.58 25.17
N GLU B 64 38.04 1.55 25.55
CA GLU B 64 39.08 1.24 24.57
C GLU B 64 39.00 -0.23 24.14
N THR B 65 38.58 -1.09 25.05
CA THR B 65 38.45 -2.52 24.73
C THR B 65 37.31 -2.71 23.75
N SER B 66 36.17 -2.09 24.08
CA SER B 66 34.98 -2.10 23.23
C SER B 66 35.32 -1.62 21.82
N ALA B 67 35.95 -0.46 21.74
CA ALA B 67 36.39 0.07 20.45
C ALA B 67 37.27 -0.88 19.69
N ALA B 68 38.16 -1.57 20.39
CA ALA B 68 39.02 -2.51 19.72
C ALA B 68 38.21 -3.72 19.24
N ALA B 69 37.26 -4.16 20.06
CA ALA B 69 36.42 -5.30 19.69
C ALA B 69 35.67 -4.99 18.41
N LEU B 70 35.11 -3.77 18.37
CA LEU B 70 34.42 -3.29 17.17
C LEU B 70 35.35 -3.14 15.98
N GLY B 71 36.50 -2.51 16.18
CA GLY B 71 37.51 -2.41 15.13
C GLY B 71 37.80 -3.78 14.53
N SER B 72 38.07 -4.76 15.39
CA SER B 72 38.45 -6.09 14.95
C SER B 72 37.31 -6.73 14.21
N ALA B 73 36.10 -6.48 14.67
CA ALA B 73 34.90 -7.03 14.03
C ALA B 73 34.81 -6.63 12.56
N GLY B 74 35.09 -5.38 12.26
CA GLY B 74 35.15 -4.93 10.88
C GLY B 74 34.35 -3.68 10.58
N VAL B 75 33.99 -2.91 11.61
CA VAL B 75 33.21 -1.70 11.37
C VAL B 75 34.13 -0.66 10.74
N ASP B 76 33.53 0.36 10.15
CA ASP B 76 34.25 1.43 9.51
C ASP B 76 34.40 2.61 10.43
N ILE B 77 33.49 2.75 11.38
CA ILE B 77 33.39 3.91 12.24
C ILE B 77 32.96 3.44 13.58
N VAL B 78 33.38 4.12 14.63
CA VAL B 78 32.96 3.79 15.96
C VAL B 78 32.32 4.98 16.60
N GLY B 79 31.20 4.76 17.27
CA GLY B 79 30.46 5.84 17.92
C GLY B 79 30.35 5.54 19.39
N GLN B 80 30.53 6.56 20.23
CA GLN B 80 30.45 6.38 21.64
C GLN B 80 29.19 7.07 22.10
N VAL B 81 28.31 6.30 22.74
CA VAL B 81 27.02 6.78 23.19
C VAL B 81 27.12 7.25 24.62
N GLY B 82 26.68 8.48 24.88
CA GLY B 82 26.73 9.08 26.21
C GLY B 82 27.21 10.51 26.09
N THR B 83 26.31 11.48 26.19
CA THR B 83 26.71 12.89 26.15
C THR B 83 27.50 13.39 27.34
N PRO B 84 26.99 13.02 28.59
CA PRO B 84 27.72 13.62 29.72
C PRO B 84 29.16 13.20 29.70
N PHE B 85 29.44 12.00 29.26
CA PHE B 85 30.78 11.49 29.36
C PHE B 85 31.71 12.36 28.56
N SER B 86 31.16 13.12 27.64
CA SER B 86 31.99 14.02 26.86
C SER B 86 32.65 15.05 27.76
N PHE B 87 32.04 15.36 28.89
CA PHE B 87 32.69 16.21 29.86
C PHE B 87 32.66 15.58 31.22
N ALA B 88 33.34 14.45 31.34
CA ALA B 88 33.36 13.74 32.60
C ALA B 88 34.53 14.18 33.46
N GLY B 89 35.49 14.82 32.82
CA GLY B 89 36.64 15.35 33.50
C GLY B 89 37.10 16.59 32.81
N GLY B 90 37.19 17.68 33.55
CA GLY B 90 37.86 18.87 33.10
C GLY B 90 36.97 19.81 32.34
N THR B 91 37.29 21.09 32.44
CA THR B 91 36.62 22.11 31.70
C THR B 91 37.01 21.94 30.26
N GLY B 92 36.07 22.17 29.35
CA GLY B 92 36.41 22.18 27.94
C GLY B 92 36.45 20.91 27.14
N LEU B 93 36.84 21.08 25.90
CA LEU B 93 36.85 20.04 24.91
C LEU B 93 37.86 18.97 25.17
N GLU B 94 38.86 19.30 25.94
CA GLU B 94 40.08 18.51 26.01
C GLU B 94 39.83 17.09 26.46
N TRP B 95 38.93 16.88 27.40
CA TRP B 95 38.68 15.53 27.87
C TRP B 95 38.15 14.70 26.73
N ALA B 96 37.22 15.28 25.99
CA ALA B 96 36.56 14.68 24.85
C ALA B 96 37.55 14.34 23.73
N GLU B 97 38.34 15.33 23.33
CA GLU B 97 39.27 15.12 22.22
C GLU B 97 40.32 14.06 22.58
N ASP B 98 40.62 13.92 23.86
CA ASP B 98 41.55 12.89 24.30
C ASP B 98 40.93 11.52 24.12
N ILE B 99 39.76 11.35 24.71
CA ILE B 99 39.02 10.08 24.58
C ILE B 99 38.86 9.72 23.11
N SER B 100 38.44 10.71 22.32
CA SER B 100 38.31 10.47 20.92
C SER B 100 39.58 9.81 20.37
N THR B 101 40.74 10.38 20.68
CA THR B 101 41.99 9.84 20.13
C THR B 101 42.31 8.45 20.63
N LYS B 102 42.03 8.20 21.91
CA LYS B 102 42.23 6.87 22.47
C LYS B 102 41.44 5.82 21.69
N LEU B 103 40.18 6.14 21.42
CA LEU B 103 39.29 5.22 20.74
C LEU B 103 39.69 5.05 19.29
N GLU B 104 40.17 6.15 18.65
CA GLU B 104 40.70 6.03 17.28
C GLU B 104 41.87 5.08 17.29
N LYS B 105 42.73 5.25 18.29
CA LYS B 105 43.93 4.44 18.44
C LYS B 105 43.56 3.00 18.68
N ALA B 106 42.66 2.79 19.64
CA ALA B 106 42.23 1.44 20.02
C ALA B 106 41.50 0.66 18.90
N SER B 107 40.78 1.35 18.03
CA SER B 107 39.93 0.72 17.03
C SER B 107 40.57 0.71 15.66
N GLY B 108 41.39 1.73 15.40
CA GLY B 108 41.95 1.91 14.08
C GLY B 108 41.00 2.56 13.12
N LYS B 109 39.93 3.16 13.67
CA LYS B 109 38.84 3.71 12.87
C LYS B 109 38.46 5.08 13.37
N PRO B 110 37.91 5.91 12.49
CA PRO B 110 37.42 7.19 12.98
C PRO B 110 36.33 7.03 14.01
N VAL B 111 36.11 8.06 14.80
CA VAL B 111 35.30 7.98 15.97
C VAL B 111 34.39 9.18 16.12
N ALA B 112 33.18 8.94 16.59
CA ALA B 112 32.26 9.99 16.96
C ALA B 112 31.87 9.81 18.43
N LEU B 113 31.78 10.91 19.17
CA LEU B 113 31.33 10.89 20.53
C LEU B 113 30.07 11.69 20.63
N GLY B 115 28.53 13.64 22.84
CA GLY B 115 28.50 15.02 23.33
C GLY B 115 29.29 15.97 22.43
N LEU B 116 30.48 15.54 22.04
CA LEU B 116 31.32 16.34 21.20
C LEU B 116 30.63 16.68 19.88
N SER B 117 29.85 15.75 19.34
CA SER B 117 29.14 15.92 18.07
C SER B 117 28.23 17.13 18.05
N ILE B 118 27.61 17.45 19.18
CA ILE B 118 26.75 18.61 19.25
C ILE B 118 27.53 19.88 18.92
N VAL B 119 28.71 19.98 19.49
CA VAL B 119 29.57 21.12 19.25
C VAL B 119 29.99 21.15 17.78
N GLU B 120 30.44 20.01 17.26
CA GLU B 120 30.92 19.96 15.87
C GLU B 120 29.81 20.33 14.91
N ALA B 121 28.59 19.91 15.22
CA ALA B 121 27.43 20.23 14.38
C ALA B 121 27.11 21.72 14.41
N LEU B 122 27.00 22.28 15.61
CA LEU B 122 26.78 23.72 15.73
C LEU B 122 27.85 24.49 14.95
N GLN B 123 29.09 24.06 15.08
CA GLN B 123 30.17 24.74 14.39
C GLN B 123 30.02 24.64 12.91
N GLU B 124 29.84 23.43 12.41
CA GLU B 124 29.74 23.22 10.95
C GLU B 124 28.58 24.07 10.40
N ARG B 125 27.53 24.25 11.18
CA ARG B 125 26.37 24.96 10.69
C ARG B 125 26.52 26.43 10.85
N GLY B 126 27.48 26.83 11.65
CA GLY B 126 27.67 28.22 11.96
C GLY B 126 26.71 28.75 12.99
N TYR B 127 26.16 27.89 13.85
CA TYR B 127 25.28 28.41 14.90
C TYR B 127 26.12 28.88 16.06
N LYS B 128 25.95 30.14 16.43
CA LYS B 128 26.77 30.71 17.51
C LYS B 128 26.02 30.77 18.82
N THR B 129 24.73 30.93 18.73
CA THR B 129 23.93 31.07 19.92
C THR B 129 22.86 30.04 19.98
N VAL B 130 22.63 29.50 21.16
CA VAL B 130 21.62 28.45 21.34
C VAL B 130 20.71 28.71 22.52
N ALA B 131 19.57 28.03 22.50
CA ALA B 131 18.66 28.00 23.61
C ALA B 131 18.40 26.54 23.88
N ILE B 132 18.43 26.13 25.14
CA ILE B 132 18.51 24.71 25.48
C ILE B 132 17.35 24.24 26.30
N SER B 133 16.83 23.08 25.93
CA SER B 133 15.85 22.36 26.73
C SER B 133 16.50 21.07 27.13
N SER B 134 16.62 20.83 28.43
CA SER B 134 17.36 19.66 28.91
C SER B 134 16.53 19.00 29.98
N THR B 135 15.40 18.47 29.62
CA THR B 135 14.53 18.02 30.66
C THR B 135 15.28 16.97 31.45
N TYR B 136 16.01 16.10 30.77
CA TYR B 136 16.62 14.97 31.46
C TYR B 136 17.67 15.29 32.59
N TYR B 137 18.17 16.52 32.64
CA TYR B 137 19.35 16.86 33.46
C TYR B 137 19.08 17.53 34.85
N SER B 138 20.03 17.41 35.78
CA SER B 138 20.01 18.09 37.11
C SER B 138 20.87 19.35 37.06
N ARG B 139 20.67 20.27 38.00
CA ARG B 139 21.31 21.62 37.90
C ARG B 139 22.83 21.55 37.75
N GLU B 140 23.45 20.60 38.44
CA GLU B 140 24.88 20.40 38.26
C GLU B 140 25.20 20.10 36.80
N LEU B 141 24.60 19.04 36.27
CA LEU B 141 24.87 18.64 34.89
C LEU B 141 24.60 19.74 33.87
N SER B 142 23.54 20.49 34.08
CA SER B 142 23.16 21.55 33.16
C SER B 142 24.23 22.61 33.07
N GLU B 143 24.74 23.05 34.20
CA GLU B 143 25.77 24.05 34.13
C GLU B 143 27.05 23.47 33.55
N ARG B 144 27.32 22.23 33.87
CA ARG B 144 28.49 21.56 33.34
C ARG B 144 28.40 21.54 31.79
N TYR B 145 27.23 21.14 31.29
CA TYR B 145 26.91 21.10 29.85
C TYR B 145 27.05 22.45 29.19
N THR B 146 26.43 23.46 29.80
CA THR B 146 26.56 24.85 29.37
C THR B 146 28.01 25.24 29.20
N GLN B 147 28.81 24.94 30.22
CA GLN B 147 30.23 25.20 30.18
C GLN B 147 30.90 24.59 28.96
N PHE B 148 30.60 23.30 28.77
CA PHE B 148 31.12 22.49 27.66
C PHE B 148 30.86 23.17 26.31
N LEU B 149 29.62 23.64 26.12
CA LEU B 149 29.27 24.31 24.90
C LEU B 149 30.00 25.62 24.74
N GLU B 150 30.09 26.35 25.84
CA GLU B 150 30.77 27.64 25.83
C GLU B 150 32.23 27.43 25.53
N ALA B 151 32.79 26.35 26.06
CA ALA B 151 34.12 25.94 25.64
C ALA B 151 34.26 25.80 24.11
N GLY B 152 33.16 25.55 23.41
CA GLY B 152 33.18 25.36 21.94
C GLY B 152 32.87 26.65 21.21
N GLY B 153 32.72 27.74 21.95
CA GLY B 153 32.54 29.03 21.33
C GLY B 153 31.10 29.32 21.08
N ILE B 154 30.25 28.81 21.97
CA ILE B 154 28.84 28.83 21.74
C ILE B 154 28.16 29.49 22.90
N ARG B 155 27.49 30.59 22.61
CA ARG B 155 26.78 31.35 23.63
C ARG B 155 25.40 30.75 23.92
N VAL B 156 25.19 30.37 25.17
CA VAL B 156 23.94 29.81 25.62
C VAL B 156 23.00 30.89 26.16
N LEU B 157 22.04 31.32 25.36
CA LEU B 157 21.12 32.34 25.78
C LEU B 157 20.16 31.89 26.89
N THR B 158 19.92 30.59 27.05
CA THR B 158 19.02 30.12 28.12
C THR B 158 19.02 28.59 28.20
N ILE B 159 18.48 28.04 29.26
CA ILE B 159 18.52 26.61 29.44
C ILE B 159 17.47 26.28 30.45
N LYS B 160 16.71 25.22 30.21
CA LYS B 160 15.66 24.86 31.14
C LYS B 160 15.48 23.38 31.20
N ASN B 161 14.91 22.90 32.29
CA ASN B 161 14.45 21.54 32.41
C ASN B 161 13.52 21.56 33.58
N TRP B 162 13.34 20.42 34.23
CA TRP B 162 12.56 20.42 35.46
C TRP B 162 13.12 19.47 36.49
N PRO B 182 6.71 12.69 29.23
CA PRO B 182 7.92 12.66 28.42
C PRO B 182 7.72 13.49 27.17
N ALA B 183 7.29 12.89 26.07
CA ALA B 183 7.33 13.57 24.81
C ALA B 183 6.49 14.83 24.84
N SER B 184 5.36 14.79 25.51
CA SER B 184 4.53 15.99 25.61
C SER B 184 5.38 17.09 26.17
N TYR B 185 6.18 16.77 27.17
CA TYR B 185 7.00 17.78 27.77
C TYR B 185 8.11 18.18 26.81
N ALA B 186 8.64 17.21 26.11
CA ALA B 186 9.80 17.46 25.29
C ALA B 186 9.45 18.50 24.28
N TYR B 187 8.25 18.41 23.72
CA TYR B 187 7.85 19.35 22.69
C TYR B 187 7.52 20.68 23.30
N LYS B 188 6.84 20.67 24.42
CA LYS B 188 6.39 21.88 25.09
C LYS B 188 7.59 22.68 25.55
N SER B 189 8.57 22.00 26.12
CA SER B 189 9.75 22.68 26.63
C SER B 189 10.52 23.38 25.52
N ALA B 190 10.76 22.68 24.42
CA ALA B 190 11.42 23.31 23.25
C ALA B 190 10.62 24.50 22.71
N ARG B 191 9.31 24.41 22.74
CA ARG B 191 8.48 25.53 22.35
C ARG B 191 8.71 26.72 23.27
N GLU B 192 8.70 26.45 24.58
CA GLU B 192 8.85 27.48 25.62
C GLU B 192 10.18 28.22 25.50
N VAL B 193 11.24 27.42 25.51
CA VAL B 193 12.60 27.91 25.33
C VAL B 193 12.74 28.77 24.09
N ALA B 194 12.10 28.38 23.00
CA ALA B 194 12.27 29.13 21.74
C ALA B 194 11.51 30.44 21.82
N ALA B 195 10.42 30.41 22.57
CA ALA B 195 9.60 31.58 22.75
C ALA B 195 10.39 32.63 23.59
N GLU B 196 11.11 32.16 24.58
CA GLU B 196 11.99 32.99 25.38
C GLU B 196 13.15 33.56 24.61
N ALA B 197 13.72 32.79 23.71
CA ALA B 197 14.89 33.25 23.01
C ALA B 197 14.73 33.17 21.51
N PRO B 198 13.83 34.12 20.98
CA PRO B 198 13.59 33.97 19.55
C PRO B 198 14.83 34.18 18.74
N GLU B 199 15.81 34.83 19.29
CA GLU B 199 16.97 35.24 18.54
C GLU B 199 18.01 34.15 18.44
N ALA B 200 17.75 33.01 19.05
CA ALA B 200 18.74 31.92 19.07
C ALA B 200 18.95 31.37 17.65
N ASP B 201 20.18 31.04 17.32
CA ASP B 201 20.47 30.41 16.07
C ASP B 201 19.87 29.00 15.92
N CYS B 202 19.76 28.31 17.06
CA CYS B 202 19.40 26.90 17.07
C CYS B 202 18.86 26.52 18.43
N ILE B 203 17.92 25.57 18.46
CA ILE B 203 17.40 25.02 19.70
C ILE B 203 18.05 23.67 19.93
N ILE B 204 18.39 23.39 21.19
CA ILE B 204 19.03 22.13 21.54
C ILE B 204 18.13 21.38 22.46
N SER B 206 18.48 18.22 25.01
CA SER B 206 19.54 17.42 25.59
C SER B 206 19.03 16.43 26.62
N GLY B 207 19.75 15.32 26.75
CA GLY B 207 19.28 14.14 27.51
C GLY B 207 19.19 12.83 26.74
N ALA B 208 20.03 11.84 27.10
CA ALA B 208 20.28 10.69 26.22
C ALA B 208 19.19 9.61 26.11
N ALA B 209 18.43 9.39 27.18
CA ALA B 209 17.34 8.39 27.21
C ALA B 209 16.07 8.79 26.43
N VAL B 210 15.82 10.10 26.22
CA VAL B 210 14.55 10.58 25.58
C VAL B 210 14.59 10.48 24.08
N HIS B 211 13.47 10.07 23.46
CA HIS B 211 13.48 9.81 22.01
C HIS B 211 12.92 10.98 21.22
N THR B 212 13.85 11.74 20.65
CA THR B 212 13.58 13.05 20.10
C THR B 212 13.51 13.09 18.56
N ASP B 214 11.83 11.80 16.22
CA ASP B 214 10.52 11.95 15.62
C ASP B 214 9.92 13.33 15.73
N ILE B 215 10.36 14.13 16.69
CA ILE B 215 9.78 15.45 16.82
C ILE B 215 10.64 16.62 16.34
N ILE B 216 11.81 16.33 15.83
CA ILE B 216 12.65 17.38 15.36
C ILE B 216 11.97 18.11 14.19
N ALA B 217 11.60 17.39 13.14
CA ALA B 217 11.05 18.02 11.95
C ALA B 217 9.76 18.80 12.27
N PRO B 218 8.83 18.18 13.01
CA PRO B 218 7.65 18.98 13.42
C PRO B 218 8.00 20.24 14.16
N LEU B 219 8.95 20.16 15.09
CA LEU B 219 9.41 21.36 15.81
C LEU B 219 10.01 22.38 14.86
N GLU B 220 10.87 21.95 13.96
CA GLU B 220 11.44 22.87 13.02
C GLU B 220 10.33 23.55 12.23
N ALA B 221 9.29 22.81 11.88
CA ALA B 221 8.21 23.39 11.10
C ALA B 221 7.43 24.39 11.92
N ASP B 222 7.20 24.07 13.17
CA ASP B 222 6.40 24.92 14.01
C ASP B 222 7.14 26.17 14.45
N LEU B 223 8.44 26.06 14.71
CA LEU B 223 9.22 27.17 15.21
C LEU B 223 9.87 27.98 14.11
N GLY B 224 9.96 27.42 12.93
CA GLY B 224 10.80 28.01 11.89
C GLY B 224 12.24 28.22 12.27
N LYS B 225 12.80 27.36 13.14
CA LYS B 225 14.20 27.43 13.56
C LYS B 225 14.84 26.07 13.54
N PRO B 226 16.17 26.02 13.39
CA PRO B 226 16.85 24.74 13.49
C PRO B 226 16.68 24.15 14.87
N VAL B 227 16.61 22.82 14.94
CA VAL B 227 16.52 22.10 16.21
C VAL B 227 17.48 20.94 16.14
N ILE B 228 18.25 20.78 17.22
CA ILE B 228 19.29 19.77 17.26
C ILE B 228 19.27 19.08 18.58
N SER B 229 19.57 17.78 18.57
CA SER B 229 19.45 16.91 19.75
C SER B 229 20.75 16.18 19.86
N SER B 230 20.95 15.53 21.00
CA SER B 230 22.16 14.70 21.20
C SER B 230 22.24 13.61 20.17
N ASP B 231 21.12 12.94 19.98
CA ASP B 231 20.97 11.90 18.95
C ASP B 231 21.23 12.40 17.52
N SER B 232 20.60 13.51 17.14
CA SER B 232 20.69 13.94 15.74
C SER B 232 22.09 14.38 15.40
N ALA B 233 22.76 15.06 16.34
CA ALA B 233 24.13 15.50 16.13
C ALA B 233 25.09 14.33 16.01
N PHE B 234 24.90 13.34 16.89
CA PHE B 234 25.66 12.12 16.87
C PHE B 234 25.50 11.41 15.51
N PHE B 235 24.26 11.24 15.06
CA PHE B 235 24.02 10.49 13.83
C PHE B 235 24.56 11.28 12.65
N TRP B 236 24.40 12.59 12.71
CA TRP B 236 24.97 13.47 11.68
C TRP B 236 26.49 13.26 11.58
N LYS B 237 27.16 13.24 12.73
CA LYS B 237 28.56 13.08 12.76
C LYS B 237 28.95 11.73 12.20
N ILE B 238 28.25 10.69 12.64
CA ILE B 238 28.52 9.34 12.15
C ILE B 238 28.38 9.25 10.62
N LEU B 239 27.29 9.76 10.08
CA LEU B 239 27.07 9.68 8.65
C LEU B 239 28.06 10.55 7.88
N SER B 240 28.39 11.73 8.42
CA SER B 240 29.52 12.54 7.88
C SER B 240 30.80 11.73 7.77
N LEU B 241 31.19 11.07 8.88
CA LEU B 241 32.40 10.25 8.87
C LEU B 241 32.31 9.14 7.84
N LEU B 242 31.16 8.49 7.72
CA LEU B 242 31.01 7.47 6.68
C LEU B 242 31.06 8.05 5.30
N GLY B 243 30.86 9.34 5.15
CA GLY B 243 30.81 9.93 3.83
C GLY B 243 29.51 9.62 3.11
N VAL B 244 28.47 9.34 3.87
CA VAL B 244 27.18 9.04 3.35
C VAL B 244 26.35 10.32 3.41
N ARG B 245 25.73 10.70 2.33
CA ARG B 245 25.04 11.96 2.26
C ARG B 245 23.56 11.85 2.06
N GLU B 246 22.96 10.83 2.63
CA GLU B 246 21.54 10.61 2.54
C GLU B 246 21.03 10.14 3.87
N THR B 247 19.74 10.30 4.10
CA THR B 247 19.10 9.81 5.29
C THR B 247 17.91 9.12 4.78
N SER B 248 17.17 8.51 5.66
CA SER B 248 16.01 7.80 5.26
C SER B 248 14.82 8.68 5.21
N GLY B 249 14.94 9.96 5.45
CA GLY B 249 13.68 10.62 5.71
C GLY B 249 13.55 12.01 6.15
N GLY B 250 12.74 12.21 7.17
CA GLY B 250 12.43 13.58 7.56
C GLY B 250 12.92 13.79 8.97
N TRP B 251 14.24 13.88 9.11
CA TRP B 251 14.86 13.97 10.41
C TRP B 251 15.40 15.35 10.76
N GLY B 252 14.93 16.39 10.07
CA GLY B 252 15.38 17.74 10.40
C GLY B 252 16.49 18.26 9.49
N SER B 253 16.75 19.56 9.61
CA SER B 253 17.60 20.28 8.67
C SER B 253 19.06 19.92 8.80
N LEU B 254 19.53 19.67 10.00
CA LEU B 254 20.90 19.26 10.15
C LEU B 254 21.15 18.02 9.34
N LEU B 255 20.37 16.98 9.59
CA LEU B 255 20.56 15.73 8.81
C LEU B 255 20.24 15.90 7.34
N ASP B 256 19.33 16.80 6.99
CA ASP B 256 19.11 17.09 5.58
C ASP B 256 20.29 17.76 4.93
N SER B 257 21.17 18.39 5.72
CA SER B 257 22.25 19.19 5.15
C SER B 257 23.37 18.33 4.80
N LEU B 258 23.40 17.08 5.17
CA LEU B 258 24.68 16.49 4.92
C LEU B 258 24.82 16.04 3.50
N ALA C 6 -2.43 -2.49 -25.05
CA ALA C 6 -2.03 -3.00 -23.72
C ALA C 6 -1.25 -4.31 -23.92
N ASP C 7 -0.50 -4.42 -25.01
CA ASP C 7 0.31 -5.59 -25.32
C ASP C 7 1.75 -5.41 -24.88
N TYR C 8 2.39 -6.47 -24.43
CA TYR C 8 3.77 -6.38 -23.97
C TYR C 8 4.65 -5.82 -25.07
N GLY C 9 5.56 -4.94 -24.70
CA GLY C 9 6.50 -4.36 -25.64
C GLY C 9 5.97 -3.24 -26.52
N TRP C 10 4.82 -2.67 -26.17
CA TRP C 10 4.17 -1.67 -27.04
C TRP C 10 5.00 -0.44 -27.25
N ARG C 11 5.94 -0.19 -26.33
CA ARG C 11 6.78 0.98 -26.42
C ARG C 11 8.12 0.71 -27.04
N GLY C 12 8.36 -0.51 -27.44
CA GLY C 12 9.67 -0.89 -28.01
C GLY C 12 10.09 -2.26 -27.49
N LYS C 13 10.66 -3.06 -28.38
CA LYS C 13 11.13 -4.38 -28.02
C LYS C 13 12.63 -4.51 -28.19
N VAL C 14 13.29 -5.03 -27.18
CA VAL C 14 14.72 -5.20 -27.19
C VAL C 14 15.06 -6.65 -27.13
N GLY C 15 15.94 -7.09 -28.00
CA GLY C 15 16.42 -8.46 -27.98
C GLY C 15 17.87 -8.41 -27.51
N LEU C 16 18.19 -9.16 -26.46
CA LEU C 16 19.52 -9.21 -25.98
C LEU C 16 20.16 -10.55 -26.34
N ILE C 17 21.36 -10.47 -26.92
CA ILE C 17 22.18 -11.61 -27.18
C ILE C 17 22.99 -11.81 -25.91
N SER C 18 22.61 -12.82 -25.18
CA SER C 18 23.22 -13.12 -23.92
C SER C 18 24.42 -13.98 -24.09
N THR C 19 25.26 -14.08 -23.08
CA THR C 19 26.47 -14.88 -23.15
C THR C 19 26.39 -15.98 -22.13
N PRO C 20 26.92 -17.16 -22.32
CA PRO C 20 26.46 -18.30 -21.53
C PRO C 20 26.73 -18.08 -20.08
N VAL C 21 27.31 -16.95 -19.81
CA VAL C 21 27.57 -16.56 -18.46
C VAL C 21 26.23 -16.71 -17.70
N ILE C 22 25.15 -17.12 -18.40
CA ILE C 22 23.83 -17.20 -17.83
C ILE C 22 23.54 -15.85 -17.25
N GLU C 23 23.68 -14.87 -18.11
CA GLU C 23 23.58 -13.48 -17.78
C GLU C 23 22.16 -13.11 -17.48
N ASN C 24 22.01 -12.15 -16.57
CA ASN C 24 20.75 -11.64 -16.17
C ASN C 24 20.53 -10.18 -16.56
N ALA C 25 21.18 -9.75 -17.63
CA ALA C 25 20.95 -8.41 -18.15
C ALA C 25 19.53 -8.20 -18.56
N HIS C 26 18.87 -9.24 -19.06
CA HIS C 26 17.42 -9.15 -19.37
C HIS C 26 16.57 -8.76 -18.16
N VAL C 27 16.89 -9.31 -17.01
CA VAL C 27 16.19 -8.98 -15.79
C VAL C 27 16.51 -7.55 -15.38
N GLU C 28 17.80 -7.23 -15.30
CA GLU C 28 18.25 -5.89 -14.99
C GLU C 28 17.61 -4.83 -15.90
N LEU C 29 17.50 -5.11 -17.20
CA LEU C 29 16.91 -4.16 -18.10
C LEU C 29 15.40 -4.02 -17.86
N ALA C 30 14.74 -5.12 -17.57
CA ALA C 30 13.34 -5.07 -17.26
C ALA C 30 13.07 -4.22 -16.01
N ARG C 31 13.94 -4.22 -15.02
CA ARG C 31 13.78 -3.32 -13.87
C ARG C 31 14.00 -1.85 -14.21
N VAL C 32 14.94 -1.58 -15.08
CA VAL C 32 15.30 -0.20 -15.38
C VAL C 32 14.37 0.44 -16.42
N ALA C 33 13.95 -0.34 -17.38
CA ALA C 33 13.12 0.16 -18.41
C ALA C 33 11.82 0.69 -17.86
N PRO C 34 11.27 1.71 -18.49
CA PRO C 34 9.98 2.18 -18.16
C PRO C 34 8.94 1.23 -18.70
N GLU C 35 7.70 1.45 -18.28
CA GLU C 35 6.59 0.61 -18.71
C GLU C 35 6.43 0.65 -20.22
N GLY C 36 6.19 -0.50 -20.81
CA GLY C 36 5.87 -0.59 -22.23
C GLY C 36 7.02 -1.14 -23.04
N VAL C 37 8.22 -1.15 -22.44
CA VAL C 37 9.36 -1.70 -23.08
C VAL C 37 9.42 -3.23 -22.88
N GLY C 38 9.44 -3.98 -23.97
CA GLY C 38 9.54 -5.43 -23.87
C GLY C 38 11.00 -5.87 -23.97
N VAL C 39 11.35 -6.93 -23.25
CA VAL C 39 12.68 -7.50 -23.28
C VAL C 39 12.68 -8.96 -23.70
N TYR C 40 13.59 -9.28 -24.61
CA TYR C 40 13.73 -10.61 -25.13
C TYR C 40 15.17 -11.03 -25.09
N GLN C 41 15.40 -12.31 -25.23
CA GLN C 41 16.72 -12.85 -25.00
C GLN C 41 17.00 -13.99 -25.97
N THR C 42 18.27 -14.16 -26.30
CA THR C 42 18.71 -15.29 -27.06
C THR C 42 20.12 -15.71 -26.68
N PHE C 43 20.42 -16.98 -26.81
CA PHE C 43 21.75 -17.50 -26.57
C PHE C 43 22.43 -18.03 -27.85
N PRO C 44 23.61 -17.53 -28.16
CA PRO C 44 24.36 -18.09 -29.29
C PRO C 44 24.91 -19.45 -28.89
N TYR C 45 25.03 -20.38 -29.83
CA TYR C 45 25.55 -21.73 -29.49
C TYR C 45 27.02 -21.73 -29.80
N VAL C 46 27.84 -21.73 -28.76
CA VAL C 46 29.27 -21.60 -28.94
C VAL C 46 29.97 -22.53 -27.97
N PRO C 47 29.89 -23.83 -28.26
CA PRO C 47 30.47 -24.84 -27.38
C PRO C 47 31.99 -24.83 -27.51
N ASN C 48 32.68 -25.21 -26.45
CA ASN C 48 34.13 -25.44 -26.50
C ASN C 48 34.87 -24.26 -27.07
N PHE C 49 34.46 -23.09 -26.65
CA PHE C 49 35.11 -21.86 -27.07
C PHE C 49 36.47 -21.76 -26.40
N ARG C 50 37.51 -21.52 -27.22
CA ARG C 50 38.87 -21.23 -26.78
C ARG C 50 39.26 -19.89 -27.43
N VAL C 51 40.12 -19.09 -26.80
CA VAL C 51 40.59 -17.84 -27.38
C VAL C 51 41.54 -18.08 -28.52
N ASP C 52 41.02 -18.00 -29.74
CA ASP C 52 41.88 -18.12 -30.89
C ASP C 52 41.09 -17.70 -32.12
N ALA C 53 41.83 -17.40 -33.17
CA ALA C 53 41.28 -16.73 -34.35
C ALA C 53 40.13 -17.49 -34.94
N THR C 54 40.26 -18.80 -34.97
CA THR C 54 39.28 -19.65 -35.62
C THR C 54 37.99 -19.70 -34.81
N ASN C 55 38.15 -19.72 -33.50
CA ASN C 55 37.02 -19.74 -32.59
C ASN C 55 36.31 -18.41 -32.55
N ILE C 56 37.08 -17.34 -32.49
CA ILE C 56 36.54 -16.01 -32.60
C ILE C 56 35.74 -15.82 -33.86
N LYS C 57 36.24 -16.35 -34.96
CA LYS C 57 35.49 -16.23 -36.19
C LYS C 57 34.18 -16.98 -36.12
N ARG C 58 34.20 -18.15 -35.48
CA ARG C 58 33.00 -18.96 -35.26
C ARG C 58 32.01 -18.20 -34.36
N ALA C 59 32.56 -17.59 -33.32
CA ALA C 59 31.79 -16.80 -32.39
C ALA C 59 31.00 -15.77 -33.13
N VAL C 60 31.70 -14.96 -33.89
CA VAL C 60 31.05 -13.88 -34.61
C VAL C 60 29.95 -14.36 -35.52
N GLU C 61 30.14 -15.52 -36.09
CA GLU C 61 29.16 -16.11 -36.95
C GLU C 61 27.95 -16.41 -36.15
N GLN C 62 28.16 -16.93 -34.97
CA GLN C 62 27.07 -17.24 -34.04
C GLN C 62 26.29 -16.01 -33.55
N LEU C 63 27.01 -14.97 -33.11
CA LEU C 63 26.37 -13.69 -32.85
C LEU C 63 25.52 -13.22 -34.02
N GLU C 64 25.97 -13.41 -35.26
CA GLU C 64 25.19 -12.94 -36.39
C GLU C 64 23.92 -13.77 -36.55
N THR C 65 24.00 -15.04 -36.19
CA THR C 65 22.84 -15.89 -36.28
C THR C 65 21.79 -15.47 -35.24
N SER C 66 22.28 -15.26 -34.01
CA SER C 66 21.47 -14.82 -32.91
C SER C 66 20.75 -13.53 -33.29
N ALA C 67 21.51 -12.56 -33.79
CA ALA C 67 20.95 -11.29 -34.22
C ALA C 67 19.88 -11.47 -35.26
N ALA C 68 20.11 -12.38 -36.19
CA ALA C 68 19.12 -12.61 -37.22
C ALA C 68 17.87 -13.27 -36.62
N ALA C 69 18.08 -14.21 -35.68
CA ALA C 69 16.99 -14.88 -35.03
C ALA C 69 16.10 -13.81 -34.31
N LEU C 70 16.74 -12.91 -33.59
CA LEU C 70 16.04 -11.83 -32.95
C LEU C 70 15.35 -10.93 -33.96
N GLY C 71 16.06 -10.51 -35.00
CA GLY C 71 15.49 -9.65 -36.03
C GLY C 71 14.22 -10.27 -36.55
N SER C 72 14.31 -11.52 -36.91
CA SER C 72 13.21 -12.22 -37.51
C SER C 72 12.07 -12.29 -36.52
N ALA C 73 12.40 -12.40 -35.25
CA ALA C 73 11.42 -12.42 -34.20
C ALA C 73 10.60 -11.16 -34.10
N GLY C 74 11.18 -10.02 -34.43
CA GLY C 74 10.44 -8.79 -34.37
C GLY C 74 10.84 -7.75 -33.38
N VAL C 75 12.00 -7.90 -32.78
CA VAL C 75 12.48 -6.90 -31.87
C VAL C 75 12.83 -5.70 -32.69
N ASP C 76 12.95 -4.56 -32.04
CA ASP C 76 13.22 -3.27 -32.66
C ASP C 76 14.69 -2.92 -32.57
N ILE C 77 15.37 -3.47 -31.58
CA ILE C 77 16.75 -3.15 -31.26
C ILE C 77 17.41 -4.43 -30.79
N VAL C 78 18.71 -4.57 -31.06
CA VAL C 78 19.45 -5.74 -30.64
C VAL C 78 20.66 -5.31 -29.80
N GLY C 79 20.85 -5.95 -28.66
CA GLY C 79 21.88 -5.55 -27.75
C GLY C 79 22.78 -6.75 -27.56
N GLN C 80 24.09 -6.51 -27.55
CA GLN C 80 25.04 -7.57 -27.38
C GLN C 80 25.67 -7.41 -26.02
N VAL C 81 25.52 -8.46 -25.21
CA VAL C 81 25.96 -8.43 -23.83
C VAL C 81 27.37 -8.97 -23.79
N GLY C 82 28.27 -8.23 -23.18
CA GLY C 82 29.68 -8.64 -23.03
C GLY C 82 30.57 -7.46 -23.33
N THR C 83 31.15 -6.87 -22.27
CA THR C 83 32.01 -5.69 -22.43
C THR C 83 33.29 -6.06 -23.20
N PRO C 84 34.02 -7.10 -22.74
CA PRO C 84 35.31 -7.35 -23.35
C PRO C 84 35.23 -7.70 -24.84
N PHE C 85 34.09 -8.20 -25.30
CA PHE C 85 33.96 -8.51 -26.72
C PHE C 85 33.95 -7.29 -27.66
N SER C 86 33.88 -6.06 -27.12
CA SER C 86 33.97 -4.88 -27.95
C SER C 86 35.46 -4.57 -28.28
N PHE C 87 36.36 -5.15 -27.51
CA PHE C 87 37.78 -5.04 -27.80
C PHE C 87 38.46 -6.38 -28.06
N ALA C 88 37.69 -7.37 -28.47
CA ALA C 88 38.23 -8.69 -28.70
C ALA C 88 39.26 -8.75 -29.81
N GLY C 89 38.83 -8.25 -30.96
CA GLY C 89 39.55 -8.26 -32.22
C GLY C 89 40.79 -7.45 -32.50
N GLY C 90 40.79 -6.19 -32.08
CA GLY C 90 41.88 -5.28 -32.40
C GLY C 90 41.90 -4.12 -31.43
N THR C 91 43.02 -3.40 -31.38
CA THR C 91 43.05 -2.20 -30.56
C THR C 91 42.20 -1.15 -31.21
N GLY C 92 41.69 -0.22 -30.42
CA GLY C 92 40.83 0.80 -30.96
C GLY C 92 39.42 0.32 -31.07
N LEU C 93 38.60 1.11 -31.75
CA LEU C 93 37.17 0.89 -31.81
C LEU C 93 36.79 0.13 -33.06
N GLU C 94 37.70 -0.05 -33.98
CA GLU C 94 37.33 -0.51 -35.30
C GLU C 94 36.67 -1.89 -35.21
N TRP C 95 37.13 -2.70 -34.29
CA TRP C 95 36.59 -4.04 -34.09
C TRP C 95 35.15 -4.00 -33.70
N ALA C 96 34.89 -3.26 -32.62
CA ALA C 96 33.55 -3.00 -32.16
C ALA C 96 32.64 -2.49 -33.26
N GLU C 97 33.05 -1.44 -33.96
CA GLU C 97 32.21 -0.87 -35.00
C GLU C 97 31.98 -1.88 -36.14
N ASP C 98 32.94 -2.78 -36.35
CA ASP C 98 32.81 -3.83 -37.36
C ASP C 98 31.69 -4.79 -36.95
N ILE C 99 31.83 -5.33 -35.75
CA ILE C 99 30.82 -6.21 -35.17
C ILE C 99 29.42 -5.55 -35.13
N SER C 100 29.36 -4.31 -34.65
CA SER C 100 28.14 -3.58 -34.67
C SER C 100 27.49 -3.61 -36.07
N THR C 101 28.27 -3.36 -37.12
CA THR C 101 27.71 -3.38 -38.48
C THR C 101 27.25 -4.75 -38.93
N LYS C 102 28.02 -5.78 -38.58
CA LYS C 102 27.62 -7.15 -38.92
C LYS C 102 26.26 -7.49 -38.32
N LEU C 103 26.09 -7.13 -37.04
CA LEU C 103 24.86 -7.40 -36.34
C LEU C 103 23.67 -6.52 -36.83
N GLU C 104 23.95 -5.27 -37.20
CA GLU C 104 22.94 -4.47 -37.88
C GLU C 104 22.51 -5.13 -39.17
N LYS C 105 23.49 -5.59 -39.92
CA LYS C 105 23.24 -6.23 -41.20
C LYS C 105 22.47 -7.50 -41.00
N ALA C 106 22.93 -8.33 -40.08
CA ALA C 106 22.31 -9.64 -39.81
C ALA C 106 20.87 -9.54 -39.29
N SER C 107 20.55 -8.49 -38.55
CA SER C 107 19.28 -8.37 -37.86
C SER C 107 18.32 -7.46 -38.62
N GLY C 108 18.89 -6.47 -39.31
CA GLY C 108 18.09 -5.44 -39.92
C GLY C 108 17.67 -4.36 -38.95
N LYS C 109 18.30 -4.33 -37.78
CA LYS C 109 17.87 -3.46 -36.69
C LYS C 109 19.06 -2.77 -36.07
N PRO C 110 18.84 -1.60 -35.46
CA PRO C 110 19.96 -0.95 -34.80
C PRO C 110 20.47 -1.77 -33.63
N VAL C 111 21.70 -1.51 -33.23
CA VAL C 111 22.43 -2.40 -32.38
C VAL C 111 23.19 -1.65 -31.33
N ALA C 112 23.21 -2.21 -30.12
CA ALA C 112 24.02 -1.69 -29.05
C ALA C 112 24.94 -2.79 -28.60
N LEU C 113 26.19 -2.44 -28.34
CA LEU C 113 27.16 -3.36 -27.76
C LEU C 113 27.53 -2.88 -26.38
N GLY C 115 30.24 -2.91 -24.46
CA GLY C 115 31.51 -2.16 -24.22
C GLY C 115 31.55 -0.82 -24.96
N LEU C 116 31.13 -0.85 -26.22
CA LEU C 116 31.08 0.37 -26.98
C LEU C 116 30.19 1.44 -26.37
N SER C 117 29.07 1.04 -25.76
CA SER C 117 28.06 1.92 -25.10
C SER C 117 28.70 2.82 -24.02
N ILE C 118 29.71 2.30 -23.32
CA ILE C 118 30.40 3.13 -22.32
C ILE C 118 31.05 4.36 -22.98
N VAL C 119 31.71 4.13 -24.10
CA VAL C 119 32.40 5.19 -24.80
C VAL C 119 31.39 6.19 -25.34
N GLU C 120 30.33 5.68 -25.95
CA GLU C 120 29.30 6.55 -26.50
C GLU C 120 28.64 7.41 -25.42
N ALA C 121 28.45 6.82 -24.25
CA ALA C 121 27.85 7.55 -23.14
C ALA C 121 28.78 8.68 -22.67
N LEU C 122 30.03 8.33 -22.40
CA LEU C 122 31.01 9.32 -21.92
C LEU C 122 31.09 10.45 -22.93
N GLN C 123 31.09 10.09 -24.22
CA GLN C 123 31.12 11.13 -25.27
C GLN C 123 29.87 12.01 -25.27
N GLU C 124 28.69 11.40 -25.29
CA GLU C 124 27.44 12.16 -25.24
C GLU C 124 27.37 13.09 -24.02
N ARG C 125 27.97 12.68 -22.91
CA ARG C 125 27.89 13.47 -21.71
C ARG C 125 28.95 14.52 -21.68
N GLY C 126 29.94 14.35 -22.53
CA GLY C 126 31.09 15.20 -22.48
C GLY C 126 32.07 14.91 -21.35
N TYR C 127 32.12 13.70 -20.87
CA TYR C 127 33.14 13.37 -19.89
C TYR C 127 34.43 13.05 -20.62
N LYS C 128 35.49 13.76 -20.27
CA LYS C 128 36.81 13.53 -20.91
C LYS C 128 37.74 12.69 -20.05
N THR C 129 37.68 12.86 -18.74
CA THR C 129 38.53 12.08 -17.85
C THR C 129 37.74 11.21 -16.91
N VAL C 130 38.25 10.02 -16.66
CA VAL C 130 37.56 9.05 -15.80
C VAL C 130 38.50 8.45 -14.79
N ALA C 131 37.90 7.88 -13.75
CA ALA C 131 38.60 7.07 -12.79
C ALA C 131 37.85 5.75 -12.73
N ILE C 132 38.55 4.64 -12.72
CA ILE C 132 37.90 3.34 -12.94
C ILE C 132 38.08 2.38 -11.78
N SER C 133 37.01 1.66 -11.47
CA SER C 133 37.07 0.55 -10.55
C SER C 133 36.57 -0.72 -11.22
N SER C 134 37.43 -1.72 -11.25
CA SER C 134 37.11 -2.95 -11.96
C SER C 134 37.52 -4.17 -11.16
N THR C 135 36.79 -4.46 -10.10
CA THR C 135 37.19 -5.57 -9.23
C THR C 135 37.21 -6.80 -10.09
N TYR C 136 36.32 -6.85 -11.08
CA TYR C 136 36.14 -8.06 -11.89
C TYR C 136 37.35 -8.48 -12.71
N TYR C 137 38.05 -7.50 -13.29
CA TYR C 137 39.10 -7.77 -14.28
C TYR C 137 40.51 -8.16 -13.80
N SER C 138 41.26 -8.83 -14.68
CA SER C 138 42.69 -9.16 -14.47
C SER C 138 43.56 -8.11 -15.14
N ARG C 139 44.82 -8.00 -14.76
CA ARG C 139 45.61 -6.87 -15.29
C ARG C 139 45.70 -6.78 -16.80
N GLU C 140 45.75 -7.93 -17.48
CA GLU C 140 45.73 -7.92 -18.95
C GLU C 140 44.46 -7.20 -19.42
N LEU C 141 43.30 -7.66 -18.97
CA LEU C 141 42.07 -7.02 -19.43
C LEU C 141 41.99 -5.54 -19.06
N SER C 142 42.40 -5.18 -17.86
CA SER C 142 42.32 -3.81 -17.44
C SER C 142 43.06 -2.89 -18.39
N GLU C 143 44.28 -3.25 -18.75
CA GLU C 143 45.02 -2.39 -19.65
C GLU C 143 44.36 -2.39 -21.04
N ARG C 144 43.85 -3.54 -21.46
CA ARG C 144 43.16 -3.65 -22.77
C ARG C 144 41.99 -2.66 -22.77
N TYR C 145 41.20 -2.70 -21.69
CA TYR C 145 40.06 -1.80 -21.45
C TYR C 145 40.45 -0.34 -21.44
N THR C 146 41.45 0.00 -20.63
CA THR C 146 42.04 1.35 -20.61
C THR C 146 42.35 1.84 -22.02
N GLN C 147 43.05 0.99 -22.79
CA GLN C 147 43.39 1.29 -24.19
C GLN C 147 42.16 1.61 -25.03
N PHE C 148 41.17 0.75 -24.91
CA PHE C 148 39.87 0.90 -25.58
C PHE C 148 39.24 2.27 -25.30
N LEU C 149 39.21 2.68 -24.03
CA LEU C 149 38.65 3.97 -23.68
C LEU C 149 39.49 5.12 -24.23
N GLU C 150 40.80 4.97 -24.17
CA GLU C 150 41.72 5.96 -24.68
C GLU C 150 41.51 6.11 -26.15
N ALA C 151 41.40 4.97 -26.82
CA ALA C 151 40.95 5.00 -28.22
C ALA C 151 39.67 5.83 -28.50
N GLY C 152 38.81 6.03 -27.50
CA GLY C 152 37.60 6.86 -27.65
C GLY C 152 37.81 8.31 -27.25
N GLY C 153 39.05 8.66 -26.91
CA GLY C 153 39.36 10.03 -26.59
C GLY C 153 39.10 10.33 -25.15
N ILE C 154 39.36 9.33 -24.30
CA ILE C 154 39.05 9.43 -22.88
C ILE C 154 40.29 9.17 -22.04
N ARG C 155 40.64 10.13 -21.21
CA ARG C 155 41.80 9.97 -20.37
C ARG C 155 41.45 9.26 -19.09
N VAL C 156 42.12 8.14 -18.85
CA VAL C 156 41.96 7.37 -17.64
C VAL C 156 42.94 7.80 -16.54
N LEU C 157 42.48 8.60 -15.59
CA LEU C 157 43.33 9.06 -14.49
C LEU C 157 43.76 7.94 -13.54
N THR C 158 43.02 6.85 -13.48
CA THR C 158 43.41 5.73 -12.61
C THR C 158 42.53 4.52 -12.81
N ILE C 159 42.97 3.38 -12.31
CA ILE C 159 42.21 2.15 -12.42
C ILE C 159 42.60 1.24 -11.26
N LYS C 160 41.63 0.51 -10.71
CA LYS C 160 41.85 -0.36 -9.55
C LYS C 160 41.10 -1.68 -9.69
N ASN C 161 41.62 -2.73 -9.04
CA ASN C 161 41.06 -4.08 -9.03
C ASN C 161 40.57 -4.51 -7.65
N PRO C 182 29.68 -9.48 -3.98
CA PRO C 182 29.59 -8.58 -2.85
C PRO C 182 29.68 -7.14 -3.30
N ALA C 183 28.69 -6.36 -2.92
CA ALA C 183 28.56 -4.92 -3.17
C ALA C 183 29.40 -4.04 -2.27
N SER C 184 29.82 -4.56 -1.12
CA SER C 184 30.59 -3.76 -0.18
C SER C 184 31.87 -3.33 -0.87
N TYR C 185 32.45 -4.25 -1.65
CA TYR C 185 33.70 -3.95 -2.33
C TYR C 185 33.44 -2.99 -3.46
N ALA C 186 32.33 -3.19 -4.17
CA ALA C 186 31.95 -2.32 -5.29
C ALA C 186 31.87 -0.86 -4.79
N TYR C 187 31.04 -0.66 -3.76
CA TYR C 187 30.89 0.67 -3.17
C TYR C 187 32.23 1.20 -2.68
N LYS C 188 32.95 0.40 -1.92
CA LYS C 188 34.17 0.87 -1.30
C LYS C 188 35.18 1.25 -2.36
N SER C 189 35.31 0.39 -3.38
CA SER C 189 36.29 0.62 -4.42
C SER C 189 36.00 1.90 -5.14
N ALA C 190 34.75 2.09 -5.55
CA ALA C 190 34.38 3.34 -6.23
C ALA C 190 34.67 4.54 -5.32
N ARG C 191 34.45 4.38 -4.02
CA ARG C 191 34.73 5.48 -3.10
C ARG C 191 36.21 5.82 -3.10
N GLU C 192 37.03 4.76 -3.04
CA GLU C 192 38.48 4.87 -2.99
C GLU C 192 39.02 5.57 -4.24
N VAL C 193 38.67 4.99 -5.39
CA VAL C 193 39.03 5.55 -6.69
C VAL C 193 38.64 7.02 -6.84
N ALA C 194 37.48 7.42 -6.34
CA ALA C 194 37.04 8.80 -6.46
C ALA C 194 37.82 9.69 -5.51
N ALA C 195 38.25 9.12 -4.39
CA ALA C 195 39.04 9.83 -3.40
C ALA C 195 40.47 10.11 -3.92
N GLU C 196 41.04 9.10 -4.53
CA GLU C 196 42.32 9.20 -5.15
C GLU C 196 42.33 10.20 -6.30
N ALA C 197 41.26 10.28 -7.07
CA ALA C 197 41.26 11.12 -8.27
C ALA C 197 40.10 12.09 -8.27
N PRO C 198 40.22 13.11 -7.34
CA PRO C 198 39.02 13.92 -7.17
C PRO C 198 38.58 14.71 -8.37
N GLU C 199 39.43 14.87 -9.34
CA GLU C 199 39.14 15.74 -10.46
C GLU C 199 38.57 15.05 -11.69
N ALA C 200 38.26 13.77 -11.56
CA ALA C 200 37.65 12.97 -12.65
C ALA C 200 36.25 13.44 -13.00
N ASP C 201 35.96 13.47 -14.28
CA ASP C 201 34.65 13.87 -14.74
C ASP C 201 33.58 12.87 -14.31
N CYS C 202 33.97 11.60 -14.21
CA CYS C 202 33.06 10.52 -14.06
C CYS C 202 33.78 9.35 -13.45
N ILE C 203 33.07 8.54 -12.67
CA ILE C 203 33.58 7.27 -12.18
C ILE C 203 32.99 6.13 -13.00
N ILE C 204 33.80 5.11 -13.28
CA ILE C 204 33.34 3.97 -14.03
C ILE C 204 33.43 2.76 -13.14
N SER C 206 33.43 -1.29 -13.76
CA SER C 206 33.50 -2.21 -14.88
C SER C 206 33.60 -3.65 -14.43
N GLY C 207 33.11 -4.54 -15.28
CA GLY C 207 32.84 -5.90 -14.90
C GLY C 207 31.33 -6.02 -14.80
N ALA C 208 30.71 -6.45 -15.89
CA ALA C 208 29.24 -6.47 -16.02
C ALA C 208 28.51 -7.46 -15.11
N ALA C 209 29.20 -8.54 -14.73
CA ALA C 209 28.61 -9.63 -13.93
C ALA C 209 28.32 -9.28 -12.46
N VAL C 210 28.96 -8.25 -11.92
CA VAL C 210 28.55 -7.66 -10.63
C VAL C 210 27.31 -6.77 -10.84
N HIS C 211 26.38 -6.78 -9.90
CA HIS C 211 25.12 -6.03 -10.07
C HIS C 211 25.21 -4.64 -9.43
N THR C 212 25.39 -3.64 -10.29
CA THR C 212 25.76 -2.30 -9.91
C THR C 212 24.60 -1.28 -9.97
N ASP C 214 21.81 -0.86 -8.63
CA ASP C 214 21.24 -0.43 -7.37
C ASP C 214 22.11 0.52 -6.60
N ILE C 215 23.40 0.54 -6.85
CA ILE C 215 24.25 1.44 -6.10
C ILE C 215 24.70 2.71 -6.81
N ILE C 216 24.28 2.88 -8.06
CA ILE C 216 24.74 4.02 -8.79
C ILE C 216 24.23 5.29 -8.14
N ALA C 217 22.92 5.39 -7.95
CA ALA C 217 22.35 6.61 -7.37
C ALA C 217 22.91 6.92 -5.96
N PRO C 218 22.91 5.93 -5.04
CA PRO C 218 23.59 6.19 -3.76
C PRO C 218 25.04 6.71 -3.91
N LEU C 219 25.83 6.10 -4.79
CA LEU C 219 27.19 6.57 -5.01
C LEU C 219 27.21 7.98 -5.53
N GLU C 220 26.36 8.27 -6.51
CA GLU C 220 26.30 9.64 -7.03
C GLU C 220 25.98 10.60 -5.91
N ALA C 221 25.09 10.21 -5.01
CA ALA C 221 24.73 11.08 -3.90
C ALA C 221 25.88 11.26 -2.94
N ASP C 222 26.60 10.19 -2.68
CA ASP C 222 27.68 10.26 -1.71
C ASP C 222 28.92 10.98 -2.26
N LEU C 223 29.21 10.79 -3.54
CA LEU C 223 30.41 11.38 -4.15
C LEU C 223 30.17 12.74 -4.78
N GLY C 224 28.93 13.09 -5.03
CA GLY C 224 28.63 14.22 -5.83
C GLY C 224 29.23 14.22 -7.21
N LYS C 225 29.44 13.05 -7.80
CA LYS C 225 30.01 12.91 -9.16
C LYS C 225 29.21 11.90 -9.96
N PRO C 226 29.22 12.03 -11.29
CA PRO C 226 28.59 11.01 -12.12
C PRO C 226 29.26 9.68 -11.96
N VAL C 227 28.47 8.61 -12.09
CA VAL C 227 28.95 7.25 -11.98
C VAL C 227 28.28 6.47 -13.06
N ILE C 228 29.07 5.67 -13.75
CA ILE C 228 28.63 4.92 -14.90
C ILE C 228 29.20 3.51 -14.84
N SER C 229 28.42 2.55 -15.31
CA SER C 229 28.76 1.17 -15.25
C SER C 229 28.57 0.60 -16.63
N SER C 230 29.05 -0.62 -16.84
CA SER C 230 28.83 -1.33 -18.12
C SER C 230 27.33 -1.47 -18.41
N ASP C 231 26.58 -1.92 -17.40
CA ASP C 231 25.15 -2.08 -17.48
C ASP C 231 24.43 -0.78 -17.79
N SER C 232 24.77 0.28 -17.07
CA SER C 232 23.99 1.51 -17.17
C SER C 232 24.21 2.16 -18.51
N ALA C 233 25.43 2.11 -19.00
CA ALA C 233 25.74 2.65 -20.32
C ALA C 233 25.03 1.87 -21.41
N PHE C 234 25.04 0.55 -21.29
CA PHE C 234 24.36 -0.37 -22.22
C PHE C 234 22.85 -0.08 -22.25
N PHE C 235 22.24 0.06 -21.09
CA PHE C 235 20.79 0.31 -21.05
C PHE C 235 20.46 1.70 -21.55
N TRP C 236 21.32 2.65 -21.21
CA TRP C 236 21.20 4.01 -21.74
C TRP C 236 21.20 4.00 -23.29
N LYS C 237 22.13 3.27 -23.85
CA LYS C 237 22.24 3.19 -25.27
C LYS C 237 21.00 2.54 -25.86
N ILE C 238 20.58 1.42 -25.27
CA ILE C 238 19.41 0.71 -25.77
C ILE C 238 18.16 1.61 -25.77
N LEU C 239 17.94 2.32 -24.68
CA LEU C 239 16.79 3.17 -24.58
C LEU C 239 16.90 4.35 -25.51
N SER C 240 18.10 4.93 -25.63
CA SER C 240 18.34 5.96 -26.67
C SER C 240 17.90 5.46 -28.04
N LEU C 241 18.38 4.29 -28.43
CA LEU C 241 18.03 3.76 -29.74
C LEU C 241 16.55 3.56 -29.86
N LEU C 242 15.89 3.10 -28.81
CA LEU C 242 14.43 2.95 -28.87
C LEU C 242 13.73 4.30 -28.94
N GLY C 243 14.42 5.38 -28.58
CA GLY C 243 13.78 6.68 -28.57
C GLY C 243 12.84 6.82 -27.42
N VAL C 244 13.13 6.08 -26.35
CA VAL C 244 12.36 6.12 -25.11
C VAL C 244 13.11 7.00 -24.14
N ARG C 245 12.41 7.95 -23.54
CA ARG C 245 13.03 8.91 -22.70
C ARG C 245 12.68 8.85 -21.23
N GLU C 246 12.27 7.69 -20.75
CA GLU C 246 11.98 7.52 -19.34
C GLU C 246 12.57 6.26 -18.81
N THR C 247 12.77 6.20 -17.51
CA THR C 247 13.16 4.99 -16.83
C THR C 247 12.21 4.81 -15.72
N SER C 248 12.29 3.67 -15.08
CA SER C 248 11.41 3.35 -14.01
C SER C 248 11.75 4.12 -12.77
N GLY C 249 12.84 4.83 -12.73
CA GLY C 249 13.31 5.04 -11.39
C GLY C 249 14.51 5.80 -11.09
N GLY C 250 15.29 5.30 -10.16
CA GLY C 250 16.39 6.10 -9.63
C GLY C 250 17.69 5.40 -9.97
N TRP C 251 18.01 5.43 -11.26
CA TRP C 251 19.13 4.68 -11.77
C TRP C 251 20.35 5.56 -12.13
N GLY C 252 20.44 6.76 -11.55
CA GLY C 252 21.58 7.61 -11.79
C GLY C 252 21.36 8.65 -12.87
N SER C 253 22.32 9.57 -12.98
CA SER C 253 22.18 10.76 -13.80
C SER C 253 22.25 10.48 -15.30
N LEU C 254 23.11 9.55 -15.71
CA LEU C 254 23.15 9.20 -17.10
C LEU C 254 21.79 8.76 -17.58
N LEU C 255 21.19 7.76 -16.92
CA LEU C 255 19.81 7.32 -17.31
C LEU C 255 18.74 8.35 -17.05
N ASP C 256 18.92 9.24 -16.07
CA ASP C 256 18.01 10.38 -15.93
C ASP C 256 18.13 11.39 -17.06
N SER C 257 19.25 11.42 -17.76
CA SER C 257 19.45 12.41 -18.80
C SER C 257 18.78 12.04 -20.10
N LEU C 258 18.24 10.82 -20.22
CA LEU C 258 17.59 10.40 -21.49
C LEU C 258 16.55 11.43 -21.87
N ALA D 6 5.88 8.60 22.19
CA ALA D 6 4.86 9.59 21.74
C ALA D 6 3.46 9.27 22.30
N ASP D 7 3.03 10.04 23.31
CA ASP D 7 1.66 9.96 23.77
C ASP D 7 0.75 10.92 22.98
N TYR D 8 -0.54 10.59 22.91
CA TYR D 8 -1.54 11.40 22.21
C TYR D 8 -1.46 12.87 22.64
N GLY D 9 -1.58 13.77 21.69
CA GLY D 9 -1.66 15.19 21.96
C GLY D 9 -0.33 15.85 22.23
N TRP D 10 0.78 15.15 21.96
CA TRP D 10 2.13 15.69 22.30
C TRP D 10 2.44 17.00 21.66
N ARG D 11 1.76 17.31 20.57
CA ARG D 11 2.02 18.54 19.86
C ARG D 11 1.05 19.64 20.20
N GLY D 12 0.12 19.37 21.08
CA GLY D 12 -0.92 20.34 21.42
C GLY D 12 -2.26 19.67 21.61
N LYS D 13 -3.00 20.11 22.61
CA LYS D 13 -4.32 19.56 22.89
C LYS D 13 -5.41 20.61 22.75
N VAL D 14 -6.49 20.26 22.05
CA VAL D 14 -7.58 21.18 21.80
C VAL D 14 -8.80 20.63 22.43
N GLY D 15 -9.52 21.47 23.16
CA GLY D 15 -10.80 21.10 23.72
C GLY D 15 -11.85 21.87 22.97
N LEU D 16 -12.84 21.17 22.45
CA LEU D 16 -13.92 21.82 21.74
C LEU D 16 -15.19 21.75 22.56
N ILE D 17 -15.80 22.91 22.73
CA ILE D 17 -17.11 23.03 23.35
C ILE D 17 -18.13 22.86 22.24
N SER D 18 -18.83 21.74 22.31
CA SER D 18 -19.69 21.32 21.24
C SER D 18 -21.09 21.75 21.56
N THR D 19 -21.87 22.08 20.55
CA THR D 19 -23.27 22.34 20.80
C THR D 19 -23.99 21.03 20.76
N PRO D 20 -25.09 20.95 21.48
CA PRO D 20 -25.79 19.68 21.58
C PRO D 20 -26.63 19.50 20.37
N VAL D 21 -25.99 19.61 19.22
CA VAL D 21 -26.56 19.11 18.01
C VAL D 21 -25.78 17.88 17.58
N ILE D 22 -24.93 17.40 18.48
CA ILE D 22 -23.95 16.39 18.14
C ILE D 22 -23.23 16.82 16.89
N GLU D 23 -22.59 17.97 16.97
CA GLU D 23 -21.70 18.42 15.93
C GLU D 23 -20.47 17.53 15.99
N ASN D 24 -19.88 17.30 14.83
CA ASN D 24 -18.77 16.41 14.65
C ASN D 24 -17.47 17.15 14.35
N ALA D 25 -17.39 18.40 14.72
CA ALA D 25 -16.21 19.18 14.53
C ALA D 25 -14.97 18.50 15.09
N HIS D 26 -15.11 17.77 16.18
CA HIS D 26 -13.97 17.01 16.73
C HIS D 26 -13.41 15.99 15.73
N VAL D 27 -14.28 15.33 14.99
CA VAL D 27 -13.87 14.42 13.96
C VAL D 27 -13.19 15.17 12.81
N GLU D 28 -13.88 16.19 12.29
CA GLU D 28 -13.33 17.02 11.27
C GLU D 28 -11.94 17.54 11.63
N LEU D 29 -11.75 18.00 12.86
CA LEU D 29 -10.48 18.57 13.24
C LEU D 29 -9.41 17.50 13.33
N ALA D 30 -9.78 16.35 13.83
CA ALA D 30 -8.85 15.25 13.85
C ALA D 30 -8.37 14.91 12.41
N ARG D 31 -9.23 14.97 11.40
CA ARG D 31 -8.78 14.73 10.01
C ARG D 31 -7.84 15.81 9.48
N VAL D 32 -8.06 17.05 9.88
CA VAL D 32 -7.30 18.14 9.33
C VAL D 32 -5.98 18.33 10.06
N ALA D 33 -5.99 18.11 11.35
CA ALA D 33 -4.82 18.38 12.16
C ALA D 33 -3.70 17.46 11.75
N PRO D 34 -2.47 17.91 11.94
CA PRO D 34 -1.34 17.10 11.66
C PRO D 34 -1.15 16.16 12.79
N GLU D 35 -0.21 15.23 12.64
CA GLU D 35 0.14 14.27 13.68
C GLU D 35 0.60 14.95 14.94
N GLY D 36 0.11 14.49 16.08
CA GLY D 36 0.58 14.94 17.38
C GLY D 36 -0.44 15.86 18.04
N VAL D 37 -1.39 16.36 17.27
CA VAL D 37 -2.44 17.20 17.83
C VAL D 37 -3.57 16.37 18.42
N GLY D 38 -3.86 16.57 19.70
CA GLY D 38 -4.93 15.82 20.37
C GLY D 38 -6.21 16.62 20.34
N VAL D 39 -7.34 15.94 20.19
CA VAL D 39 -8.64 16.59 20.18
C VAL D 39 -9.54 16.06 21.27
N TYR D 40 -10.20 16.98 21.97
CA TYR D 40 -11.10 16.67 23.09
C TYR D 40 -12.37 17.43 22.93
N GLN D 41 -13.39 16.99 23.65
CA GLN D 41 -14.71 17.51 23.41
C GLN D 41 -15.44 17.61 24.75
N THR D 42 -16.34 18.55 24.86
CA THR D 42 -17.27 18.55 25.96
C THR D 42 -18.55 19.23 25.56
N PHE D 43 -19.63 18.88 26.24
CA PHE D 43 -20.97 19.41 25.97
C PHE D 43 -21.50 20.26 27.14
N PRO D 44 -21.81 21.50 26.85
CA PRO D 44 -22.46 22.37 27.80
C PRO D 44 -23.82 21.79 28.06
N TYR D 45 -24.31 21.87 29.27
CA TYR D 45 -25.63 21.35 29.61
C TYR D 45 -26.63 22.45 29.56
N VAL D 46 -27.54 22.38 28.62
CA VAL D 46 -28.50 23.44 28.46
C VAL D 46 -29.88 22.97 28.08
N PRO D 47 -30.58 22.29 29.09
CA PRO D 47 -31.97 22.00 28.70
C PRO D 47 -32.78 23.26 28.53
N ASN D 48 -33.58 23.27 27.47
CA ASN D 48 -34.55 24.30 27.23
C ASN D 48 -33.97 25.57 26.63
N PHE D 49 -33.70 25.50 25.33
CA PHE D 49 -33.03 26.58 24.61
C PHE D 49 -33.98 27.37 23.71
N ARG D 50 -34.01 28.67 23.96
CA ARG D 50 -34.83 29.61 23.21
C ARG D 50 -34.09 30.94 23.18
N VAL D 51 -34.43 31.81 22.24
CA VAL D 51 -33.73 33.09 22.16
C VAL D 51 -34.41 34.12 23.04
N ASP D 52 -33.81 34.27 24.21
CA ASP D 52 -34.35 34.91 25.39
C ASP D 52 -33.16 35.54 26.07
N ALA D 53 -33.35 36.66 26.74
CA ALA D 53 -32.24 37.26 27.46
C ALA D 53 -31.76 36.39 28.60
N THR D 54 -32.70 35.86 29.38
CA THR D 54 -32.36 35.02 30.50
C THR D 54 -31.70 33.79 29.94
N ASN D 55 -32.19 33.40 28.78
CA ASN D 55 -31.70 32.18 28.20
C ASN D 55 -30.24 32.38 27.96
N ILE D 56 -29.86 33.56 27.49
CA ILE D 56 -28.49 33.73 27.06
C ILE D 56 -27.52 33.63 28.23
N LYS D 57 -27.91 34.17 29.36
CA LYS D 57 -27.05 34.15 30.51
C LYS D 57 -26.75 32.71 30.81
N ARG D 58 -27.77 31.85 30.76
CA ARG D 58 -27.50 30.45 31.07
C ARG D 58 -26.55 29.97 30.02
N ALA D 59 -26.77 30.31 28.77
CA ALA D 59 -25.88 29.71 27.82
C ALA D 59 -24.48 30.11 28.17
N VAL D 60 -24.28 31.39 28.43
CA VAL D 60 -22.93 31.86 28.65
C VAL D 60 -22.31 31.26 29.87
N GLU D 61 -23.10 31.07 30.89
CA GLU D 61 -22.55 30.52 32.13
C GLU D 61 -22.22 29.06 31.90
N GLN D 62 -23.01 28.40 31.06
CA GLN D 62 -22.72 27.00 30.71
C GLN D 62 -21.45 26.84 29.86
N LEU D 63 -21.32 27.66 28.82
CA LEU D 63 -20.07 27.75 28.10
C LEU D 63 -18.88 27.99 29.03
N GLU D 64 -19.03 28.83 30.06
CA GLU D 64 -17.90 29.11 30.96
C GLU D 64 -17.58 27.89 31.81
N THR D 65 -18.61 27.11 32.12
CA THR D 65 -18.38 25.90 32.88
C THR D 65 -17.62 24.87 32.05
N SER D 66 -18.10 24.68 30.82
CA SER D 66 -17.48 23.79 29.86
C SER D 66 -16.01 24.16 29.68
N ALA D 67 -15.76 25.43 29.41
CA ALA D 67 -14.39 25.92 29.26
C ALA D 67 -13.53 25.62 30.47
N ALA D 68 -14.11 25.78 31.65
CA ALA D 68 -13.35 25.50 32.86
C ALA D 68 -13.10 23.99 32.99
N ALA D 69 -14.10 23.19 32.63
CA ALA D 69 -13.95 21.73 32.69
C ALA D 69 -12.79 21.33 31.78
N LEU D 70 -12.78 21.88 30.57
CA LEU D 70 -11.69 21.62 29.62
C LEU D 70 -10.36 22.11 30.14
N GLY D 71 -10.33 23.36 30.63
CA GLY D 71 -9.11 23.92 31.22
C GLY D 71 -8.56 22.95 32.26
N SER D 72 -9.42 22.52 33.17
CA SER D 72 -9.06 21.66 34.31
C SER D 72 -8.56 20.30 33.79
N ALA D 73 -9.18 19.83 32.73
CA ALA D 73 -8.76 18.58 32.11
C ALA D 73 -7.30 18.63 31.65
N GLY D 74 -6.89 19.71 30.99
CA GLY D 74 -5.49 19.88 30.62
C GLY D 74 -5.25 20.28 29.18
N VAL D 75 -6.28 20.80 28.51
CA VAL D 75 -6.10 21.20 27.13
C VAL D 75 -5.26 22.45 27.09
N ASP D 76 -4.74 22.76 25.91
CA ASP D 76 -3.92 23.93 25.69
C ASP D 76 -4.72 25.05 25.10
N ILE D 77 -5.80 24.73 24.41
CA ILE D 77 -6.59 25.68 23.66
C ILE D 77 -8.04 25.25 23.77
N VAL D 78 -8.96 26.21 23.76
CA VAL D 78 -10.37 25.91 23.83
C VAL D 78 -11.07 26.53 22.63
N GLY D 79 -11.94 25.77 22.00
CA GLY D 79 -12.61 26.23 20.80
C GLY D 79 -14.07 26.15 21.05
N GLN D 80 -14.80 27.16 20.60
CA GLN D 80 -16.23 27.19 20.77
C GLN D 80 -16.88 27.00 19.42
N VAL D 81 -17.69 25.96 19.32
CA VAL D 81 -18.32 25.55 18.06
C VAL D 81 -19.69 26.16 17.96
N GLY D 82 -19.94 26.86 16.85
CA GLY D 82 -21.19 27.59 16.65
C GLY D 82 -20.88 28.96 16.08
N THR D 83 -21.11 29.14 14.78
CA THR D 83 -20.90 30.44 14.14
C THR D 83 -21.85 31.53 14.67
N PRO D 84 -23.17 31.26 14.67
CA PRO D 84 -24.08 32.35 14.98
C PRO D 84 -23.91 32.89 16.39
N PHE D 85 -23.37 32.07 17.30
CA PHE D 85 -23.16 32.54 18.67
C PHE D 85 -22.10 33.64 18.81
N SER D 86 -21.35 33.89 17.76
CA SER D 86 -20.44 35.02 17.77
C SER D 86 -21.18 36.34 17.77
N PHE D 87 -22.34 36.33 17.13
CA PHE D 87 -23.13 37.54 16.95
C PHE D 87 -24.56 37.37 17.45
N ALA D 88 -24.69 36.73 18.59
CA ALA D 88 -25.99 36.42 19.17
C ALA D 88 -26.55 37.58 20.02
N GLY D 89 -25.78 38.63 20.15
CA GLY D 89 -26.01 39.73 21.09
C GLY D 89 -25.15 40.74 20.40
N GLY D 90 -25.66 41.93 20.14
CA GLY D 90 -24.85 43.05 19.68
C GLY D 90 -24.70 43.19 18.18
N THR D 91 -24.55 44.43 17.74
CA THR D 91 -24.36 44.76 16.33
C THR D 91 -23.05 44.26 15.74
N GLY D 92 -21.99 44.37 16.53
CA GLY D 92 -20.65 44.13 16.05
C GLY D 92 -19.90 43.00 16.72
N LEU D 93 -18.59 43.12 16.70
CA LEU D 93 -17.70 42.16 17.31
C LEU D 93 -17.88 42.08 18.81
N GLU D 94 -18.10 43.22 19.42
CA GLU D 94 -17.92 43.41 20.87
C GLU D 94 -18.48 42.23 21.70
N TRP D 95 -19.55 41.62 21.21
CA TRP D 95 -20.15 40.45 21.87
C TRP D 95 -19.19 39.27 21.86
N ALA D 96 -18.76 38.91 20.65
CA ALA D 96 -17.78 37.86 20.42
C ALA D 96 -16.54 38.04 21.27
N GLU D 97 -15.94 39.23 21.21
CA GLU D 97 -14.72 39.48 21.98
C GLU D 97 -14.96 39.38 23.48
N ASP D 98 -16.17 39.69 23.91
CA ASP D 98 -16.50 39.56 25.30
C ASP D 98 -16.50 38.09 25.70
N ILE D 99 -17.27 37.30 24.95
CA ILE D 99 -17.37 35.87 25.20
C ILE D 99 -15.99 35.24 25.17
N SER D 100 -15.22 35.60 24.15
CA SER D 100 -13.87 35.11 24.07
C SER D 100 -13.13 35.34 25.39
N THR D 101 -13.21 36.54 25.94
CA THR D 101 -12.53 36.83 27.21
C THR D 101 -13.07 36.05 28.40
N LYS D 102 -14.38 35.88 28.46
CA LYS D 102 -14.97 35.08 29.52
C LYS D 102 -14.40 33.67 29.52
N LEU D 103 -14.32 33.09 28.31
CA LEU D 103 -13.86 31.70 28.16
C LEU D 103 -12.36 31.58 28.39
N GLU D 104 -11.60 32.62 28.01
CA GLU D 104 -10.18 32.67 28.38
C GLU D 104 -10.03 32.69 29.89
N LYS D 105 -10.85 33.52 30.54
CA LYS D 105 -10.86 33.68 32.01
C LYS D 105 -11.24 32.37 32.65
N ALA D 106 -12.34 31.78 32.19
CA ALA D 106 -12.88 30.55 32.76
C ALA D 106 -11.94 29.34 32.61
N SER D 107 -11.18 29.29 31.53
CA SER D 107 -10.37 28.11 31.20
C SER D 107 -8.92 28.30 31.56
N GLY D 108 -8.45 29.53 31.50
CA GLY D 108 -7.05 29.82 31.69
C GLY D 108 -6.26 29.58 30.44
N LYS D 109 -6.92 29.43 29.31
CA LYS D 109 -6.26 29.06 28.07
C LYS D 109 -6.75 29.89 26.92
N PRO D 110 -5.97 30.02 25.86
CA PRO D 110 -6.46 30.82 24.74
C PRO D 110 -7.68 30.18 24.11
N VAL D 111 -8.43 30.97 23.36
CA VAL D 111 -9.73 30.59 22.91
C VAL D 111 -9.98 30.96 21.46
N ALA D 112 -10.68 30.09 20.74
CA ALA D 112 -11.12 30.36 19.41
C ALA D 112 -12.62 30.20 19.39
N LEU D 113 -13.29 31.08 18.65
CA LEU D 113 -14.71 30.97 18.45
C LEU D 113 -14.95 30.78 17.00
N GLY D 115 -17.31 31.70 14.78
CA GLY D 115 -17.72 32.84 13.90
C GLY D 115 -16.66 33.91 13.81
N LEU D 116 -16.09 34.26 14.97
CA LEU D 116 -15.05 35.26 15.00
C LEU D 116 -13.86 34.87 14.12
N SER D 117 -13.54 33.57 14.06
CA SER D 117 -12.40 33.07 13.30
C SER D 117 -12.46 33.41 11.83
N ILE D 118 -13.67 33.46 11.27
CA ILE D 118 -13.81 33.82 9.85
C ILE D 118 -13.26 35.22 9.62
N VAL D 119 -13.59 36.14 10.52
CA VAL D 119 -13.16 37.52 10.39
C VAL D 119 -11.66 37.59 10.55
N GLU D 120 -11.14 36.92 11.57
CA GLU D 120 -9.69 36.94 11.83
C GLU D 120 -8.92 36.38 10.65
N ALA D 121 -9.47 35.35 10.01
CA ALA D 121 -8.82 34.74 8.86
C ALA D 121 -8.81 35.68 7.67
N LEU D 122 -9.97 36.24 7.35
CA LEU D 122 -10.05 37.20 6.25
C LEU D 122 -9.06 38.35 6.47
N GLN D 123 -9.01 38.83 7.71
CA GLN D 123 -8.09 39.90 8.03
C GLN D 123 -6.64 39.48 7.84
N GLU D 124 -6.24 38.38 8.47
CA GLU D 124 -4.86 37.92 8.36
C GLU D 124 -4.46 37.73 6.88
N ARG D 125 -5.39 37.34 6.03
CA ARG D 125 -5.08 37.09 4.64
C ARG D 125 -5.09 38.35 3.84
N GLY D 126 -5.70 39.39 4.39
CA GLY D 126 -5.92 40.61 3.66
C GLY D 126 -7.07 40.58 2.67
N TYR D 127 -8.07 39.71 2.87
CA TYR D 127 -9.21 39.71 1.96
C TYR D 127 -10.16 40.79 2.41
N LYS D 128 -10.47 41.72 1.50
CA LYS D 128 -11.34 42.86 1.82
C LYS D 128 -12.78 42.65 1.33
N THR D 129 -12.91 41.96 0.20
CA THR D 129 -14.22 41.71 -0.39
C THR D 129 -14.54 40.24 -0.49
N VAL D 130 -15.76 39.86 -0.18
CA VAL D 130 -16.18 38.47 -0.22
C VAL D 130 -17.48 38.29 -0.96
N ALA D 131 -17.71 37.06 -1.38
CA ALA D 131 -18.97 36.63 -1.94
C ALA D 131 -19.37 35.38 -1.18
N ILE D 132 -20.63 35.26 -0.79
CA ILE D 132 -21.01 34.30 0.24
C ILE D 132 -22.05 33.34 -0.26
N SER D 133 -21.87 32.06 0.08
CA SER D 133 -22.90 31.02 -0.11
C SER D 133 -23.25 30.50 1.26
N SER D 134 -24.50 30.62 1.64
CA SER D 134 -24.89 30.27 2.99
C SER D 134 -26.13 29.44 2.88
N THR D 135 -25.98 28.25 2.34
CA THR D 135 -27.12 27.41 2.05
C THR D 135 -27.88 27.12 3.34
N TYR D 136 -27.16 26.98 4.45
CA TYR D 136 -27.78 26.60 5.73
C TYR D 136 -28.68 27.69 6.42
N TYR D 137 -28.58 28.96 6.01
CA TYR D 137 -29.16 30.09 6.78
C TYR D 137 -30.53 30.63 6.28
N SER D 138 -31.29 31.29 7.17
CA SER D 138 -32.53 32.01 6.84
C SER D 138 -32.26 33.50 6.67
N ARG D 139 -33.16 34.24 6.01
CA ARG D 139 -32.89 35.64 5.64
C ARG D 139 -32.47 36.54 6.80
N GLU D 140 -33.09 36.32 7.95
CA GLU D 140 -32.69 37.03 9.14
C GLU D 140 -31.21 36.78 9.42
N LEU D 141 -30.85 35.51 9.60
CA LEU D 141 -29.47 35.15 9.94
C LEU D 141 -28.47 35.67 8.94
N SER D 142 -28.82 35.61 7.66
CA SER D 142 -27.91 36.04 6.62
C SER D 142 -27.56 37.51 6.74
N GLU D 143 -28.55 38.37 6.93
CA GLU D 143 -28.25 39.79 7.08
C GLU D 143 -27.48 40.03 8.36
N ARG D 144 -27.81 39.28 9.39
CA ARG D 144 -27.12 39.42 10.67
C ARG D 144 -25.62 39.12 10.47
N TYR D 145 -25.37 38.00 9.81
CA TYR D 145 -24.02 37.54 9.44
C TYR D 145 -23.28 38.57 8.61
N THR D 146 -23.94 39.03 7.54
CA THR D 146 -23.40 40.10 6.69
C THR D 146 -22.96 41.29 7.52
N GLN D 147 -23.78 41.73 8.45
CA GLN D 147 -23.36 42.86 9.26
C GLN D 147 -22.14 42.54 10.08
N PHE D 148 -22.17 41.39 10.71
CA PHE D 148 -21.02 40.90 11.49
C PHE D 148 -19.72 41.05 10.70
N LEU D 149 -19.72 40.59 9.46
CA LEU D 149 -18.50 40.69 8.64
C LEU D 149 -18.16 42.12 8.30
N GLU D 150 -19.17 42.89 7.99
CA GLU D 150 -18.98 44.30 7.70
C GLU D 150 -18.45 45.04 8.94
N ALA D 151 -18.93 44.66 10.12
CA ALA D 151 -18.28 45.08 11.35
C ALA D 151 -16.78 44.79 11.41
N GLY D 152 -16.31 43.80 10.66
CA GLY D 152 -14.88 43.45 10.63
C GLY D 152 -14.12 44.12 9.49
N GLY D 153 -14.81 44.96 8.75
CA GLY D 153 -14.15 45.75 7.73
C GLY D 153 -14.14 45.01 6.42
N ILE D 154 -15.20 44.24 6.18
CA ILE D 154 -15.23 43.35 5.06
C ILE D 154 -16.47 43.65 4.25
N ARG D 155 -16.25 44.05 3.00
CA ARG D 155 -17.34 44.27 2.08
C ARG D 155 -17.90 42.98 1.46
N VAL D 156 -19.19 42.75 1.68
CA VAL D 156 -19.89 41.61 1.13
C VAL D 156 -20.53 41.90 -0.23
N LEU D 157 -19.89 41.50 -1.30
CA LEU D 157 -20.41 41.73 -2.63
C LEU D 157 -21.73 41.07 -2.89
N THR D 158 -21.98 39.94 -2.29
CA THR D 158 -23.22 39.20 -2.53
C THR D 158 -23.39 38.05 -1.54
N ILE D 159 -24.61 37.52 -1.46
CA ILE D 159 -24.90 36.45 -0.56
C ILE D 159 -26.08 35.65 -1.15
N LYS D 160 -26.04 34.33 -1.00
CA LYS D 160 -27.06 33.46 -1.56
C LYS D 160 -27.41 32.34 -0.58
N ASN D 161 -28.65 31.87 -0.66
CA ASN D 161 -29.13 30.80 0.21
C ASN D 161 -29.34 29.50 -0.54
N PRO D 182 -25.85 16.40 0.17
CA PRO D 182 -26.25 17.73 -0.24
C PRO D 182 -24.99 18.48 -0.88
N ALA D 183 -23.81 17.88 -0.95
CA ALA D 183 -22.59 18.60 -1.40
C ALA D 183 -22.75 19.17 -2.79
N SER D 184 -23.69 18.61 -3.55
CA SER D 184 -23.92 19.09 -4.90
C SER D 184 -24.32 20.56 -4.82
N TYR D 185 -25.17 20.89 -3.85
CA TYR D 185 -25.69 22.25 -3.72
C TYR D 185 -24.58 23.17 -3.21
N ALA D 186 -23.79 22.64 -2.27
CA ALA D 186 -22.64 23.39 -1.74
C ALA D 186 -21.71 23.82 -2.89
N TYR D 187 -21.23 22.84 -3.65
CA TYR D 187 -20.35 23.09 -4.79
C TYR D 187 -21.02 24.05 -5.77
N LYS D 188 -22.24 23.73 -6.16
CA LYS D 188 -22.92 24.51 -7.20
C LYS D 188 -23.10 25.94 -6.73
N SER D 189 -23.51 26.11 -5.47
CA SER D 189 -23.79 27.45 -4.97
C SER D 189 -22.53 28.30 -4.97
N ALA D 190 -21.45 27.74 -4.44
CA ALA D 190 -20.17 28.46 -4.45
C ALA D 190 -19.76 28.81 -5.87
N ARG D 191 -20.02 27.92 -6.82
CA ARG D 191 -19.67 28.19 -8.20
C ARG D 191 -20.44 29.38 -8.72
N GLU D 192 -21.75 29.38 -8.42
CA GLU D 192 -22.67 30.42 -8.86
C GLU D 192 -22.27 31.76 -8.31
N VAL D 193 -22.16 31.83 -7.00
CA VAL D 193 -21.73 33.05 -6.29
C VAL D 193 -20.42 33.60 -6.83
N ALA D 194 -19.47 32.74 -7.17
CA ALA D 194 -18.17 33.21 -7.66
C ALA D 194 -18.31 33.74 -9.08
N ALA D 195 -19.25 33.15 -9.82
CA ALA D 195 -19.51 33.56 -11.19
C ALA D 195 -20.16 34.95 -11.22
N GLU D 196 -21.04 35.19 -10.28
CA GLU D 196 -21.61 36.50 -10.09
C GLU D 196 -20.66 37.60 -9.71
N ALA D 197 -19.70 37.29 -8.86
CA ALA D 197 -18.88 38.32 -8.25
C ALA D 197 -17.43 38.02 -8.45
N PRO D 198 -17.04 38.15 -9.78
CA PRO D 198 -15.68 37.68 -10.03
C PRO D 198 -14.63 38.43 -9.26
N GLU D 199 -14.90 39.67 -8.93
CA GLU D 199 -13.90 40.49 -8.30
C GLU D 199 -13.56 40.03 -6.90
N ALA D 200 -14.40 39.20 -6.30
CA ALA D 200 -14.27 38.93 -4.87
C ALA D 200 -12.88 38.40 -4.50
N ASP D 201 -12.35 38.86 -3.38
CA ASP D 201 -11.09 38.38 -2.90
C ASP D 201 -11.15 36.92 -2.45
N CYS D 202 -12.32 36.51 -1.95
CA CYS D 202 -12.48 35.22 -1.30
C CYS D 202 -13.93 34.80 -1.34
N ILE D 203 -14.19 33.49 -1.42
CA ILE D 203 -15.53 32.94 -1.33
C ILE D 203 -15.72 32.37 0.05
N ILE D 204 -16.91 32.55 0.61
CA ILE D 204 -17.22 32.04 1.93
C ILE D 204 -18.34 31.07 1.81
N SER D 206 -20.94 29.29 4.38
CA SER D 206 -21.37 29.43 5.77
C SER D 206 -22.54 28.55 6.10
N GLY D 207 -22.63 28.21 7.38
CA GLY D 207 -23.47 27.16 7.84
C GLY D 207 -22.45 26.17 8.32
N ALA D 208 -22.35 26.02 9.64
CA ALA D 208 -21.39 25.09 10.24
C ALA D 208 -21.70 23.60 10.06
N ALA D 209 -22.98 23.24 9.97
CA ALA D 209 -23.41 21.83 9.98
C ALA D 209 -23.19 21.05 8.66
N VAL D 210 -23.03 21.74 7.53
CA VAL D 210 -22.66 21.07 6.25
C VAL D 210 -21.15 20.76 6.24
N HIS D 211 -20.76 19.62 5.67
CA HIS D 211 -19.33 19.21 5.69
C HIS D 211 -18.58 19.63 4.43
N THR D 212 -17.80 20.70 4.58
CA THR D 212 -17.24 21.46 3.49
C THR D 212 -15.75 21.23 3.28
N ASP D 214 -13.81 18.82 2.60
CA ASP D 214 -13.42 18.01 1.45
C ASP D 214 -13.58 18.72 0.11
N ILE D 215 -14.40 19.74 0.03
CA ILE D 215 -14.57 20.41 -1.25
C ILE D 215 -13.86 21.76 -1.40
N ILE D 216 -13.13 22.18 -0.37
CA ILE D 216 -12.47 23.45 -0.43
C ILE D 216 -11.40 23.43 -1.51
N ALA D 217 -10.47 22.50 -1.39
CA ALA D 217 -9.41 22.42 -2.39
C ALA D 217 -9.92 22.27 -3.84
N PRO D 218 -10.84 21.30 -4.10
CA PRO D 218 -11.40 21.23 -5.45
C PRO D 218 -12.01 22.57 -5.92
N LEU D 219 -12.80 23.23 -5.06
CA LEU D 219 -13.35 24.56 -5.42
C LEU D 219 -12.26 25.58 -5.69
N GLU D 220 -11.25 25.67 -4.82
CA GLU D 220 -10.13 26.55 -5.09
C GLU D 220 -9.50 26.24 -6.45
N ALA D 221 -9.37 24.96 -6.79
CA ALA D 221 -8.79 24.60 -8.07
C ALA D 221 -9.68 25.02 -9.23
N ASP D 222 -10.99 24.84 -9.07
CA ASP D 222 -11.88 25.09 -10.15
C ASP D 222 -12.13 26.57 -10.35
N LEU D 223 -12.17 27.32 -9.26
CA LEU D 223 -12.42 28.76 -9.34
C LEU D 223 -11.18 29.63 -9.44
N GLY D 224 -10.04 29.10 -9.08
CA GLY D 224 -8.83 29.90 -9.00
C GLY D 224 -8.91 31.01 -8.00
N LYS D 225 -9.68 30.84 -6.94
CA LYS D 225 -9.86 31.86 -5.92
C LYS D 225 -9.82 31.21 -4.57
N PRO D 226 -9.44 31.93 -3.52
CA PRO D 226 -9.54 31.40 -2.16
C PRO D 226 -10.95 31.10 -1.76
N VAL D 227 -11.11 30.07 -0.94
CA VAL D 227 -12.41 29.65 -0.45
C VAL D 227 -12.24 29.31 1.01
N ILE D 228 -13.17 29.79 1.80
CA ILE D 228 -13.09 29.68 3.24
C ILE D 228 -14.46 29.32 3.78
N SER D 229 -14.46 28.54 4.84
CA SER D 229 -15.67 28.03 5.43
C SER D 229 -15.59 28.30 6.91
N SER D 230 -16.72 28.14 7.60
CA SER D 230 -16.77 28.29 9.05
C SER D 230 -15.78 27.34 9.71
N ASP D 231 -15.81 26.09 9.27
CA ASP D 231 -14.92 25.04 9.75
C ASP D 231 -13.45 25.37 9.52
N SER D 232 -13.13 25.79 8.28
CA SER D 232 -11.72 25.93 7.94
C SER D 232 -11.10 27.08 8.70
N ALA D 233 -11.86 28.16 8.85
CA ALA D 233 -11.38 29.32 9.56
C ALA D 233 -11.18 28.99 11.02
N PHE D 234 -12.13 28.27 11.59
CA PHE D 234 -12.04 27.80 12.98
C PHE D 234 -10.80 26.93 13.21
N PHE D 235 -10.59 25.95 12.34
CA PHE D 235 -9.43 25.05 12.51
C PHE D 235 -8.12 25.82 12.28
N TRP D 236 -8.13 26.73 11.31
CA TRP D 236 -6.98 27.61 11.09
C TRP D 236 -6.64 28.38 12.37
N LYS D 237 -7.65 28.96 12.99
CA LYS D 237 -7.45 29.71 14.18
C LYS D 237 -6.90 28.82 15.27
N ILE D 238 -7.51 27.66 15.44
CA ILE D 238 -7.06 26.73 16.49
C ILE D 238 -5.60 26.35 16.33
N LEU D 239 -5.22 26.00 15.11
CA LEU D 239 -3.87 25.59 14.88
C LEU D 239 -2.90 26.78 15.03
N SER D 240 -3.31 27.96 14.58
CA SER D 240 -2.52 29.21 14.82
C SER D 240 -2.24 29.40 16.29
N LEU D 241 -3.28 29.30 17.10
CA LEU D 241 -3.09 29.39 18.52
C LEU D 241 -2.16 28.34 19.06
N LEU D 242 -2.27 27.11 18.62
CA LEU D 242 -1.37 26.04 19.08
C LEU D 242 0.04 26.30 18.59
N GLY D 243 0.21 27.15 17.59
CA GLY D 243 1.53 27.37 17.03
C GLY D 243 2.03 26.21 16.20
N VAL D 244 1.07 25.47 15.65
CA VAL D 244 1.34 24.32 14.79
C VAL D 244 1.18 24.76 13.36
N ARG D 245 2.16 24.50 12.52
CA ARG D 245 2.17 25.04 11.16
C ARG D 245 2.20 23.97 10.09
N GLU D 246 1.44 22.91 10.30
CA GLU D 246 1.30 21.86 9.34
C GLU D 246 -0.12 21.39 9.40
N THR D 247 -0.61 20.76 8.36
CA THR D 247 -1.89 20.09 8.40
C THR D 247 -1.64 18.76 7.83
N SER D 248 -2.65 17.94 7.85
CA SER D 248 -2.53 16.63 7.30
C SER D 248 -2.47 16.61 5.80
N GLY D 249 -2.75 17.70 5.12
CA GLY D 249 -3.26 17.44 3.78
C GLY D 249 -3.67 18.50 2.86
N GLY D 250 -4.78 18.31 2.21
CA GLY D 250 -5.13 19.20 1.08
C GLY D 250 -6.41 19.89 1.44
N TRP D 251 -6.31 20.80 2.40
CA TRP D 251 -7.47 21.44 2.95
C TRP D 251 -7.63 22.93 2.51
N GLY D 252 -6.99 23.32 1.44
CA GLY D 252 -7.16 24.69 0.93
C GLY D 252 -6.05 25.65 1.38
N SER D 253 -6.06 26.83 0.76
CA SER D 253 -4.94 27.72 0.84
C SER D 253 -4.81 28.35 2.20
N LEU D 254 -5.95 28.63 2.81
CA LEU D 254 -5.87 29.23 4.14
C LEU D 254 -5.11 28.32 5.06
N LEU D 255 -5.53 27.07 5.18
CA LEU D 255 -4.80 26.13 6.06
C LEU D 255 -3.39 25.85 5.55
N ASP D 256 -3.16 25.93 4.25
CA ASP D 256 -1.80 25.76 3.74
C ASP D 256 -0.92 26.94 4.13
N SER D 257 -1.52 28.08 4.46
CA SER D 257 -0.73 29.27 4.77
C SER D 257 -0.28 29.34 6.20
N LEU D 258 -0.68 28.37 7.03
CA LEU D 258 -0.19 28.34 8.41
C LEU D 258 1.33 28.33 8.42
N ASP E 7 -21.87 11.88 -2.30
CA ASP E 7 -22.98 12.25 -3.20
C ASP E 7 -22.43 12.27 -4.61
N TYR E 8 -22.60 11.19 -5.34
CA TYR E 8 -22.02 11.05 -6.68
C TYR E 8 -22.34 12.25 -7.58
N GLY E 9 -21.35 12.69 -8.33
CA GLY E 9 -21.55 13.74 -9.30
C GLY E 9 -21.60 15.14 -8.74
N TRP E 10 -21.21 15.31 -7.47
CA TRP E 10 -21.32 16.64 -6.82
C TRP E 10 -20.56 17.72 -7.50
N ARG E 11 -19.53 17.36 -8.25
CA ARG E 11 -18.70 18.34 -8.91
C ARG E 11 -19.11 18.56 -10.36
N GLY E 12 -20.14 17.86 -10.82
CA GLY E 12 -20.59 18.00 -12.22
C GLY E 12 -21.00 16.64 -12.76
N LYS E 13 -22.08 16.61 -13.54
CA LYS E 13 -22.59 15.39 -14.12
C LYS E 13 -22.56 15.46 -15.63
N VAL E 14 -22.02 14.41 -16.25
CA VAL E 14 -21.88 14.38 -17.69
C VAL E 14 -22.69 13.24 -18.21
N GLY E 15 -23.45 13.50 -19.26
CA GLY E 15 -24.18 12.45 -19.93
C GLY E 15 -23.55 12.25 -21.29
N LEU E 16 -23.22 11.00 -21.60
CA LEU E 16 -22.62 10.70 -22.88
C LEU E 16 -23.59 9.94 -23.73
N ILE E 17 -23.77 10.44 -24.96
CA ILE E 17 -24.56 9.75 -25.97
C ILE E 17 -23.60 8.82 -26.69
N SER E 18 -23.83 7.55 -26.52
CA SER E 18 -22.90 6.57 -26.95
C SER E 18 -23.29 6.01 -28.25
N THR E 19 -22.32 5.83 -29.11
CA THR E 19 -22.54 5.18 -30.35
C THR E 19 -22.91 3.79 -30.00
N PRO E 20 -23.70 3.16 -30.84
CA PRO E 20 -24.15 1.81 -30.54
C PRO E 20 -23.10 0.83 -30.95
N VAL E 21 -21.87 1.15 -30.63
CA VAL E 21 -20.80 0.21 -30.84
C VAL E 21 -20.35 -0.33 -29.49
N ILE E 22 -21.13 -0.06 -28.45
CA ILE E 22 -20.72 -0.42 -27.11
C ILE E 22 -19.36 0.20 -26.87
N GLU E 23 -19.32 1.49 -27.07
CA GLU E 23 -18.15 2.27 -26.85
C GLU E 23 -17.99 2.34 -25.35
N ASN E 24 -16.74 2.45 -24.90
CA ASN E 24 -16.41 2.46 -23.50
C ASN E 24 -15.88 3.79 -23.03
N ALA E 25 -16.30 4.86 -23.65
CA ALA E 25 -15.88 6.19 -23.28
C ALA E 25 -16.29 6.58 -21.89
N HIS E 26 -17.47 6.20 -21.47
CA HIS E 26 -17.89 6.43 -20.08
C HIS E 26 -16.90 5.90 -19.06
N VAL E 27 -16.33 4.74 -19.33
CA VAL E 27 -15.30 4.18 -18.48
C VAL E 27 -14.03 5.03 -18.53
N GLU E 28 -13.56 5.28 -19.75
CA GLU E 28 -12.43 6.15 -19.96
C GLU E 28 -12.56 7.50 -19.24
N LEU E 29 -13.74 8.11 -19.33
CA LEU E 29 -13.92 9.42 -18.71
C LEU E 29 -13.92 9.30 -17.20
N ALA E 30 -14.51 8.23 -16.70
CA ALA E 30 -14.48 8.00 -15.27
C ALA E 30 -13.03 7.84 -14.73
N ARG E 31 -12.12 7.22 -15.48
CA ARG E 31 -10.71 7.19 -15.10
C ARG E 31 -9.99 8.56 -15.13
N VAL E 32 -10.32 9.38 -16.10
CA VAL E 32 -9.60 10.63 -16.30
C VAL E 32 -10.14 11.72 -15.39
N ALA E 33 -11.44 11.71 -15.17
CA ALA E 33 -12.08 12.80 -14.42
C ALA E 33 -11.55 12.79 -13.04
N PRO E 34 -11.46 13.95 -12.43
CA PRO E 34 -11.12 14.04 -11.04
C PRO E 34 -12.30 13.59 -10.20
N GLU E 35 -12.09 13.50 -8.90
CA GLU E 35 -13.11 13.11 -7.93
C GLU E 35 -14.27 14.06 -7.95
N GLY E 36 -15.49 13.53 -7.95
CA GLY E 36 -16.68 14.34 -7.80
C GLY E 36 -17.44 14.44 -9.10
N VAL E 37 -16.80 14.09 -10.19
CA VAL E 37 -17.44 14.18 -11.49
C VAL E 37 -18.22 12.91 -11.74
N GLY E 38 -19.51 13.04 -12.02
CA GLY E 38 -20.35 11.88 -12.29
C GLY E 38 -20.49 11.65 -13.77
N VAL E 39 -20.55 10.39 -14.19
CA VAL E 39 -20.68 10.05 -15.59
C VAL E 39 -21.91 9.21 -15.83
N TYR E 40 -22.64 9.55 -16.90
CA TYR E 40 -23.85 8.85 -17.28
C TYR E 40 -23.80 8.56 -18.74
N GLN E 41 -24.68 7.68 -19.17
CA GLN E 41 -24.60 7.18 -20.54
C GLN E 41 -25.99 6.95 -21.07
N THR E 42 -26.17 7.12 -22.36
CA THR E 42 -27.39 6.69 -23.04
C THR E 42 -27.14 6.28 -24.47
N PHE E 43 -27.97 5.40 -24.99
CA PHE E 43 -27.84 4.86 -26.34
C PHE E 43 -29.02 5.27 -27.24
N PRO E 44 -28.73 5.88 -28.39
CA PRO E 44 -29.78 6.20 -29.32
C PRO E 44 -30.19 4.90 -30.01
N TYR E 45 -31.43 4.76 -30.45
CA TYR E 45 -31.81 3.55 -31.14
C TYR E 45 -31.68 3.76 -32.61
N VAL E 46 -30.61 3.28 -33.18
CA VAL E 46 -30.45 3.33 -34.61
C VAL E 46 -30.00 1.97 -35.05
N PRO E 47 -30.86 1.30 -35.93
CA PRO E 47 -30.43 -0.06 -36.23
C PRO E 47 -29.43 -0.11 -37.36
N ASN E 48 -28.15 -0.20 -36.99
CA ASN E 48 -27.10 -0.53 -37.94
C ASN E 48 -27.20 0.34 -39.17
N PHE E 49 -27.57 1.60 -38.98
CA PHE E 49 -27.77 2.47 -40.12
C PHE E 49 -26.44 3.10 -40.40
N ARG E 50 -25.61 2.40 -41.18
CA ARG E 50 -24.44 3.04 -41.74
C ARG E 50 -25.02 4.11 -42.66
N VAL E 51 -24.51 5.33 -42.56
CA VAL E 51 -25.25 6.48 -43.01
C VAL E 51 -25.43 6.68 -44.48
N ASP E 52 -26.58 7.24 -44.79
CA ASP E 52 -27.06 7.42 -46.12
C ASP E 52 -27.76 8.74 -46.06
N ALA E 53 -28.05 9.28 -47.21
CA ALA E 53 -28.91 10.40 -47.32
C ALA E 53 -30.24 9.97 -46.74
N THR E 54 -30.55 8.71 -46.98
CA THR E 54 -31.88 8.14 -46.60
C THR E 54 -32.22 8.13 -45.08
N ASN E 55 -31.20 7.93 -44.22
CA ASN E 55 -31.32 7.75 -42.73
C ASN E 55 -30.62 8.82 -41.80
N ILE E 56 -29.86 9.74 -42.37
CA ILE E 56 -29.21 10.72 -41.52
C ILE E 56 -30.14 11.69 -40.77
N LYS E 57 -31.26 12.06 -41.38
CA LYS E 57 -32.28 12.84 -40.64
C LYS E 57 -32.81 12.08 -39.46
N ARG E 58 -33.02 10.77 -39.62
CA ARG E 58 -33.49 9.94 -38.51
C ARG E 58 -32.44 9.84 -37.42
N ALA E 59 -31.19 9.66 -37.83
CA ALA E 59 -30.07 9.61 -36.90
C ALA E 59 -30.06 10.83 -36.00
N VAL E 60 -30.05 11.98 -36.63
CA VAL E 60 -30.06 13.25 -35.88
C VAL E 60 -31.27 13.41 -34.94
N GLU E 61 -32.40 12.88 -35.32
CA GLU E 61 -33.56 12.94 -34.45
C GLU E 61 -33.34 12.03 -33.24
N GLN E 62 -32.63 10.93 -33.47
CA GLN E 62 -32.32 10.01 -32.38
C GLN E 62 -31.33 10.63 -31.37
N LEU E 63 -30.27 11.25 -31.88
CA LEU E 63 -29.39 12.03 -31.04
C LEU E 63 -30.12 13.07 -30.25
N GLU E 64 -31.11 13.72 -30.85
CA GLU E 64 -31.84 14.75 -30.10
C GLU E 64 -32.67 14.14 -28.99
N THR E 65 -33.16 12.92 -29.22
CA THR E 65 -34.00 12.25 -28.23
C THR E 65 -33.15 11.88 -27.04
N SER E 66 -31.99 11.28 -27.35
CA SER E 66 -30.98 10.92 -26.36
C SER E 66 -30.59 12.12 -25.51
N ALA E 67 -30.23 13.22 -26.19
CA ALA E 67 -29.87 14.46 -25.48
C ALA E 67 -30.99 14.96 -24.57
N ALA E 68 -32.21 14.83 -25.02
CA ALA E 68 -33.32 15.25 -24.19
C ALA E 68 -33.49 14.29 -23.00
N ALA E 69 -33.32 12.99 -23.25
CA ALA E 69 -33.42 12.01 -22.17
C ALA E 69 -32.40 12.35 -21.08
N LEU E 70 -31.17 12.62 -21.51
CA LEU E 70 -30.11 13.01 -20.58
C LEU E 70 -30.41 14.32 -19.88
N GLY E 71 -30.81 15.33 -20.64
CA GLY E 71 -31.20 16.60 -20.06
C GLY E 71 -32.21 16.42 -18.94
N SER E 72 -33.26 15.67 -19.25
CA SER E 72 -34.33 15.50 -18.29
C SER E 72 -33.84 14.71 -17.08
N ALA E 73 -32.91 13.78 -17.29
CA ALA E 73 -32.34 13.00 -16.20
C ALA E 73 -31.69 13.91 -15.18
N GLY E 74 -30.95 14.89 -15.62
CA GLY E 74 -30.38 15.91 -14.70
C GLY E 74 -28.89 16.18 -14.89
N VAL E 75 -28.33 15.81 -16.05
CA VAL E 75 -26.91 16.00 -16.28
C VAL E 75 -26.68 17.50 -16.51
N ASP E 76 -25.42 17.91 -16.39
CA ASP E 76 -25.04 19.29 -16.52
C ASP E 76 -24.50 19.56 -17.89
N ILE E 77 -23.99 18.53 -18.54
CA ILE E 77 -23.32 18.63 -19.82
C ILE E 77 -23.65 17.38 -20.60
N VAL E 78 -23.72 17.50 -21.91
CA VAL E 78 -23.98 16.35 -22.79
C VAL E 78 -22.86 16.20 -23.81
N GLY E 79 -22.38 14.98 -23.98
CA GLY E 79 -21.26 14.75 -24.85
C GLY E 79 -21.70 13.77 -25.88
N GLN E 80 -21.33 14.00 -27.13
CA GLN E 80 -21.70 13.13 -28.22
C GLN E 80 -20.46 12.38 -28.67
N VAL E 81 -20.53 11.06 -28.57
CA VAL E 81 -19.39 10.19 -28.86
C VAL E 81 -19.44 9.76 -30.31
N GLY E 82 -18.37 9.99 -31.04
CA GLY E 82 -18.31 9.67 -32.46
C GLY E 82 -17.65 10.81 -33.20
N THR E 83 -16.38 10.61 -33.60
CA THR E 83 -15.62 11.67 -34.30
C THR E 83 -16.21 11.94 -35.67
N PRO E 84 -16.42 10.87 -36.47
CA PRO E 84 -16.84 11.13 -37.82
C PRO E 84 -18.16 11.87 -37.96
N PHE E 85 -19.00 11.84 -36.97
CA PHE E 85 -20.27 12.47 -37.12
C PHE E 85 -20.15 13.96 -37.34
N SER E 86 -19.15 14.57 -36.76
CA SER E 86 -19.00 16.00 -36.86
C SER E 86 -18.82 16.40 -38.31
N PHE E 87 -18.25 15.52 -39.11
CA PHE E 87 -18.10 15.80 -40.52
C PHE E 87 -18.96 14.94 -41.43
N ALA E 88 -20.07 14.48 -40.88
CA ALA E 88 -20.98 13.57 -41.56
C ALA E 88 -21.66 14.13 -42.78
N GLY E 89 -22.10 15.37 -42.67
CA GLY E 89 -22.67 16.08 -43.79
C GLY E 89 -22.07 17.45 -43.84
N GLY E 90 -21.74 17.92 -45.04
CA GLY E 90 -21.31 19.29 -45.22
C GLY E 90 -19.84 19.62 -45.22
N THR E 91 -19.58 20.92 -45.38
CA THR E 91 -18.28 21.50 -45.62
C THR E 91 -17.84 22.12 -44.33
N GLY E 92 -16.69 21.71 -43.85
CA GLY E 92 -16.17 22.26 -42.63
C GLY E 92 -17.09 22.10 -41.45
N LEU E 93 -17.21 23.17 -40.69
CA LEU E 93 -17.74 23.06 -39.35
C LEU E 93 -19.16 23.43 -39.20
N GLU E 94 -19.83 23.75 -40.29
CA GLU E 94 -21.24 24.21 -40.19
C GLU E 94 -22.18 23.09 -39.77
N TRP E 95 -21.86 21.86 -40.18
CA TRP E 95 -22.63 20.69 -39.80
C TRP E 95 -22.55 20.40 -38.30
N ALA E 96 -21.32 20.26 -37.83
CA ALA E 96 -21.02 20.09 -36.43
C ALA E 96 -21.65 21.16 -35.55
N GLU E 97 -21.45 22.42 -35.88
CA GLU E 97 -22.06 23.52 -35.10
C GLU E 97 -23.60 23.51 -35.12
N ASP E 98 -24.19 23.08 -36.23
CA ASP E 98 -25.62 22.89 -36.25
C ASP E 98 -26.11 21.76 -35.36
N ILE E 99 -25.48 20.60 -35.43
CA ILE E 99 -25.76 19.50 -34.50
C ILE E 99 -25.59 19.93 -33.04
N SER E 100 -24.47 20.57 -32.77
CA SER E 100 -24.22 21.04 -31.47
C SER E 100 -25.43 21.84 -30.97
N THR E 101 -25.92 22.76 -31.79
CA THR E 101 -27.07 23.59 -31.37
C THR E 101 -28.35 22.82 -31.19
N LYS E 102 -28.60 21.85 -32.05
CA LYS E 102 -29.73 20.99 -31.88
C LYS E 102 -29.72 20.32 -30.52
N LEU E 103 -28.56 19.77 -30.17
CA LEU E 103 -28.42 18.99 -28.93
C LEU E 103 -28.47 19.90 -27.71
N GLU E 104 -27.93 21.12 -27.85
CA GLU E 104 -28.13 22.11 -26.79
C GLU E 104 -29.63 22.40 -26.61
N LYS E 105 -30.32 22.59 -27.73
CA LYS E 105 -31.75 22.90 -27.79
C LYS E 105 -32.51 21.75 -27.14
N ALA E 106 -32.22 20.54 -27.60
CA ALA E 106 -32.91 19.34 -27.15
C ALA E 106 -32.70 19.00 -25.66
N SER E 107 -31.53 19.33 -25.12
CA SER E 107 -31.15 18.94 -23.75
C SER E 107 -31.33 20.07 -22.76
N GLY E 108 -31.14 21.29 -23.23
CA GLY E 108 -31.11 22.44 -22.35
C GLY E 108 -29.78 22.62 -21.69
N LYS E 109 -28.75 21.93 -22.20
CA LYS E 109 -27.45 21.90 -21.55
C LYS E 109 -26.36 22.10 -22.55
N PRO E 110 -25.21 22.64 -22.12
CA PRO E 110 -24.10 22.73 -23.05
C PRO E 110 -23.67 21.36 -23.57
N VAL E 111 -22.99 21.36 -24.69
CA VAL E 111 -22.74 20.16 -25.44
C VAL E 111 -21.32 20.10 -25.97
N ALA E 112 -20.74 18.90 -25.94
CA ALA E 112 -19.47 18.63 -26.55
C ALA E 112 -19.66 17.54 -27.57
N LEU E 113 -19.01 17.68 -28.72
CA LEU E 113 -19.01 16.67 -29.74
C LEU E 113 -17.59 16.18 -29.92
N GLY E 115 -15.69 15.02 -32.36
CA GLY E 115 -14.85 15.50 -33.48
C GLY E 115 -14.57 16.99 -33.38
N LEU E 116 -15.60 17.77 -33.09
CA LEU E 116 -15.45 19.21 -32.99
C LEU E 116 -14.47 19.61 -31.90
N SER E 117 -14.43 18.84 -30.80
CA SER E 117 -13.51 19.09 -29.70
C SER E 117 -12.05 19.12 -30.09
N ILE E 118 -11.67 18.29 -31.06
CA ILE E 118 -10.27 18.26 -31.47
C ILE E 118 -9.89 19.64 -32.00
N VAL E 119 -10.78 20.22 -32.79
CA VAL E 119 -10.53 21.51 -33.39
C VAL E 119 -10.46 22.57 -32.30
N GLU E 120 -11.43 22.55 -31.40
CA GLU E 120 -11.46 23.53 -30.33
C GLU E 120 -10.22 23.44 -29.46
N ALA E 121 -9.73 22.23 -29.24
CA ALA E 121 -8.53 22.04 -28.43
C ALA E 121 -7.31 22.62 -29.14
N LEU E 122 -7.14 22.25 -30.40
CA LEU E 122 -6.00 22.77 -31.19
C LEU E 122 -6.02 24.28 -31.20
N GLN E 123 -7.23 24.84 -31.35
CA GLN E 123 -7.37 26.31 -31.35
C GLN E 123 -7.04 26.92 -30.03
N GLU E 124 -7.62 26.41 -28.94
CA GLU E 124 -7.32 26.92 -27.61
C GLU E 124 -5.82 26.84 -27.28
N ARG E 125 -5.13 25.82 -27.79
CA ARG E 125 -3.71 25.66 -27.51
C ARG E 125 -2.85 26.49 -28.41
N GLY E 126 -3.43 26.96 -29.51
CA GLY E 126 -2.67 27.63 -30.54
C GLY E 126 -1.87 26.73 -31.45
N TYR E 127 -2.25 25.46 -31.60
CA TYR E 127 -1.53 24.60 -32.54
C TYR E 127 -2.06 24.86 -33.94
N LYS E 128 -1.17 25.22 -34.85
CA LYS E 128 -1.55 25.53 -36.24
C LYS E 128 -1.28 24.37 -37.20
N THR E 129 -0.23 23.62 -36.95
CA THR E 129 0.14 22.48 -37.77
C THR E 129 0.02 21.16 -37.01
N VAL E 130 -0.45 20.12 -37.67
CA VAL E 130 -0.51 18.79 -37.06
C VAL E 130 0.00 17.70 -37.98
N ALA E 131 0.34 16.59 -37.38
CA ALA E 131 0.70 15.39 -38.08
C ALA E 131 -0.19 14.32 -37.49
N ILE E 132 -0.76 13.47 -38.32
CA ILE E 132 -1.86 12.63 -37.86
C ILE E 132 -1.58 11.15 -38.06
N SER E 133 -1.93 10.37 -37.04
CA SER E 133 -1.89 8.94 -37.13
C SER E 133 -3.32 8.50 -36.95
N SER E 134 -3.87 7.79 -37.93
CA SER E 134 -5.28 7.44 -37.88
C SER E 134 -5.42 5.99 -38.24
N THR E 135 -4.92 5.14 -37.37
CA THR E 135 -4.80 3.75 -37.75
C THR E 135 -6.21 3.29 -38.08
N TYR E 136 -7.19 3.72 -37.30
CA TYR E 136 -8.55 3.17 -37.40
C TYR E 136 -9.31 3.46 -38.72
N TYR E 137 -8.83 4.42 -39.53
CA TYR E 137 -9.64 4.99 -40.63
C TYR E 137 -9.31 4.45 -42.05
N SER E 138 -10.28 4.56 -42.98
CA SER E 138 -10.11 4.25 -44.42
C SER E 138 -9.83 5.53 -45.21
N ARG E 139 -9.29 5.42 -46.42
CA ARG E 139 -8.84 6.60 -47.18
C ARG E 139 -9.90 7.67 -47.33
N GLU E 140 -11.14 7.25 -47.56
CA GLU E 140 -12.22 8.20 -47.65
C GLU E 140 -12.31 9.00 -46.35
N LEU E 141 -12.38 8.30 -45.23
CA LEU E 141 -12.57 8.93 -43.95
C LEU E 141 -11.43 9.86 -43.59
N SER E 142 -10.23 9.44 -43.90
CA SER E 142 -9.06 10.24 -43.63
C SER E 142 -9.10 11.59 -44.35
N GLU E 143 -9.43 11.59 -45.64
CA GLU E 143 -9.46 12.86 -46.41
C GLU E 143 -10.60 13.73 -45.84
N ARG E 144 -11.71 13.09 -45.47
CA ARG E 144 -12.88 13.83 -44.93
C ARG E 144 -12.44 14.54 -43.64
N TYR E 145 -11.76 13.77 -42.78
CA TYR E 145 -11.17 14.26 -41.53
C TYR E 145 -10.17 15.40 -41.70
N THR E 146 -9.18 15.17 -42.56
CA THR E 146 -8.24 16.21 -42.96
C THR E 146 -8.97 17.51 -43.35
N GLN E 147 -9.97 17.39 -44.22
CA GLN E 147 -10.76 18.53 -44.67
C GLN E 147 -11.35 19.28 -43.49
N PHE E 148 -11.95 18.51 -42.60
CA PHE E 148 -12.58 19.03 -41.40
C PHE E 148 -11.62 19.87 -40.57
N LEU E 149 -10.41 19.36 -40.38
CA LEU E 149 -9.42 20.09 -39.61
C LEU E 149 -8.98 21.35 -40.30
N GLU E 150 -8.81 21.23 -41.62
CA GLU E 150 -8.39 22.37 -42.42
C GLU E 150 -9.47 23.43 -42.39
N ALA E 151 -10.73 22.98 -42.38
CA ALA E 151 -11.84 23.90 -42.14
C ALA E 151 -11.73 24.67 -40.83
N GLY E 152 -10.96 24.16 -39.87
CA GLY E 152 -10.73 24.84 -38.60
C GLY E 152 -9.46 25.67 -38.56
N GLY E 153 -8.78 25.73 -39.71
CA GLY E 153 -7.63 26.61 -39.83
C GLY E 153 -6.37 25.90 -39.43
N ILE E 154 -6.34 24.60 -39.71
CA ILE E 154 -5.29 23.75 -39.21
C ILE E 154 -4.66 23.05 -40.38
N ARG E 155 -3.38 23.33 -40.58
CA ARG E 155 -2.65 22.67 -41.62
C ARG E 155 -2.20 21.26 -41.21
N VAL E 156 -2.61 20.27 -41.99
CA VAL E 156 -2.20 18.90 -41.82
C VAL E 156 -0.94 18.52 -42.60
N LEU E 157 0.21 18.50 -41.97
CA LEU E 157 1.46 18.17 -42.67
C LEU E 157 1.53 16.72 -43.14
N THR E 158 0.86 15.82 -42.46
CA THR E 158 0.82 14.45 -42.93
C THR E 158 -0.26 13.68 -42.24
N ILE E 159 -0.64 12.56 -42.81
CA ILE E 159 -1.55 11.67 -42.15
C ILE E 159 -1.23 10.25 -42.56
N LYS E 160 -1.05 9.34 -41.62
CA LYS E 160 -0.69 7.97 -41.98
C LYS E 160 -1.76 7.07 -41.44
N ASN E 161 -1.97 5.94 -42.07
CA ASN E 161 -3.20 5.19 -41.82
C ASN E 161 -3.00 3.70 -41.76
N TRP E 162 -4.02 2.99 -41.35
CA TRP E 162 -3.98 1.53 -41.40
C TRP E 162 -2.83 0.98 -40.61
N PRO E 182 -3.18 -3.37 -32.00
CA PRO E 182 -3.53 -2.57 -30.84
C PRO E 182 -2.31 -1.70 -30.43
N ALA E 183 -1.96 -1.53 -29.15
CA ALA E 183 -1.20 -0.33 -28.77
C ALA E 183 0.19 -0.22 -29.39
N SER E 184 0.78 -1.35 -29.76
CA SER E 184 2.14 -1.35 -30.34
C SER E 184 2.06 -0.50 -31.60
N TYR E 185 0.99 -0.67 -32.38
CA TYR E 185 0.85 0.03 -33.65
C TYR E 185 0.54 1.49 -33.39
N ALA E 186 -0.28 1.75 -32.37
CA ALA E 186 -0.60 3.13 -32.00
C ALA E 186 0.67 3.91 -31.68
N TYR E 187 1.45 3.38 -30.72
CA TYR E 187 2.71 4.00 -30.34
C TYR E 187 3.60 4.15 -31.55
N LYS E 188 3.78 3.08 -32.29
CA LYS E 188 4.75 3.08 -33.39
C LYS E 188 4.35 4.09 -34.43
N SER E 189 3.05 4.12 -34.73
CA SER E 189 2.51 5.00 -35.78
C SER E 189 2.74 6.44 -35.43
N ALA E 190 2.38 6.80 -34.21
CA ALA E 190 2.63 8.16 -33.75
C ALA E 190 4.11 8.49 -33.80
N ARG E 191 4.97 7.54 -33.47
CA ARG E 191 6.41 7.80 -33.48
C ARG E 191 6.86 8.11 -34.88
N GLU E 192 6.37 7.30 -35.81
CA GLU E 192 6.68 7.43 -37.21
C GLU E 192 6.28 8.76 -37.80
N VAL E 193 4.99 9.05 -37.65
CA VAL E 193 4.42 10.33 -38.09
C VAL E 193 5.18 11.51 -37.53
N ALA E 194 5.61 11.45 -36.27
CA ALA E 194 6.32 12.58 -35.68
C ALA E 194 7.71 12.69 -36.29
N ALA E 195 8.28 11.54 -36.65
CA ALA E 195 9.62 11.46 -37.22
C ALA E 195 9.62 12.07 -38.62
N GLU E 196 8.55 11.74 -39.32
CA GLU E 196 8.23 12.20 -40.63
C GLU E 196 8.02 13.69 -40.72
N ALA E 197 7.37 14.27 -39.72
CA ALA E 197 7.03 15.69 -39.80
C ALA E 197 7.44 16.42 -38.54
N PRO E 198 8.81 16.55 -38.40
CA PRO E 198 9.21 17.04 -37.07
C PRO E 198 8.75 18.43 -36.68
N GLU E 199 8.30 19.21 -37.63
CA GLU E 199 7.96 20.60 -37.43
C GLU E 199 6.54 20.79 -36.92
N ALA E 200 5.80 19.69 -36.77
CA ALA E 200 4.40 19.76 -36.35
C ALA E 200 4.22 20.31 -34.92
N ASP E 201 3.21 21.15 -34.74
CA ASP E 201 2.91 21.69 -33.44
C ASP E 201 2.42 20.62 -32.47
N CYS E 202 1.76 19.61 -33.02
CA CYS E 202 1.05 18.63 -32.23
C CYS E 202 0.87 17.36 -33.06
N ILE E 203 0.83 16.23 -32.40
CA ILE E 203 0.49 14.97 -33.01
C ILE E 203 -0.93 14.59 -32.65
N ILE E 204 -1.64 14.02 -33.61
CA ILE E 204 -3.02 13.62 -33.40
C ILE E 204 -3.09 12.14 -33.58
N SER E 206 -6.13 9.49 -34.21
CA SER E 206 -7.58 9.52 -34.51
C SER E 206 -8.11 8.11 -34.78
N GLY E 207 -9.39 7.95 -34.47
CA GLY E 207 -9.97 6.63 -34.33
C GLY E 207 -10.21 6.42 -32.85
N ALA E 208 -11.40 6.79 -32.40
CA ALA E 208 -11.73 6.80 -30.97
C ALA E 208 -11.79 5.42 -30.29
N ALA E 209 -12.06 4.37 -31.07
CA ALA E 209 -12.27 3.00 -30.54
C ALA E 209 -10.98 2.32 -30.04
N VAL E 210 -9.82 2.78 -30.48
CA VAL E 210 -8.54 2.37 -29.87
C VAL E 210 -8.35 3.14 -28.56
N HIS E 211 -7.79 2.48 -27.55
CA HIS E 211 -7.63 3.12 -26.24
C HIS E 211 -6.26 3.78 -26.08
N THR E 212 -6.26 5.09 -26.18
CA THR E 212 -5.08 5.91 -26.32
C THR E 212 -4.67 6.67 -25.06
N ASP E 214 -3.87 6.03 -22.06
CA ASP E 214 -2.72 5.52 -21.35
C ASP E 214 -1.37 5.79 -22.04
N ILE E 215 -1.34 6.01 -23.34
CA ILE E 215 -0.07 6.24 -24.00
C ILE E 215 0.26 7.68 -24.37
N ILE E 216 -0.63 8.61 -24.03
CA ILE E 216 -0.40 9.98 -24.36
C ILE E 216 0.81 10.49 -23.64
N ALA E 217 0.81 10.37 -22.32
CA ALA E 217 1.92 10.94 -21.56
C ALA E 217 3.26 10.30 -21.95
N PRO E 218 3.34 8.95 -21.99
CA PRO E 218 4.57 8.37 -22.49
C PRO E 218 5.00 8.92 -23.85
N LEU E 219 4.07 9.02 -24.79
CA LEU E 219 4.41 9.59 -26.11
C LEU E 219 4.92 11.02 -26.01
N GLU E 220 4.23 11.85 -25.23
CA GLU E 220 4.70 13.21 -25.02
C GLU E 220 6.12 13.20 -24.47
N ALA E 221 6.42 12.28 -23.56
CA ALA E 221 7.74 12.22 -22.98
C ALA E 221 8.77 11.78 -24.00
N ASP E 222 8.41 10.83 -24.84
CA ASP E 222 9.36 10.29 -25.79
C ASP E 222 9.58 11.23 -26.98
N LEU E 223 8.55 11.94 -27.41
CA LEU E 223 8.65 12.81 -28.55
C LEU E 223 8.99 14.25 -28.20
N GLY E 224 8.81 14.63 -26.95
CA GLY E 224 8.91 16.03 -26.58
C GLY E 224 7.96 16.95 -27.32
N LYS E 225 6.80 16.44 -27.74
CA LYS E 225 5.79 17.22 -28.44
C LYS E 225 4.41 16.94 -27.85
N PRO E 226 3.48 17.88 -27.95
CA PRO E 226 2.11 17.60 -27.56
C PRO E 226 1.51 16.51 -28.39
N VAL E 227 0.63 15.75 -27.77
CA VAL E 227 -0.08 14.68 -28.43
C VAL E 227 -1.52 14.73 -27.97
N ILE E 228 -2.42 14.60 -28.93
CA ILE E 228 -3.82 14.72 -28.69
C ILE E 228 -4.53 13.62 -29.40
N SER E 229 -5.62 13.18 -28.80
CA SER E 229 -6.43 12.09 -29.32
C SER E 229 -7.88 12.53 -29.33
N SER E 230 -8.72 11.74 -30.00
CA SER E 230 -10.16 12.04 -30.07
C SER E 230 -10.73 12.08 -28.65
N ASP E 231 -10.38 11.06 -27.88
CA ASP E 231 -10.77 10.95 -26.49
C ASP E 231 -10.30 12.11 -25.65
N SER E 232 -9.03 12.49 -25.78
CA SER E 232 -8.47 13.44 -24.83
C SER E 232 -9.06 14.81 -25.07
N ALA E 233 -9.27 15.14 -26.34
CA ALA E 233 -9.85 16.43 -26.71
C ALA E 233 -11.28 16.51 -26.23
N PHE E 234 -12.01 15.40 -26.42
CA PHE E 234 -13.39 15.30 -25.96
C PHE E 234 -13.46 15.50 -24.44
N PHE E 235 -12.62 14.80 -23.70
CA PHE E 235 -12.70 14.88 -22.25
C PHE E 235 -12.24 16.27 -21.79
N TRP E 236 -11.25 16.81 -22.48
CA TRP E 236 -10.80 18.19 -22.22
C TRP E 236 -11.98 19.18 -22.38
N LYS E 237 -12.71 19.02 -23.46
CA LYS E 237 -13.84 19.88 -23.71
C LYS E 237 -14.88 19.73 -22.61
N ILE E 238 -15.20 18.48 -22.29
CA ILE E 238 -16.24 18.21 -21.33
C ILE E 238 -15.86 18.88 -20.02
N LEU E 239 -14.62 18.69 -19.60
CA LEU E 239 -14.23 19.21 -18.30
C LEU E 239 -14.18 20.72 -18.31
N SER E 240 -13.73 21.29 -19.43
CA SER E 240 -13.80 22.76 -19.63
C SER E 240 -15.24 23.24 -19.43
N LEU E 241 -16.20 22.61 -20.12
CA LEU E 241 -17.60 23.00 -19.97
C LEU E 241 -18.09 22.87 -18.54
N LEU E 242 -17.70 21.81 -17.83
CA LEU E 242 -18.06 21.68 -16.42
C LEU E 242 -17.34 22.70 -15.56
N GLY E 243 -16.27 23.30 -16.06
CA GLY E 243 -15.54 24.28 -15.26
C GLY E 243 -14.70 23.64 -14.20
N VAL E 244 -14.33 22.39 -14.47
CA VAL E 244 -13.49 21.59 -13.59
C VAL E 244 -12.07 21.63 -14.09
N ARG E 245 -11.12 21.93 -13.22
CA ARG E 245 -9.75 22.18 -13.69
C ARG E 245 -8.76 21.26 -13.03
N GLU E 246 -9.12 20.01 -12.90
CA GLU E 246 -8.26 18.98 -12.41
C GLU E 246 -8.59 17.74 -13.13
N THR E 247 -7.67 16.79 -13.13
CA THR E 247 -7.86 15.47 -13.68
C THR E 247 -7.36 14.58 -12.62
N SER E 248 -7.53 13.30 -12.81
CA SER E 248 -7.05 12.34 -11.88
C SER E 248 -5.56 12.19 -11.90
N GLY E 249 -4.85 12.72 -12.88
CA GLY E 249 -3.63 12.02 -13.21
C GLY E 249 -2.72 12.44 -14.29
N GLY E 250 -2.24 11.49 -15.05
CA GLY E 250 -1.12 11.77 -15.96
C GLY E 250 -1.60 11.52 -17.35
N TRP E 251 -2.48 12.41 -17.80
CA TRP E 251 -3.17 12.21 -19.07
C TRP E 251 -2.67 13.11 -20.20
N GLY E 252 -1.49 13.67 -20.06
CA GLY E 252 -0.93 14.52 -21.12
C GLY E 252 -1.14 16.03 -20.86
N SER E 253 -0.48 16.83 -21.68
CA SER E 253 -0.36 18.25 -21.45
C SER E 253 -1.65 19.00 -21.70
N LEU E 254 -2.39 18.59 -22.70
CA LEU E 254 -3.68 19.22 -22.94
C LEU E 254 -4.53 19.14 -21.69
N LEU E 255 -4.78 17.92 -21.19
CA LEU E 255 -5.57 17.79 -19.95
C LEU E 255 -4.89 18.41 -18.74
N ASP E 256 -3.57 18.47 -18.71
CA ASP E 256 -2.89 19.19 -17.60
C ASP E 256 -3.08 20.70 -17.69
N SER E 257 -3.43 21.21 -18.86
CA SER E 257 -3.55 22.64 -19.03
C SER E 257 -4.88 23.17 -18.57
N LEU E 258 -5.82 22.30 -18.22
CA LEU E 258 -7.15 22.76 -17.76
C LEU E 258 -6.96 23.74 -16.62
N ASP F 7 7.28 1.24 23.91
CA ASP F 7 8.78 1.28 23.95
C ASP F 7 9.51 -0.06 23.60
N TYR F 8 10.66 0.09 22.96
CA TYR F 8 11.39 -1.02 22.36
C TYR F 8 11.64 -2.15 23.36
N GLY F 9 11.45 -3.37 22.90
CA GLY F 9 11.78 -4.55 23.70
C GLY F 9 10.75 -4.92 24.74
N TRP F 10 9.57 -4.31 24.68
CA TRP F 10 8.54 -4.53 25.71
C TRP F 10 8.15 -5.97 25.86
N ARG F 11 8.35 -6.77 24.82
CA ARG F 11 7.92 -8.16 24.85
C ARG F 11 9.05 -9.10 25.22
N GLY F 12 10.24 -8.55 25.45
CA GLY F 12 11.39 -9.37 25.71
C GLY F 12 12.61 -8.79 25.04
N LYS F 13 13.73 -8.83 25.74
CA LYS F 13 15.00 -8.34 25.20
C LYS F 13 16.01 -9.45 25.09
N VAL F 14 16.66 -9.54 23.95
CA VAL F 14 17.65 -10.57 23.71
C VAL F 14 18.97 -9.90 23.49
N GLY F 15 20.00 -10.40 24.15
CA GLY F 15 21.38 -9.94 23.92
C GLY F 15 22.13 -11.05 23.21
N LEU F 16 22.73 -10.75 22.09
CA LEU F 16 23.49 -11.73 21.35
C LEU F 16 24.98 -11.44 21.46
N ILE F 17 25.73 -12.46 21.86
CA ILE F 17 27.18 -12.40 21.90
C ILE F 17 27.67 -12.81 20.52
N SER F 18 28.25 -11.85 19.83
CA SER F 18 28.52 -12.00 18.42
C SER F 18 29.96 -12.36 18.31
N THR F 19 30.31 -13.01 17.23
CA THR F 19 31.68 -13.37 16.95
C THR F 19 32.15 -12.44 15.90
N PRO F 20 33.42 -12.06 15.91
CA PRO F 20 33.86 -10.98 15.04
C PRO F 20 34.06 -11.48 13.67
N VAL F 21 33.05 -12.17 13.21
CA VAL F 21 32.94 -12.50 11.82
C VAL F 21 32.00 -11.48 11.18
N ILE F 22 31.87 -10.41 11.94
CA ILE F 22 31.04 -9.28 11.59
C ILE F 22 29.74 -9.93 11.27
N GLU F 23 29.30 -10.74 12.21
CA GLU F 23 28.10 -11.55 12.12
C GLU F 23 26.83 -10.73 12.28
N ASN F 24 25.81 -11.07 11.50
CA ASN F 24 24.56 -10.34 11.38
C ASN F 24 23.31 -11.03 11.89
N ALA F 25 23.47 -11.94 12.82
CA ALA F 25 22.39 -12.63 13.47
C ALA F 25 21.44 -11.68 14.13
N HIS F 26 21.95 -10.55 14.65
CA HIS F 26 21.05 -9.52 15.24
C HIS F 26 20.04 -9.01 14.22
N VAL F 27 20.47 -8.84 12.98
CA VAL F 27 19.60 -8.39 11.91
C VAL F 27 18.59 -9.46 11.57
N GLU F 28 19.05 -10.68 11.43
CA GLU F 28 18.17 -11.76 11.11
C GLU F 28 17.16 -11.98 12.17
N LEU F 29 17.56 -11.87 13.41
CA LEU F 29 16.61 -12.10 14.48
C LEU F 29 15.57 -11.00 14.52
N ALA F 30 15.99 -9.78 14.26
CA ALA F 30 15.06 -8.69 14.22
C ALA F 30 14.00 -8.92 13.12
N ARG F 31 14.37 -9.50 11.99
CA ARG F 31 13.38 -9.82 10.97
C ARG F 31 12.41 -10.92 11.39
N VAL F 32 12.90 -11.91 12.11
CA VAL F 32 12.09 -13.08 12.43
C VAL F 32 11.24 -12.85 13.63
N ALA F 33 11.76 -12.11 14.59
CA ALA F 33 11.03 -11.87 15.82
C ALA F 33 9.75 -11.13 15.55
N PRO F 34 8.74 -11.39 16.35
CA PRO F 34 7.53 -10.63 16.27
C PRO F 34 7.73 -9.28 16.86
N GLU F 35 6.75 -8.43 16.71
CA GLU F 35 6.76 -7.09 17.28
C GLU F 35 6.90 -7.14 18.80
N GLY F 36 7.75 -6.27 19.32
CA GLY F 36 7.89 -6.08 20.76
C GLY F 36 9.18 -6.68 21.27
N VAL F 37 9.81 -7.55 20.47
CA VAL F 37 11.02 -8.20 20.87
C VAL F 37 12.19 -7.32 20.54
N GLY F 38 12.98 -6.98 21.54
CA GLY F 38 14.14 -6.11 21.31
C GLY F 38 15.38 -6.96 21.14
N VAL F 39 16.30 -6.50 20.30
CA VAL F 39 17.55 -7.21 20.06
C VAL F 39 18.74 -6.32 20.36
N TYR F 40 19.72 -6.92 21.05
CA TYR F 40 20.94 -6.25 21.43
C TYR F 40 22.12 -7.12 21.11
N GLN F 41 23.29 -6.50 21.10
CA GLN F 41 24.44 -7.19 20.58
C GLN F 41 25.65 -6.78 21.40
N THR F 42 26.60 -7.69 21.52
CA THR F 42 27.89 -7.34 22.06
C THR F 42 29.00 -8.17 21.47
N PHE F 43 30.21 -7.65 21.51
CA PHE F 43 31.37 -8.35 20.94
C PHE F 43 32.42 -8.65 22.03
N PRO F 44 32.80 -9.93 22.18
CA PRO F 44 33.88 -10.25 23.09
C PRO F 44 35.20 -9.79 22.48
N TYR F 45 36.15 -9.37 23.30
CA TYR F 45 37.48 -8.95 22.80
C TYR F 45 38.42 -10.13 22.90
N VAL F 46 38.79 -10.71 21.77
CA VAL F 46 39.65 -11.90 21.78
C VAL F 46 40.69 -11.77 20.68
N PRO F 47 41.72 -10.93 20.93
CA PRO F 47 42.77 -10.67 19.94
C PRO F 47 43.70 -11.85 19.88
N ASN F 48 44.31 -12.10 18.74
CA ASN F 48 45.35 -13.12 18.62
C ASN F 48 44.90 -14.48 19.17
N PHE F 49 43.66 -14.83 18.87
CA PHE F 49 43.13 -16.15 19.24
C PHE F 49 43.79 -17.25 18.40
N ARG F 50 44.34 -18.26 19.09
CA ARG F 50 44.87 -19.48 18.50
C ARG F 50 44.16 -20.67 19.16
N VAL F 51 43.94 -21.78 18.44
CA VAL F 51 43.24 -22.96 18.97
C VAL F 51 44.11 -23.75 19.96
N ASP F 52 43.99 -23.38 21.23
CA ASP F 52 44.74 -24.00 22.31
C ASP F 52 44.07 -23.88 23.65
N ALA F 53 44.48 -24.70 24.59
CA ALA F 53 43.80 -24.75 25.90
C ALA F 53 43.78 -23.41 26.65
N THR F 54 44.90 -22.71 26.61
CA THR F 54 45.04 -21.44 27.30
C THR F 54 44.21 -20.34 26.65
N ASN F 55 44.16 -20.38 25.32
CA ASN F 55 43.39 -19.39 24.58
C ASN F 55 41.92 -19.65 24.70
N ILE F 56 41.56 -20.93 24.58
CA ILE F 56 40.19 -21.36 24.77
C ILE F 56 39.69 -20.97 26.14
N LYS F 57 40.54 -21.08 27.15
CA LYS F 57 40.15 -20.61 28.47
C LYS F 57 39.94 -19.12 28.54
N ARG F 58 40.80 -18.40 27.86
CA ARG F 58 40.68 -16.94 27.74
C ARG F 58 39.38 -16.55 26.97
N ALA F 59 39.12 -17.27 25.87
CA ALA F 59 37.91 -17.11 25.11
C ALA F 59 36.69 -17.19 26.03
N VAL F 60 36.58 -18.32 26.71
CA VAL F 60 35.44 -18.55 27.56
C VAL F 60 35.31 -17.45 28.62
N GLU F 61 36.42 -16.90 29.09
CA GLU F 61 36.34 -15.84 30.09
C GLU F 61 35.81 -14.58 29.41
N GLN F 62 36.12 -14.41 28.14
CA GLN F 62 35.59 -13.29 27.39
C GLN F 62 34.08 -13.42 27.12
N LEU F 63 33.65 -14.59 26.65
CA LEU F 63 32.22 -14.89 26.59
C LEU F 63 31.52 -14.59 27.94
N GLU F 64 32.14 -14.91 29.05
CA GLU F 64 31.49 -14.68 30.34
C GLU F 64 31.38 -13.20 30.61
N THR F 65 32.37 -12.45 30.15
CA THR F 65 32.37 -11.00 30.37
C THR F 65 31.25 -10.36 29.56
N SER F 66 31.19 -10.76 28.29
CA SER F 66 30.15 -10.35 27.37
C SER F 66 28.78 -10.62 27.97
N ALA F 67 28.58 -11.86 28.39
CA ALA F 67 27.33 -12.25 29.02
C ALA F 67 27.01 -11.39 30.23
N ALA F 68 28.01 -11.05 31.01
CA ALA F 68 27.75 -10.25 32.19
C ALA F 68 27.43 -8.81 31.77
N ALA F 69 28.13 -8.32 30.74
CA ALA F 69 27.85 -6.98 30.21
C ALA F 69 26.40 -6.91 29.77
N LEU F 70 25.96 -7.92 29.00
CA LEU F 70 24.57 -8.00 28.57
C LEU F 70 23.60 -8.12 29.72
N GLY F 71 23.90 -9.01 30.66
CA GLY F 71 23.08 -9.16 31.87
C GLY F 71 22.89 -7.84 32.57
N SER F 72 23.99 -7.13 32.79
CA SER F 72 23.95 -5.83 33.47
C SER F 72 23.15 -4.79 32.68
N ALA F 73 23.29 -4.83 31.36
CA ALA F 73 22.55 -3.92 30.50
C ALA F 73 21.04 -4.02 30.71
N GLY F 74 20.52 -5.24 30.80
CA GLY F 74 19.12 -5.44 31.13
C GLY F 74 18.37 -6.37 30.20
N VAL F 75 19.10 -7.21 29.47
CA VAL F 75 18.44 -8.16 28.61
C VAL F 75 17.78 -9.24 29.45
N ASP F 76 16.88 -9.99 28.84
CA ASP F 76 16.18 -11.06 29.50
C ASP F 76 16.81 -12.39 29.19
N ILE F 77 17.47 -12.49 28.06
CA ILE F 77 17.99 -13.76 27.53
C ILE F 77 19.28 -13.45 26.84
N VAL F 78 20.21 -14.40 26.86
CA VAL F 78 21.49 -14.22 26.21
C VAL F 78 21.71 -15.33 25.22
N GLY F 79 22.16 -14.98 24.02
CA GLY F 79 22.34 -15.95 22.97
C GLY F 79 23.78 -15.91 22.56
N GLN F 80 24.38 -17.08 22.33
CA GLN F 80 25.74 -17.16 21.91
C GLN F 80 25.77 -17.61 20.47
N VAL F 81 26.36 -16.77 19.64
CA VAL F 81 26.40 -17.01 18.20
C VAL F 81 27.67 -17.75 17.85
N GLY F 82 27.53 -18.87 17.13
CA GLY F 82 28.66 -19.69 16.73
C GLY F 82 28.32 -21.14 16.96
N THR F 83 28.03 -21.87 15.87
CA THR F 83 27.68 -23.30 15.96
C THR F 83 28.87 -24.13 16.45
N PRO F 84 30.01 -23.97 15.83
CA PRO F 84 31.15 -24.84 16.05
C PRO F 84 31.50 -24.78 17.49
N PHE F 85 31.37 -23.61 18.07
CA PHE F 85 31.81 -23.42 19.42
C PHE F 85 31.07 -24.41 20.29
N SER F 86 29.85 -24.74 19.90
CA SER F 86 29.06 -25.62 20.74
C SER F 86 29.80 -26.93 20.90
N PHE F 87 30.48 -27.37 19.86
CA PHE F 87 31.27 -28.60 19.99
C PHE F 87 32.78 -28.40 20.15
N ALA F 88 33.19 -27.22 20.59
CA ALA F 88 34.60 -26.89 20.62
C ALA F 88 35.51 -27.73 21.53
N GLY F 89 35.12 -27.89 22.79
CA GLY F 89 36.01 -28.44 23.79
C GLY F 89 35.85 -29.89 24.21
N GLY F 90 35.00 -30.61 23.51
CA GLY F 90 34.64 -31.93 23.95
C GLY F 90 34.08 -32.79 22.85
N THR F 91 33.86 -34.04 23.19
CA THR F 91 33.08 -34.91 22.36
C THR F 91 31.72 -34.99 23.04
N GLY F 92 30.66 -34.79 22.28
CA GLY F 92 29.34 -34.73 22.85
C GLY F 92 28.99 -33.38 23.45
N LEU F 93 27.84 -33.34 24.12
CA LEU F 93 27.29 -32.13 24.73
C LEU F 93 28.05 -31.49 25.88
N GLU F 94 28.63 -32.31 26.73
CA GLU F 94 29.05 -31.87 28.06
C GLU F 94 29.72 -30.49 28.01
N TRP F 95 30.43 -30.22 26.93
CA TRP F 95 31.11 -28.97 26.73
C TRP F 95 30.10 -27.82 26.63
N ALA F 96 29.20 -27.98 25.66
CA ALA F 96 28.11 -27.04 25.43
C ALA F 96 27.33 -26.74 26.72
N GLU F 97 26.90 -27.80 27.41
CA GLU F 97 26.12 -27.59 28.63
C GLU F 97 26.93 -26.88 29.71
N ASP F 98 28.24 -27.07 29.70
CA ASP F 98 29.09 -26.40 30.65
C ASP F 98 29.12 -24.91 30.38
N ILE F 99 29.45 -24.58 29.14
CA ILE F 99 29.46 -23.20 28.68
C ILE F 99 28.11 -22.53 28.98
N SER F 100 27.04 -23.23 28.61
CA SER F 100 25.73 -22.71 28.87
C SER F 100 25.61 -22.29 30.33
N THR F 101 26.04 -23.15 31.25
CA THR F 101 25.94 -22.81 32.68
C THR F 101 26.81 -21.66 33.13
N LYS F 102 28.01 -21.59 32.59
CA LYS F 102 28.88 -20.46 32.87
C LYS F 102 28.22 -19.12 32.49
N LEU F 103 27.63 -19.10 31.28
CA LEU F 103 27.00 -17.88 30.76
C LEU F 103 25.70 -17.55 31.53
N GLU F 104 24.97 -18.59 31.95
CA GLU F 104 23.82 -18.35 32.83
C GLU F 104 24.30 -17.71 34.11
N LYS F 105 25.38 -18.27 34.65
CA LYS F 105 25.96 -17.79 35.90
C LYS F 105 26.47 -16.38 35.77
N ALA F 106 27.23 -16.14 34.72
CA ALA F 106 27.79 -14.81 34.44
C ALA F 106 26.77 -13.71 34.17
N SER F 107 25.64 -14.05 33.57
CA SER F 107 24.65 -13.06 33.12
C SER F 107 23.49 -12.95 34.08
N GLY F 108 23.18 -14.06 34.73
CA GLY F 108 22.01 -14.11 35.59
C GLY F 108 20.75 -14.36 34.80
N LYS F 109 20.92 -14.80 33.55
CA LYS F 109 19.80 -14.91 32.63
C LYS F 109 19.89 -16.21 31.88
N PRO F 110 18.74 -16.70 31.40
CA PRO F 110 18.81 -17.94 30.61
C PRO F 110 19.59 -17.72 29.33
N VAL F 111 20.03 -18.81 28.73
CA VAL F 111 21.00 -18.76 27.68
C VAL F 111 20.70 -19.73 26.57
N ALA F 112 20.95 -19.31 25.33
CA ALA F 112 20.85 -20.16 24.19
C ALA F 112 22.20 -20.15 23.50
N LEU F 113 22.62 -21.32 23.01
CA LEU F 113 23.81 -21.45 22.23
C LEU F 113 23.45 -21.93 20.85
N GLY F 115 24.79 -23.83 18.49
CA GLY F 115 24.93 -25.25 18.09
C GLY F 115 24.04 -26.18 18.89
N LEU F 116 24.01 -25.96 20.20
CA LEU F 116 23.17 -26.74 21.08
C LEU F 116 21.70 -26.66 20.74
N SER F 117 21.24 -25.49 20.30
CA SER F 117 19.84 -25.28 19.88
C SER F 117 19.33 -26.21 18.78
N ILE F 118 20.20 -26.56 17.83
CA ILE F 118 19.81 -27.50 16.78
C ILE F 118 19.37 -28.83 17.42
N VAL F 119 20.15 -29.30 18.40
CA VAL F 119 19.85 -30.57 19.05
C VAL F 119 18.55 -30.46 19.84
N GLU F 120 18.43 -29.39 20.61
CA GLU F 120 17.22 -29.20 21.40
C GLU F 120 15.98 -29.14 20.50
N ALA F 121 16.11 -28.51 19.33
CA ALA F 121 14.99 -28.37 18.44
C ALA F 121 14.61 -29.74 17.91
N LEU F 122 15.60 -30.47 17.44
CA LEU F 122 15.33 -31.80 16.87
C LEU F 122 14.66 -32.67 17.91
N GLN F 123 15.16 -32.57 19.15
CA GLN F 123 14.55 -33.30 20.24
C GLN F 123 13.13 -32.90 20.53
N GLU F 124 12.89 -31.61 20.72
CA GLU F 124 11.53 -31.12 20.97
C GLU F 124 10.55 -31.54 19.85
N ARG F 125 11.03 -31.63 18.62
CA ARG F 125 10.18 -31.96 17.50
C ARG F 125 10.04 -33.42 17.33
N GLY F 126 10.93 -34.17 17.95
CA GLY F 126 10.93 -35.61 17.81
C GLY F 126 11.52 -36.07 16.53
N TYR F 127 12.41 -35.28 15.94
CA TYR F 127 13.10 -35.78 14.75
C TYR F 127 14.28 -36.66 15.18
N LYS F 128 14.30 -37.90 14.68
CA LYS F 128 15.34 -38.85 15.07
C LYS F 128 16.41 -39.00 14.00
N THR F 129 16.00 -38.93 12.74
CA THR F 129 16.93 -39.05 11.62
C THR F 129 17.04 -37.71 10.83
N VAL F 130 18.25 -37.35 10.42
CA VAL F 130 18.44 -36.15 9.63
C VAL F 130 19.31 -36.40 8.42
N ALA F 131 19.20 -35.51 7.45
CA ALA F 131 20.08 -35.46 6.30
C ALA F 131 20.63 -34.04 6.26
N ILE F 132 21.92 -33.89 6.04
CA ILE F 132 22.58 -32.60 6.29
C ILE F 132 23.21 -32.03 5.03
N SER F 133 23.03 -30.74 4.83
CA SER F 133 23.74 -29.99 3.83
C SER F 133 24.57 -28.96 4.59
N SER F 134 25.89 -29.00 4.43
CA SER F 134 26.77 -28.12 5.21
C SER F 134 27.75 -27.49 4.29
N THR F 135 27.25 -26.69 3.36
CA THR F 135 28.12 -26.06 2.42
C THR F 135 29.12 -25.22 3.25
N TYR F 136 30.39 -25.36 2.95
CA TYR F 136 31.43 -24.55 3.55
C TYR F 136 31.92 -25.02 4.89
N TYR F 137 31.37 -26.08 5.44
CA TYR F 137 32.19 -26.77 6.46
C TYR F 137 33.25 -27.62 5.72
N SER F 138 34.37 -27.87 6.40
CA SER F 138 35.46 -28.76 5.91
C SER F 138 35.28 -30.15 6.50
N ARG F 139 35.88 -31.17 5.95
CA ARG F 139 35.50 -32.51 6.39
C ARG F 139 35.75 -32.71 7.87
N GLU F 140 36.85 -32.21 8.38
CA GLU F 140 37.06 -32.32 9.80
C GLU F 140 35.82 -31.84 10.56
N LEU F 141 35.42 -30.59 10.30
CA LEU F 141 34.26 -30.00 11.01
C LEU F 141 32.99 -30.81 10.82
N SER F 142 32.78 -31.34 9.61
CA SER F 142 31.58 -32.13 9.30
C SER F 142 31.47 -33.32 10.21
N GLU F 143 32.55 -34.09 10.32
CA GLU F 143 32.48 -35.29 11.15
C GLU F 143 32.34 -34.91 12.63
N ARG F 144 32.99 -33.83 13.02
CA ARG F 144 32.88 -33.36 14.37
C ARG F 144 31.41 -33.05 14.68
N TYR F 145 30.78 -32.29 13.77
CA TYR F 145 29.37 -31.90 13.85
C TYR F 145 28.45 -33.11 13.91
N THR F 146 28.65 -34.03 12.96
CA THR F 146 27.94 -35.29 12.94
C THR F 146 27.99 -35.97 14.31
N GLN F 147 29.19 -36.07 14.86
CA GLN F 147 29.39 -36.63 16.19
C GLN F 147 28.53 -35.97 17.24
N PHE F 148 28.60 -34.64 17.25
CA PHE F 148 27.82 -33.78 18.15
C PHE F 148 26.33 -34.11 18.10
N LEU F 149 25.79 -34.26 16.89
CA LEU F 149 24.38 -34.60 16.73
C LEU F 149 24.06 -35.98 17.21
N GLU F 150 24.96 -36.91 16.89
CA GLU F 150 24.80 -38.29 17.33
C GLU F 150 24.90 -38.37 18.85
N ALA F 151 25.76 -37.57 19.44
CA ALA F 151 25.72 -37.38 20.90
C ALA F 151 24.36 -36.95 21.45
N GLY F 152 23.52 -36.33 20.62
CA GLY F 152 22.17 -35.92 21.04
C GLY F 152 21.10 -36.95 20.71
N GLY F 153 21.52 -38.08 20.17
CA GLY F 153 20.60 -39.16 19.93
C GLY F 153 19.98 -39.03 18.58
N ILE F 154 20.78 -38.54 17.63
CA ILE F 154 20.25 -38.22 16.30
C ILE F 154 21.06 -38.91 15.22
N ARG F 155 20.39 -39.78 14.46
CA ARG F 155 21.03 -40.48 13.34
C ARG F 155 21.19 -39.59 12.16
N VAL F 156 22.41 -39.41 11.72
CA VAL F 156 22.70 -38.70 10.49
C VAL F 156 22.77 -39.61 9.25
N LEU F 157 21.70 -39.67 8.47
CA LEU F 157 21.67 -40.52 7.29
C LEU F 157 22.63 -40.08 6.20
N THR F 158 23.03 -38.83 6.19
CA THR F 158 23.99 -38.37 5.17
C THR F 158 24.44 -36.94 5.44
N ILE F 159 25.52 -36.54 4.78
CA ILE F 159 26.04 -35.18 4.93
C ILE F 159 26.82 -34.79 3.68
N LYS F 160 26.72 -33.52 3.27
CA LYS F 160 27.30 -33.04 2.02
C LYS F 160 27.80 -31.64 2.08
N ASN F 161 28.72 -31.33 1.14
CA ASN F 161 29.10 -29.95 0.77
C ASN F 161 28.46 -29.42 -0.54
N PRO F 182 26.44 -18.86 -2.62
CA PRO F 182 25.19 -18.17 -2.55
C PRO F 182 23.96 -19.11 -2.57
N ALA F 183 22.77 -18.52 -2.57
CA ALA F 183 21.56 -19.29 -2.26
C ALA F 183 21.23 -20.39 -3.23
N SER F 184 21.71 -20.26 -4.47
CA SER F 184 21.43 -21.27 -5.48
C SER F 184 21.99 -22.60 -4.98
N TYR F 185 23.19 -22.56 -4.44
CA TYR F 185 23.80 -23.78 -4.01
C TYR F 185 23.10 -24.29 -2.74
N ALA F 186 22.73 -23.36 -1.85
CA ALA F 186 22.02 -23.72 -0.61
C ALA F 186 20.75 -24.53 -0.96
N TYR F 187 19.90 -23.92 -1.79
CA TYR F 187 18.70 -24.58 -2.23
C TYR F 187 19.03 -25.92 -2.90
N LYS F 188 19.95 -25.91 -3.86
CA LYS F 188 20.20 -27.09 -4.66
C LYS F 188 20.72 -28.21 -3.78
N SER F 189 21.64 -27.86 -2.88
CA SER F 189 22.21 -28.86 -2.01
C SER F 189 21.16 -29.52 -1.15
N ALA F 190 20.34 -28.70 -0.49
CA ALA F 190 19.27 -29.27 0.34
C ALA F 190 18.38 -30.16 -0.50
N ARG F 191 18.13 -29.77 -1.75
CA ARG F 191 17.27 -30.58 -2.60
C ARG F 191 17.90 -31.93 -2.85
N GLU F 192 19.19 -31.90 -3.15
CA GLU F 192 19.99 -33.10 -3.45
C GLU F 192 19.98 -34.05 -2.26
N VAL F 193 20.40 -33.53 -1.12
CA VAL F 193 20.43 -34.28 0.13
C VAL F 193 19.10 -34.93 0.43
N ALA F 194 18.00 -34.22 0.16
CA ALA F 194 16.69 -34.75 0.51
C ALA F 194 16.34 -35.86 -0.47
N ALA F 195 16.83 -35.72 -1.69
CA ALA F 195 16.57 -36.68 -2.75
C ALA F 195 17.30 -38.00 -2.46
N GLU F 196 18.55 -37.85 -2.06
CA GLU F 196 19.39 -38.95 -1.63
C GLU F 196 18.93 -39.65 -0.36
N ALA F 197 18.37 -38.92 0.59
CA ALA F 197 17.95 -39.53 1.83
C ALA F 197 16.49 -39.26 2.09
N PRO F 198 15.66 -39.96 1.22
CA PRO F 198 14.26 -39.58 1.30
C PRO F 198 13.57 -39.81 2.63
N GLU F 199 14.08 -40.71 3.46
CA GLU F 199 13.36 -41.13 4.65
C GLU F 199 13.65 -40.29 5.87
N ALA F 200 14.45 -39.27 5.71
CA ALA F 200 14.88 -38.41 6.82
C ALA F 200 13.73 -37.65 7.45
N ASP F 201 13.75 -37.54 8.77
CA ASP F 201 12.73 -36.82 9.49
C ASP F 201 12.79 -35.31 9.21
N CYS F 202 14.01 -34.82 8.96
CA CYS F 202 14.27 -33.40 8.87
C CYS F 202 15.51 -33.17 8.04
N ILE F 203 15.56 -32.05 7.32
CA ILE F 203 16.76 -31.61 6.64
C ILE F 203 17.45 -30.52 7.47
N ILE F 204 18.77 -30.53 7.51
CA ILE F 204 19.54 -29.55 8.25
C ILE F 204 20.42 -28.81 7.28
N SER F 206 23.62 -26.32 7.56
CA SER F 206 24.58 -25.90 8.58
C SER F 206 25.70 -25.06 7.98
N GLY F 207 26.28 -24.22 8.84
CA GLY F 207 27.12 -23.16 8.40
C GLY F 207 26.37 -21.88 8.67
N ALA F 208 26.68 -21.27 9.81
CA ALA F 208 25.95 -20.12 10.34
C ALA F 208 26.00 -18.86 9.47
N ALA F 209 27.10 -18.67 8.74
CA ALA F 209 27.36 -17.44 7.99
C ALA F 209 26.52 -17.27 6.70
N VAL F 210 26.01 -18.37 6.12
CA VAL F 210 25.10 -18.27 4.95
C VAL F 210 23.67 -17.95 5.42
N HIS F 211 22.97 -17.16 4.61
CA HIS F 211 21.66 -16.63 5.02
C HIS F 211 20.54 -17.49 4.48
N THR F 212 19.97 -18.30 5.37
CA THR F 212 19.07 -19.39 5.04
C THR F 212 17.60 -19.13 5.37
N ASP F 214 15.32 -17.07 4.63
CA ASP F 214 14.43 -16.81 3.49
C ASP F 214 14.09 -18.00 2.65
N ILE F 215 14.91 -19.06 2.68
CA ILE F 215 14.60 -20.21 1.86
C ILE F 215 14.03 -21.43 2.60
N ILE F 216 13.86 -21.33 3.90
CA ILE F 216 13.34 -22.46 4.64
C ILE F 216 11.91 -22.80 4.20
N ALA F 217 11.03 -21.83 4.24
CA ALA F 217 9.66 -22.10 3.88
C ALA F 217 9.53 -22.61 2.44
N PRO F 218 10.17 -21.94 1.48
CA PRO F 218 10.09 -22.48 0.12
C PRO F 218 10.58 -23.93 0.04
N LEU F 219 11.70 -24.23 0.71
CA LEU F 219 12.21 -25.60 0.75
C LEU F 219 11.22 -26.55 1.37
N GLU F 220 10.66 -26.16 2.51
CA GLU F 220 9.64 -27.01 3.11
C GLU F 220 8.50 -27.27 2.14
N ALA F 221 8.11 -26.26 1.39
CA ALA F 221 7.01 -26.42 0.46
C ALA F 221 7.39 -27.34 -0.67
N ASP F 222 8.60 -27.22 -1.15
CA ASP F 222 9.02 -28.02 -2.30
C ASP F 222 9.30 -29.47 -1.91
N LEU F 223 9.84 -29.70 -0.72
CA LEU F 223 10.24 -31.02 -0.31
C LEU F 223 9.18 -31.73 0.46
N GLY F 224 8.21 -30.99 0.97
CA GLY F 224 7.27 -31.58 1.89
C GLY F 224 7.89 -32.19 3.13
N LYS F 225 9.04 -31.68 3.57
CA LYS F 225 9.72 -32.16 4.78
C LYS F 225 10.18 -30.96 5.63
N PRO F 226 10.32 -31.15 6.94
CA PRO F 226 10.84 -30.08 7.78
C PRO F 226 12.24 -29.77 7.40
N VAL F 227 12.61 -28.51 7.57
CA VAL F 227 13.95 -28.03 7.27
C VAL F 227 14.35 -27.10 8.39
N ILE F 228 15.57 -27.26 8.84
CA ILE F 228 16.06 -26.55 9.98
C ILE F 228 17.48 -26.10 9.70
N SER F 229 17.83 -24.94 10.24
CA SER F 229 19.10 -24.33 10.01
C SER F 229 19.68 -23.94 11.36
N SER F 230 20.96 -23.58 11.39
CA SER F 230 21.58 -23.12 12.60
C SER F 230 20.84 -21.92 13.16
N ASP F 231 20.57 -20.98 12.26
CA ASP F 231 19.85 -19.76 12.59
C ASP F 231 18.45 -20.03 13.12
N SER F 232 17.70 -20.89 12.44
CA SER F 232 16.32 -21.06 12.78
C SER F 232 16.17 -21.74 14.12
N ALA F 233 17.04 -22.70 14.40
CA ALA F 233 17.03 -23.42 15.68
C ALA F 233 17.41 -22.50 16.80
N PHE F 234 18.41 -21.66 16.57
CA PHE F 234 18.86 -20.64 17.54
C PHE F 234 17.70 -19.68 17.85
N PHE F 235 17.04 -19.17 16.81
CA PHE F 235 15.98 -18.17 17.03
C PHE F 235 14.78 -18.83 17.68
N TRP F 236 14.48 -20.05 17.26
CA TRP F 236 13.46 -20.85 17.95
C TRP F 236 13.74 -21.00 19.46
N LYS F 237 14.98 -21.35 19.79
CA LYS F 237 15.36 -21.48 21.18
C LYS F 237 15.22 -20.17 21.93
N ILE F 238 15.72 -19.11 21.34
CA ILE F 238 15.63 -17.80 21.97
C ILE F 238 14.18 -17.42 22.24
N LEU F 239 13.30 -17.57 21.26
CA LEU F 239 11.92 -17.17 21.43
C LEU F 239 11.19 -18.07 22.40
N SER F 240 11.50 -19.37 22.38
CA SER F 240 11.05 -20.30 23.45
C SER F 240 11.41 -19.80 24.83
N LEU F 241 12.68 -19.48 25.04
CA LEU F 241 13.11 -18.96 26.33
C LEU F 241 12.37 -17.68 26.70
N LEU F 242 12.17 -16.77 25.77
CA LEU F 242 11.41 -15.55 26.07
C LEU F 242 9.95 -15.87 26.35
N GLY F 243 9.47 -17.03 25.93
CA GLY F 243 8.08 -17.36 26.13
C GLY F 243 7.18 -16.63 25.17
N VAL F 244 7.77 -16.27 24.04
CA VAL F 244 7.07 -15.59 22.98
C VAL F 244 6.67 -16.62 21.95
N ARG F 245 5.43 -16.61 21.54
CA ARG F 245 4.89 -17.62 20.68
C ARG F 245 4.45 -17.20 19.29
N GLU F 246 5.04 -16.12 18.77
CA GLU F 246 4.81 -15.67 17.42
C GLU F 246 6.09 -15.25 16.75
N THR F 247 6.09 -15.21 15.44
CA THR F 247 7.20 -14.67 14.68
C THR F 247 6.63 -13.70 13.71
N SER F 248 7.48 -13.02 12.98
CA SER F 248 7.02 -12.07 12.01
C SER F 248 6.25 -12.66 10.86
N GLY F 249 6.47 -13.92 10.52
CA GLY F 249 6.01 -14.41 9.24
C GLY F 249 6.18 -15.83 8.84
N GLY F 250 6.88 -16.05 7.78
CA GLY F 250 6.83 -17.35 7.12
C GLY F 250 8.21 -17.90 7.18
N TRP F 251 8.61 -18.31 8.39
CA TRP F 251 9.95 -18.77 8.62
C TRP F 251 10.07 -20.28 8.79
N GLY F 252 9.09 -21.04 8.34
CA GLY F 252 9.17 -22.51 8.43
C GLY F 252 8.42 -23.08 9.63
N SER F 253 8.30 -24.40 9.62
CA SER F 253 7.43 -25.10 10.56
C SER F 253 7.95 -25.08 11.98
N LEU F 254 9.25 -25.18 12.14
CA LEU F 254 9.79 -25.17 13.48
C LEU F 254 9.36 -23.88 14.13
N LEU F 255 9.66 -22.74 13.52
CA LEU F 255 9.26 -21.44 14.14
C LEU F 255 7.76 -21.25 14.19
N ASP F 256 7.02 -21.87 13.25
CA ASP F 256 5.56 -21.83 13.36
C ASP F 256 5.05 -22.67 14.52
N SER F 257 5.84 -23.62 15.01
CA SER F 257 5.39 -24.50 16.09
C SER F 257 5.55 -23.89 17.44
N LEU F 258 6.16 -22.71 17.53
CA LEU F 258 6.36 -22.08 18.82
C LEU F 258 5.00 -21.92 19.48
N ALA G 6 20.43 -13.76 -2.00
CA ALA G 6 19.56 -14.39 -3.03
C ALA G 6 19.87 -13.89 -4.45
N ASP G 7 20.54 -14.71 -5.24
CA ASP G 7 20.70 -14.41 -6.65
C ASP G 7 19.51 -14.94 -7.46
N TYR G 8 19.26 -14.29 -8.60
CA TYR G 8 18.16 -14.67 -9.49
C TYR G 8 18.21 -16.17 -9.83
N GLY G 9 17.04 -16.81 -9.83
CA GLY G 9 16.93 -18.19 -10.23
C GLY G 9 17.37 -19.19 -9.19
N TRP G 10 17.52 -18.77 -7.94
CA TRP G 10 17.99 -19.68 -6.87
C TRP G 10 17.14 -20.90 -6.66
N ARG G 11 15.87 -20.82 -7.04
CA ARG G 11 14.95 -21.92 -6.82
C ARG G 11 14.79 -22.79 -8.05
N GLY G 12 15.49 -22.46 -9.13
CA GLY G 12 15.35 -23.19 -10.36
C GLY G 12 15.40 -22.23 -11.52
N LYS G 13 16.03 -22.63 -12.61
CA LYS G 13 16.11 -21.84 -13.80
C LYS G 13 15.47 -22.54 -14.96
N VAL G 14 14.67 -21.84 -15.71
CA VAL G 14 13.96 -22.41 -16.85
C VAL G 14 14.36 -21.68 -18.10
N GLY G 15 14.67 -22.42 -19.15
CA GLY G 15 15.03 -21.85 -20.44
C GLY G 15 13.91 -22.22 -21.36
N LEU G 16 13.35 -21.21 -22.00
CA LEU G 16 12.31 -21.44 -22.97
C LEU G 16 12.80 -21.23 -24.39
N ILE G 17 12.57 -22.23 -25.23
CA ILE G 17 12.81 -22.12 -26.65
C ILE G 17 11.57 -21.53 -27.29
N SER G 18 11.72 -20.31 -27.77
CA SER G 18 10.61 -19.50 -28.18
C SER G 18 10.51 -19.61 -29.66
N THR G 19 9.32 -19.39 -30.18
CA THR G 19 9.06 -19.43 -31.60
C THR G 19 9.15 -18.03 -32.08
N PRO G 20 9.48 -17.86 -33.33
CA PRO G 20 9.70 -16.57 -33.96
C PRO G 20 8.40 -15.81 -34.02
N VAL G 21 7.33 -16.44 -33.60
CA VAL G 21 6.06 -15.76 -33.50
C VAL G 21 6.28 -14.56 -32.58
N ILE G 22 7.36 -14.56 -31.81
CA ILE G 22 7.65 -13.55 -30.81
C ILE G 22 6.59 -13.46 -29.76
N GLU G 23 6.18 -14.64 -29.32
CA GLU G 23 5.34 -14.78 -28.17
C GLU G 23 6.10 -14.54 -26.87
N ASN G 24 5.33 -14.34 -25.83
CA ASN G 24 5.77 -13.88 -24.53
C ASN G 24 5.53 -14.83 -23.38
N ALA G 25 5.67 -16.12 -23.63
CA ALA G 25 5.59 -17.12 -22.60
C ALA G 25 6.57 -16.89 -21.48
N HIS G 26 7.74 -16.35 -21.78
CA HIS G 26 8.69 -15.99 -20.70
C HIS G 26 8.10 -15.00 -19.70
N VAL G 27 7.35 -14.02 -20.20
CA VAL G 27 6.72 -13.03 -19.34
C VAL G 27 5.62 -13.71 -18.53
N GLU G 28 4.74 -14.46 -19.22
CA GLU G 28 3.69 -15.20 -18.58
C GLU G 28 4.25 -16.08 -17.46
N LEU G 29 5.33 -16.77 -17.71
CA LEU G 29 5.85 -17.68 -16.73
C LEU G 29 6.39 -16.92 -15.54
N ALA G 30 7.04 -15.80 -15.82
CA ALA G 30 7.58 -14.98 -14.74
C ALA G 30 6.46 -14.51 -13.83
N ARG G 31 5.27 -14.19 -14.36
CA ARG G 31 4.12 -13.87 -13.50
C ARG G 31 3.59 -15.01 -12.67
N VAL G 32 3.58 -16.21 -13.25
CA VAL G 32 2.99 -17.36 -12.58
C VAL G 32 3.94 -18.02 -11.60
N ALA G 33 5.21 -18.05 -11.94
CA ALA G 33 6.18 -18.72 -11.11
C ALA G 33 6.28 -18.04 -9.77
N PRO G 34 6.57 -18.82 -8.71
CA PRO G 34 6.78 -18.26 -7.40
C PRO G 34 8.14 -17.59 -7.38
N GLU G 35 8.44 -16.91 -6.28
CA GLU G 35 9.72 -16.25 -6.08
C GLU G 35 10.86 -17.24 -6.11
N GLY G 36 11.94 -16.86 -6.78
CA GLY G 36 13.17 -17.65 -6.81
C GLY G 36 13.36 -18.39 -8.13
N VAL G 37 12.29 -18.50 -8.92
CA VAL G 37 12.38 -19.19 -10.21
C VAL G 37 12.85 -18.23 -11.26
N GLY G 38 13.93 -18.56 -11.93
CA GLY G 38 14.49 -17.69 -12.97
C GLY G 38 13.98 -18.14 -14.31
N VAL G 39 13.77 -17.20 -15.23
CA VAL G 39 13.33 -17.52 -16.56
C VAL G 39 14.28 -16.99 -17.60
N TYR G 40 14.54 -17.82 -18.60
CA TYR G 40 15.43 -17.47 -19.71
C TYR G 40 14.82 -17.88 -21.01
N GLN G 41 15.37 -17.36 -22.07
CA GLN G 41 14.73 -17.47 -23.37
C GLN G 41 15.79 -17.61 -24.45
N THR G 42 15.44 -18.31 -25.51
CA THR G 42 16.28 -18.38 -26.67
C THR G 42 15.43 -18.56 -27.90
N PHE G 43 15.89 -18.09 -29.04
CA PHE G 43 15.20 -18.21 -30.33
C PHE G 43 16.00 -19.09 -31.34
N PRO G 44 15.37 -20.12 -31.87
CA PRO G 44 16.01 -20.89 -32.92
C PRO G 44 16.01 -20.08 -34.22
N TYR G 45 17.04 -20.25 -35.06
CA TYR G 45 17.11 -19.51 -36.34
C TYR G 45 16.56 -20.38 -37.41
N VAL G 46 15.38 -20.05 -37.92
CA VAL G 46 14.71 -20.91 -38.87
C VAL G 46 14.06 -20.05 -39.93
N PRO G 47 14.88 -19.47 -40.82
CA PRO G 47 14.40 -18.60 -41.90
C PRO G 47 13.72 -19.41 -43.00
N ASN G 48 12.77 -18.81 -43.70
CA ASN G 48 12.11 -19.43 -44.86
C ASN G 48 11.60 -20.84 -44.56
N PHE G 49 11.01 -20.99 -43.38
CA PHE G 49 10.40 -22.27 -43.00
C PHE G 49 9.14 -22.51 -43.83
N ARG G 50 9.06 -23.69 -44.46
CA ARG G 50 7.89 -24.19 -45.17
C ARG G 50 7.56 -25.57 -44.59
N VAL G 51 6.28 -25.96 -44.57
CA VAL G 51 5.90 -27.29 -44.10
C VAL G 51 6.34 -28.39 -45.05
N ASP G 52 7.45 -29.02 -44.74
CA ASP G 52 7.89 -30.13 -45.54
C ASP G 52 9.00 -30.87 -44.79
N ALA G 53 9.23 -32.11 -45.18
CA ALA G 53 10.10 -33.04 -44.45
C ALA G 53 11.51 -32.52 -44.23
N THR G 54 12.07 -31.87 -45.24
CA THR G 54 13.43 -31.35 -45.17
C THR G 54 13.54 -30.15 -44.24
N ASN G 55 12.50 -29.32 -44.26
CA ASN G 55 12.46 -28.12 -43.42
C ASN G 55 12.22 -28.53 -41.98
N ILE G 56 11.27 -29.44 -41.77
CA ILE G 56 11.01 -30.00 -40.44
C ILE G 56 12.25 -30.65 -39.83
N LYS G 57 12.99 -31.37 -40.62
CA LYS G 57 14.24 -31.87 -40.12
C LYS G 57 15.18 -30.74 -39.69
N ARG G 58 15.23 -29.66 -40.47
CA ARG G 58 16.10 -28.52 -40.19
C ARG G 58 15.63 -27.86 -38.90
N ALA G 59 14.31 -27.72 -38.79
CA ALA G 59 13.69 -27.16 -37.62
C ALA G 59 14.15 -27.89 -36.38
N VAL G 60 13.97 -29.20 -36.36
CA VAL G 60 14.38 -30.02 -35.23
C VAL G 60 15.86 -29.88 -34.90
N GLU G 61 16.70 -29.68 -35.90
CA GLU G 61 18.13 -29.52 -35.61
C GLU G 61 18.31 -28.16 -34.93
N GLN G 62 17.48 -27.20 -35.31
CA GLN G 62 17.56 -25.89 -34.69
C GLN G 62 17.11 -25.91 -33.22
N LEU G 63 15.99 -26.55 -32.96
CA LEU G 63 15.54 -26.78 -31.60
C LEU G 63 16.60 -27.47 -30.78
N GLU G 64 17.33 -28.42 -31.37
CA GLU G 64 18.40 -29.09 -30.61
C GLU G 64 19.55 -28.12 -30.30
N THR G 65 19.81 -27.19 -31.21
CA THR G 65 20.87 -26.24 -30.99
C THR G 65 20.50 -25.31 -29.85
N SER G 66 19.27 -24.80 -29.93
CA SER G 66 18.71 -23.91 -28.91
C SER G 66 18.79 -24.57 -27.57
N ALA G 67 18.30 -25.81 -27.49
CA ALA G 67 18.37 -26.57 -26.25
C ALA G 67 19.78 -26.72 -25.72
N ALA G 68 20.73 -26.92 -26.61
CA ALA G 68 22.12 -27.03 -26.17
C ALA G 68 22.66 -25.69 -25.69
N ALA G 69 22.28 -24.61 -26.39
CA ALA G 69 22.67 -23.27 -25.97
C ALA G 69 22.17 -23.01 -24.57
N LEU G 70 20.90 -23.34 -24.33
CA LEU G 70 20.33 -23.18 -23.00
C LEU G 70 21.01 -24.07 -21.97
N GLY G 71 21.19 -25.34 -22.29
CA GLY G 71 21.88 -26.27 -21.40
C GLY G 71 23.24 -25.72 -20.97
N SER G 72 24.01 -25.25 -21.94
CA SER G 72 25.33 -24.70 -21.67
C SER G 72 25.23 -23.45 -20.81
N ALA G 73 24.21 -22.63 -21.04
CA ALA G 73 24.01 -21.41 -20.28
C ALA G 73 23.87 -21.69 -18.81
N GLY G 74 23.11 -22.70 -18.44
CA GLY G 74 23.06 -23.16 -17.06
C GLY G 74 21.68 -23.37 -16.51
N VAL G 75 20.69 -23.51 -17.38
CA VAL G 75 19.34 -23.71 -16.93
C VAL G 75 19.21 -25.10 -16.34
N ASP G 76 18.15 -25.32 -15.58
CA ASP G 76 17.85 -26.60 -14.99
C ASP G 76 16.84 -27.39 -15.81
N ILE G 77 16.03 -26.70 -16.59
CA ILE G 77 14.91 -27.28 -17.32
C ILE G 77 14.79 -26.53 -18.63
N VAL G 78 14.34 -27.22 -19.68
CA VAL G 78 14.14 -26.61 -20.96
C VAL G 78 12.71 -26.82 -21.42
N GLY G 79 12.08 -25.75 -21.90
CA GLY G 79 10.70 -25.81 -22.29
C GLY G 79 10.61 -25.44 -23.72
N GLN G 80 9.81 -26.16 -24.48
CA GLN G 80 9.65 -25.86 -25.89
C GLN G 80 8.25 -25.28 -26.11
N VAL G 81 8.20 -24.06 -26.62
CA VAL G 81 6.99 -23.32 -26.80
C VAL G 81 6.45 -23.56 -28.18
N GLY G 82 5.20 -23.97 -28.25
CA GLY G 82 4.55 -24.29 -29.53
C GLY G 82 3.77 -25.59 -29.43
N THR G 83 2.45 -25.45 -29.33
CA THR G 83 1.57 -26.59 -29.17
C THR G 83 1.49 -27.50 -30.36
N PRO G 84 1.33 -26.93 -31.53
CA PRO G 84 1.21 -27.80 -32.70
C PRO G 84 2.45 -28.61 -33.03
N PHE G 85 3.62 -28.14 -32.62
CA PHE G 85 4.83 -28.89 -32.88
C PHE G 85 4.94 -30.24 -32.14
N SER G 86 4.05 -30.53 -31.20
CA SER G 86 4.07 -31.82 -30.51
C SER G 86 3.37 -32.88 -31.36
N PHE G 87 2.53 -32.43 -32.27
CA PHE G 87 1.90 -33.34 -33.20
C PHE G 87 2.18 -32.94 -34.62
N ALA G 88 3.31 -32.29 -34.82
CA ALA G 88 3.72 -32.01 -36.17
C ALA G 88 4.41 -33.24 -36.63
N GLY G 89 3.80 -33.91 -37.58
CA GLY G 89 4.33 -35.14 -38.12
C GLY G 89 3.80 -36.32 -37.35
N GLY G 90 3.72 -37.44 -38.03
CA GLY G 90 3.36 -38.68 -37.39
C GLY G 90 2.00 -38.53 -36.76
N THR G 91 1.55 -39.59 -36.13
CA THR G 91 0.30 -39.57 -35.45
C THR G 91 0.57 -40.17 -34.09
N GLY G 92 -0.22 -39.77 -33.12
CA GLY G 92 0.03 -40.20 -31.77
C GLY G 92 1.12 -39.38 -31.12
N LEU G 93 1.62 -39.91 -30.03
CA LEU G 93 2.54 -39.18 -29.15
C LEU G 93 3.99 -39.47 -29.47
N GLU G 94 4.23 -40.44 -30.33
CA GLU G 94 5.58 -40.93 -30.61
C GLU G 94 6.52 -39.82 -31.12
N TRP G 95 5.96 -38.88 -31.89
CA TRP G 95 6.70 -37.75 -32.41
C TRP G 95 7.18 -36.87 -31.26
N ALA G 96 6.21 -36.42 -30.46
CA ALA G 96 6.48 -35.61 -29.30
C ALA G 96 7.53 -36.26 -28.41
N GLU G 97 7.35 -37.53 -28.06
CA GLU G 97 8.28 -38.19 -27.15
C GLU G 97 9.68 -38.33 -27.77
N ASP G 98 9.79 -38.47 -29.08
CA ASP G 98 11.11 -38.41 -29.68
C ASP G 98 11.78 -37.05 -29.65
N ILE G 99 11.04 -36.00 -30.02
CA ILE G 99 11.55 -34.66 -29.85
C ILE G 99 11.99 -34.39 -28.40
N SER G 100 11.11 -34.74 -27.47
CA SER G 100 11.45 -34.59 -26.09
C SER G 100 12.83 -35.23 -25.79
N THR G 101 13.07 -36.46 -26.20
CA THR G 101 14.37 -37.06 -25.95
C THR G 101 15.52 -36.38 -26.65
N LYS G 102 15.34 -35.99 -27.90
CA LYS G 102 16.40 -35.25 -28.57
C LYS G 102 16.85 -34.04 -27.73
N LEU G 103 15.86 -33.28 -27.23
CA LEU G 103 16.13 -32.05 -26.52
C LEU G 103 16.73 -32.33 -25.15
N GLU G 104 16.29 -33.42 -24.52
CA GLU G 104 16.93 -33.86 -23.29
C GLU G 104 18.37 -34.19 -23.55
N LYS G 105 18.60 -34.90 -24.64
CA LYS G 105 19.94 -35.26 -25.05
C LYS G 105 20.79 -34.02 -25.35
N ALA G 106 20.26 -33.14 -26.19
CA ALA G 106 20.96 -31.95 -26.63
C ALA G 106 21.30 -30.98 -25.49
N SER G 107 20.46 -30.93 -24.44
CA SER G 107 20.60 -29.96 -23.38
C SER G 107 21.23 -30.56 -22.13
N GLY G 108 20.98 -31.84 -21.91
CA GLY G 108 21.44 -32.47 -20.70
C GLY G 108 20.50 -32.24 -19.58
N LYS G 109 19.29 -31.76 -19.89
CA LYS G 109 18.34 -31.33 -18.85
C LYS G 109 16.95 -31.88 -19.18
N PRO G 110 16.12 -32.09 -18.15
CA PRO G 110 14.76 -32.46 -18.45
C PRO G 110 14.04 -31.40 -19.32
N VAL G 111 12.97 -31.83 -19.97
CA VAL G 111 12.34 -31.06 -20.98
C VAL G 111 10.82 -31.10 -20.87
N ALA G 112 10.18 -29.95 -21.14
CA ALA G 112 8.77 -29.88 -21.28
C ALA G 112 8.45 -29.37 -22.67
N LEU G 113 7.42 -29.93 -23.28
CA LEU G 113 6.91 -29.46 -24.55
C LEU G 113 5.49 -28.99 -24.38
N GLY G 115 2.69 -28.80 -26.14
CA GLY G 115 1.54 -29.64 -26.51
C GLY G 115 1.41 -30.95 -25.71
N LEU G 116 2.55 -31.63 -25.54
CA LEU G 116 2.58 -32.82 -24.74
C LEU G 116 2.13 -32.59 -23.30
N SER G 117 2.47 -31.42 -22.72
CA SER G 117 2.10 -31.09 -21.34
C SER G 117 0.61 -31.16 -21.07
N ILE G 118 -0.21 -30.78 -22.06
CA ILE G 118 -1.66 -30.80 -21.88
C ILE G 118 -2.11 -32.24 -21.59
N VAL G 119 -1.54 -33.19 -22.32
CA VAL G 119 -1.87 -34.59 -22.13
C VAL G 119 -1.40 -35.08 -20.76
N GLU G 120 -0.16 -34.74 -20.43
CA GLU G 120 0.38 -35.16 -19.14
C GLU G 120 -0.46 -34.61 -18.01
N ALA G 121 -0.93 -33.38 -18.14
CA ALA G 121 -1.71 -32.73 -17.08
C ALA G 121 -3.05 -33.41 -16.92
N LEU G 122 -3.73 -33.60 -18.04
CA LEU G 122 -5.01 -34.31 -18.01
C LEU G 122 -4.84 -35.68 -17.37
N GLN G 123 -3.78 -36.37 -17.75
CA GLN G 123 -3.51 -37.68 -17.17
C GLN G 123 -3.27 -37.59 -15.68
N GLU G 124 -2.34 -36.74 -15.26
CA GLU G 124 -2.02 -36.63 -13.83
C GLU G 124 -3.27 -36.30 -13.01
N ARG G 125 -4.20 -35.56 -13.60
CA ARG G 125 -5.39 -35.13 -12.87
C ARG G 125 -6.45 -36.19 -12.90
N GLY G 126 -6.31 -37.13 -13.82
CA GLY G 126 -7.35 -38.11 -14.06
C GLY G 126 -8.52 -37.60 -14.87
N TYR G 127 -8.34 -36.58 -15.71
CA TYR G 127 -9.46 -36.13 -16.55
C TYR G 127 -9.50 -37.01 -17.80
N LYS G 128 -10.65 -37.65 -18.03
CA LYS G 128 -10.80 -38.56 -19.16
C LYS G 128 -11.54 -37.93 -20.32
N THR G 129 -12.49 -37.06 -20.01
CA THR G 129 -13.29 -36.38 -21.04
C THR G 129 -13.04 -34.87 -21.03
N VAL G 130 -12.94 -34.27 -22.20
CA VAL G 130 -12.76 -32.83 -22.29
C VAL G 130 -13.66 -32.19 -23.29
N ALA G 131 -13.83 -30.88 -23.15
CA ALA G 131 -14.56 -30.08 -24.09
C ALA G 131 -13.62 -28.94 -24.44
N ILE G 132 -13.52 -28.58 -25.72
CA ILE G 132 -12.43 -27.74 -26.17
C ILE G 132 -12.91 -26.49 -26.84
N SER G 133 -12.26 -25.38 -26.49
CA SER G 133 -12.44 -24.12 -27.16
C SER G 133 -11.10 -23.79 -27.77
N SER G 134 -11.05 -23.61 -29.08
CA SER G 134 -9.77 -23.41 -29.75
C SER G 134 -9.91 -22.28 -30.72
N THR G 135 -10.18 -21.08 -30.18
CA THR G 135 -10.42 -19.94 -31.05
C THR G 135 -9.35 -19.78 -32.08
N TYR G 136 -8.11 -19.99 -31.67
CA TYR G 136 -6.97 -19.70 -32.53
C TYR G 136 -6.79 -20.63 -33.77
N TYR G 137 -7.46 -21.78 -33.80
CA TYR G 137 -7.13 -22.87 -34.77
C TYR G 137 -8.04 -22.96 -36.02
N SER G 138 -7.53 -23.54 -37.10
CA SER G 138 -8.29 -23.85 -38.32
C SER G 138 -8.73 -25.30 -38.31
N ARG G 139 -9.72 -25.66 -39.13
CA ARG G 139 -10.34 -27.01 -39.05
C ARG G 139 -9.35 -28.17 -39.15
N GLU G 140 -8.34 -28.00 -40.01
CA GLU G 140 -7.28 -28.98 -40.11
C GLU G 140 -6.61 -29.17 -38.75
N LEU G 141 -6.11 -28.09 -38.16
CA LEU G 141 -5.38 -28.25 -36.91
C LEU G 141 -6.26 -28.85 -35.86
N SER G 142 -7.47 -28.35 -35.77
CA SER G 142 -8.37 -28.80 -34.72
C SER G 142 -8.51 -30.30 -34.72
N GLU G 143 -8.74 -30.90 -35.89
CA GLU G 143 -8.85 -32.33 -35.92
C GLU G 143 -7.52 -33.01 -35.59
N ARG G 144 -6.42 -32.45 -36.05
CA ARG G 144 -5.14 -33.04 -35.71
C ARG G 144 -4.88 -32.98 -34.20
N TYR G 145 -5.23 -31.87 -33.59
CA TYR G 145 -5.18 -31.70 -32.13
C TYR G 145 -6.05 -32.73 -31.39
N THR G 146 -7.32 -32.82 -31.81
CA THR G 146 -8.25 -33.81 -31.27
C THR G 146 -7.63 -35.18 -31.30
N GLN G 147 -7.08 -35.53 -32.45
CA GLN G 147 -6.42 -36.80 -32.63
C GLN G 147 -5.32 -37.05 -31.60
N PHE G 148 -4.46 -36.04 -31.49
CA PHE G 148 -3.36 -36.02 -30.53
C PHE G 148 -3.83 -36.32 -29.10
N LEU G 149 -4.92 -35.67 -28.68
CA LEU G 149 -5.47 -35.90 -27.34
C LEU G 149 -6.03 -37.29 -27.19
N GLU G 150 -6.71 -37.75 -28.23
CA GLU G 150 -7.29 -39.09 -28.23
C GLU G 150 -6.17 -40.11 -28.18
N ALA G 151 -5.06 -39.83 -28.88
CA ALA G 151 -3.86 -40.64 -28.72
C ALA G 151 -3.38 -40.76 -27.28
N GLY G 152 -3.76 -39.80 -26.42
CA GLY G 152 -3.40 -39.84 -24.99
C GLY G 152 -4.45 -40.49 -24.12
N GLY G 153 -5.51 -40.99 -24.74
CA GLY G 153 -6.53 -41.69 -24.00
C GLY G 153 -7.59 -40.74 -23.49
N ILE G 154 -7.86 -39.70 -24.27
CA ILE G 154 -8.72 -38.63 -23.81
C ILE G 154 -9.84 -38.42 -24.81
N ARG G 155 -11.06 -38.63 -24.34
CA ARG G 155 -12.22 -38.44 -25.16
C ARG G 155 -12.61 -36.97 -25.27
N VAL G 156 -12.63 -36.46 -26.49
CA VAL G 156 -13.06 -35.10 -26.76
C VAL G 156 -14.57 -34.99 -27.06
N LEU G 157 -15.36 -34.61 -26.09
CA LEU G 157 -16.80 -34.49 -26.28
C LEU G 157 -17.20 -33.40 -27.28
N THR G 158 -16.35 -32.40 -27.51
CA THR G 158 -16.69 -31.35 -28.46
C THR G 158 -15.52 -30.40 -28.66
N ILE G 159 -15.60 -29.60 -29.72
CA ILE G 159 -14.56 -28.65 -30.04
C ILE G 159 -15.18 -27.51 -30.83
N LYS G 160 -14.74 -26.28 -30.56
CA LYS G 160 -15.29 -25.08 -31.20
C LYS G 160 -14.21 -24.09 -31.60
N ASN G 161 -14.54 -23.35 -32.66
CA ASN G 161 -13.75 -22.42 -33.41
C ASN G 161 -12.46 -22.99 -33.95
N PRO G 182 -8.99 -11.19 -28.07
CA PRO G 182 -9.92 -10.48 -27.23
C PRO G 182 -10.61 -11.44 -26.28
N ALA G 183 -10.35 -11.17 -25.02
CA ALA G 183 -10.69 -12.09 -23.98
C ALA G 183 -12.19 -12.33 -23.90
N SER G 184 -12.99 -11.41 -24.46
CA SER G 184 -14.45 -11.56 -24.44
C SER G 184 -14.81 -12.86 -25.15
N TYR G 185 -14.14 -13.12 -26.28
CA TYR G 185 -14.42 -14.31 -27.07
C TYR G 185 -13.91 -15.56 -26.33
N ALA G 186 -12.73 -15.43 -25.72
CA ALA G 186 -12.15 -16.54 -24.97
C ALA G 186 -13.13 -16.98 -23.88
N TYR G 187 -13.51 -16.04 -23.01
CA TYR G 187 -14.45 -16.33 -21.94
C TYR G 187 -15.74 -16.88 -22.49
N LYS G 188 -16.29 -16.22 -23.50
CA LYS G 188 -17.60 -16.60 -24.01
C LYS G 188 -17.54 -17.99 -24.59
N SER G 189 -16.50 -18.27 -25.35
CA SER G 189 -16.41 -19.59 -26.03
C SER G 189 -16.29 -20.71 -25.00
N ALA G 190 -15.44 -20.52 -24.00
CA ALA G 190 -15.32 -21.53 -22.95
C ALA G 190 -16.65 -21.70 -22.24
N ARG G 191 -17.39 -20.62 -22.05
CA ARG G 191 -18.70 -20.72 -21.38
C ARG G 191 -19.65 -21.57 -22.23
N GLU G 192 -19.64 -21.28 -23.53
CA GLU G 192 -20.49 -21.97 -24.49
C GLU G 192 -20.21 -23.45 -24.51
N VAL G 193 -18.94 -23.78 -24.76
CA VAL G 193 -18.46 -25.17 -24.80
C VAL G 193 -18.83 -25.94 -23.53
N ALA G 194 -18.74 -25.30 -22.37
CA ALA G 194 -19.04 -25.98 -21.12
C ALA G 194 -20.54 -26.19 -20.99
N ALA G 195 -21.32 -25.26 -21.56
CA ALA G 195 -22.78 -25.34 -21.54
C ALA G 195 -23.27 -26.50 -22.42
N GLU G 196 -22.64 -26.67 -23.58
CA GLU G 196 -22.92 -27.77 -24.49
C GLU G 196 -22.61 -29.11 -23.88
N ALA G 197 -21.52 -29.20 -23.15
CA ALA G 197 -21.03 -30.50 -22.72
C ALA G 197 -20.83 -30.52 -21.23
N PRO G 198 -22.02 -30.51 -20.53
CA PRO G 198 -21.85 -30.31 -19.09
C PRO G 198 -21.13 -31.43 -18.40
N GLU G 199 -21.00 -32.56 -19.05
CA GLU G 199 -20.45 -33.73 -18.37
C GLU G 199 -18.93 -33.83 -18.42
N ALA G 200 -18.30 -32.87 -19.09
CA ALA G 200 -16.85 -32.93 -19.32
C ALA G 200 -16.07 -32.83 -18.02
N ASP G 201 -15.01 -33.61 -17.92
CA ASP G 201 -14.16 -33.55 -16.75
C ASP G 201 -13.41 -32.22 -16.63
N CYS G 202 -13.11 -31.61 -17.78
CA CYS G 202 -12.24 -30.45 -17.85
C CYS G 202 -12.51 -29.70 -19.12
N ILE G 203 -12.32 -28.39 -19.08
CA ILE G 203 -12.40 -27.55 -20.26
C ILE G 203 -10.99 -27.21 -20.71
N ILE G 204 -10.77 -27.17 -22.03
CA ILE G 204 -9.48 -26.83 -22.56
C ILE G 204 -9.61 -25.58 -23.37
N SER G 206 -7.33 -23.70 -26.20
CA SER G 206 -6.15 -23.99 -26.99
C SER G 206 -5.90 -22.90 -28.01
N GLY G 207 -4.62 -22.77 -28.38
CA GLY G 207 -4.15 -21.61 -29.09
C GLY G 207 -3.36 -20.81 -28.09
N ALA G 208 -2.06 -21.06 -28.04
CA ALA G 208 -1.18 -20.49 -27.00
C ALA G 208 -1.00 -18.96 -27.07
N ALA G 209 -1.15 -18.40 -28.27
CA ALA G 209 -0.91 -16.96 -28.53
C ALA G 209 -1.96 -16.00 -27.93
N VAL G 210 -3.16 -16.50 -27.61
CA VAL G 210 -4.12 -15.76 -26.77
C VAL G 210 -3.70 -15.86 -25.30
N HIS G 211 -3.88 -14.78 -24.54
CA HIS G 211 -3.41 -14.74 -23.15
C HIS G 211 -4.53 -15.11 -22.18
N THR G 212 -4.46 -16.34 -21.68
CA THR G 212 -5.54 -17.01 -20.98
C THR G 212 -5.34 -17.12 -19.45
N ASP G 214 -4.97 -15.19 -16.97
CA ASP G 214 -5.78 -14.29 -16.16
C ASP G 214 -7.26 -14.68 -16.06
N ILE G 215 -7.78 -15.46 -17.03
CA ILE G 215 -9.17 -15.85 -16.93
C ILE G 215 -9.47 -17.26 -16.44
N ILE G 216 -8.43 -18.03 -16.13
CA ILE G 216 -8.68 -19.40 -15.78
C ILE G 216 -9.46 -19.44 -14.48
N ALA G 217 -8.95 -18.79 -13.46
CA ALA G 217 -9.61 -18.86 -12.15
C ALA G 217 -11.04 -18.32 -12.21
N PRO G 218 -11.24 -17.14 -12.84
CA PRO G 218 -12.62 -16.69 -12.96
C PRO G 218 -13.52 -17.72 -13.67
N LEU G 219 -13.04 -18.30 -14.77
CA LEU G 219 -13.81 -19.34 -15.43
C LEU G 219 -14.09 -20.53 -14.52
N GLU G 220 -13.08 -21.00 -13.80
CA GLU G 220 -13.29 -22.11 -12.88
C GLU G 220 -14.33 -21.75 -11.86
N ALA G 221 -14.32 -20.51 -11.38
CA ALA G 221 -15.31 -20.07 -10.41
C ALA G 221 -16.72 -20.01 -11.02
N ASP G 222 -16.82 -19.55 -12.25
CA ASP G 222 -18.12 -19.39 -12.87
C ASP G 222 -18.69 -20.72 -13.32
N LEU G 223 -17.85 -21.63 -13.79
CA LEU G 223 -18.32 -22.90 -14.34
C LEU G 223 -18.34 -24.02 -13.32
N GLY G 224 -17.65 -23.84 -12.22
CA GLY G 224 -17.48 -24.92 -11.25
C GLY G 224 -16.82 -26.15 -11.83
N LYS G 225 -15.96 -25.98 -12.84
CA LYS G 225 -15.23 -27.08 -13.48
C LYS G 225 -13.77 -26.71 -13.66
N PRO G 226 -12.87 -27.70 -13.71
CA PRO G 226 -11.47 -27.42 -14.08
C PRO G 226 -11.33 -26.88 -15.47
N VAL G 227 -10.35 -26.00 -15.64
CA VAL G 227 -10.09 -25.34 -16.92
C VAL G 227 -8.60 -25.32 -17.09
N ILE G 228 -8.17 -25.70 -18.29
CA ILE G 228 -6.78 -25.85 -18.60
C ILE G 228 -6.49 -25.25 -19.95
N SER G 229 -5.32 -24.66 -20.08
CA SER G 229 -4.90 -23.98 -21.29
C SER G 229 -3.53 -24.54 -21.67
N SER G 230 -3.09 -24.23 -22.89
CA SER G 230 -1.77 -24.65 -23.36
C SER G 230 -0.70 -24.11 -22.42
N ASP G 231 -0.82 -22.84 -22.10
CA ASP G 231 0.07 -22.15 -21.18
C ASP G 231 0.10 -22.78 -19.80
N SER G 232 -1.08 -23.00 -19.22
CA SER G 232 -1.14 -23.44 -17.83
C SER G 232 -0.57 -24.84 -17.69
N ALA G 233 -0.85 -25.70 -18.68
CA ALA G 233 -0.33 -27.07 -18.66
C ALA G 233 1.18 -27.08 -18.80
N PHE G 234 1.67 -26.26 -19.71
CA PHE G 234 3.11 -26.07 -19.91
C PHE G 234 3.79 -25.60 -18.63
N PHE G 235 3.23 -24.58 -17.99
CA PHE G 235 3.86 -24.04 -16.80
C PHE G 235 3.76 -25.04 -15.64
N TRP G 236 2.63 -25.72 -15.55
CA TRP G 236 2.46 -26.80 -14.58
C TRP G 236 3.55 -27.90 -14.75
N LYS G 237 3.78 -28.29 -15.99
CA LYS G 237 4.81 -29.25 -16.29
C LYS G 237 6.21 -28.75 -15.93
N ILE G 238 6.51 -27.52 -16.34
CA ILE G 238 7.79 -26.90 -16.01
C ILE G 238 8.03 -26.85 -14.50
N LEU G 239 7.04 -26.40 -13.75
CA LEU G 239 7.23 -26.30 -12.32
C LEU G 239 7.35 -27.68 -11.69
N SER G 240 6.55 -28.63 -12.20
CA SER G 240 6.68 -30.04 -11.72
C SER G 240 8.10 -30.54 -11.89
N LEU G 241 8.63 -30.37 -13.09
CA LEU G 241 10.02 -30.77 -13.34
C LEU G 241 10.99 -30.07 -12.41
N LEU G 242 10.82 -28.77 -12.15
CA LEU G 242 11.68 -28.09 -11.21
C LEU G 242 11.49 -28.60 -9.78
N GLY G 243 10.40 -29.27 -9.51
CA GLY G 243 10.13 -29.71 -8.16
C GLY G 243 9.72 -28.58 -7.26
N VAL G 244 9.15 -27.54 -7.86
CA VAL G 244 8.66 -26.37 -7.16
C VAL G 244 7.18 -26.52 -6.99
N ARG G 245 6.69 -26.36 -5.78
CA ARG G 245 5.27 -26.62 -5.48
C ARG G 245 4.52 -25.40 -4.97
N GLU G 246 4.80 -24.25 -5.55
CA GLU G 246 4.07 -23.03 -5.33
C GLU G 246 3.99 -22.25 -6.61
N THR G 247 3.00 -21.37 -6.71
CA THR G 247 2.87 -20.43 -7.81
C THR G 247 2.71 -19.11 -7.16
N SER G 248 2.64 -18.07 -7.95
CA SER G 248 2.50 -16.75 -7.41
C SER G 248 1.15 -16.49 -6.81
N GLY G 249 0.16 -17.31 -7.09
CA GLY G 249 -1.15 -16.72 -7.14
C GLY G 249 -2.37 -17.51 -7.48
N GLY G 250 -3.21 -16.93 -8.29
CA GLY G 250 -4.53 -17.47 -8.45
C GLY G 250 -4.65 -17.87 -9.89
N TRP G 251 -3.94 -18.94 -10.24
CA TRP G 251 -3.83 -19.37 -11.62
C TRP G 251 -4.63 -20.63 -11.91
N GLY G 252 -5.61 -20.97 -11.08
CA GLY G 252 -6.46 -22.13 -11.38
C GLY G 252 -6.02 -23.38 -10.64
N SER G 253 -6.89 -24.38 -10.68
CA SER G 253 -6.76 -25.56 -9.81
C SER G 253 -5.59 -26.45 -10.22
N LEU G 254 -5.33 -26.59 -11.51
CA LEU G 254 -4.21 -27.40 -11.93
C LEU G 254 -2.95 -26.86 -11.29
N LEU G 255 -2.66 -25.56 -11.48
CA LEU G 255 -1.47 -25.00 -10.85
C LEU G 255 -1.55 -25.00 -9.33
N ASP G 256 -2.74 -24.94 -8.77
CA ASP G 256 -2.86 -25.01 -7.31
C ASP G 256 -2.55 -26.39 -6.83
N SER G 257 -2.66 -27.38 -7.70
CA SER G 257 -2.46 -28.77 -7.27
C SER G 257 -1.01 -29.17 -7.21
N LEU G 258 -0.10 -28.32 -7.64
CA LEU G 258 1.34 -28.66 -7.58
C LEU G 258 1.71 -29.05 -6.15
N ASP H 7 -22.66 9.05 6.80
CA ASP H 7 -22.55 9.98 7.98
C ASP H 7 -22.03 9.36 9.29
N TYR H 8 -21.21 10.12 10.01
CA TYR H 8 -20.54 9.63 11.21
C TYR H 8 -21.52 9.08 12.25
N GLY H 9 -21.16 7.95 12.84
CA GLY H 9 -21.95 7.37 13.90
C GLY H 9 -23.18 6.58 13.46
N TRP H 10 -23.28 6.28 12.15
CA TRP H 10 -24.46 5.60 11.62
C TRP H 10 -24.76 4.26 12.28
N ARG H 11 -23.75 3.62 12.83
CA ARG H 11 -23.93 2.32 13.39
C ARG H 11 -24.13 2.36 14.88
N GLY H 12 -24.12 3.57 15.46
CA GLY H 12 -24.22 3.71 16.91
C GLY H 12 -23.34 4.81 17.40
N LYS H 13 -23.85 5.61 18.35
CA LYS H 13 -23.09 6.72 18.93
C LYS H 13 -22.85 6.50 20.42
N VAL H 14 -21.62 6.66 20.87
CA VAL H 14 -21.27 6.47 22.24
C VAL H 14 -20.78 7.77 22.79
N GLY H 15 -21.27 8.12 23.96
CA GLY H 15 -20.79 9.31 24.66
C GLY H 15 -20.03 8.85 25.89
N LEU H 16 -18.81 9.32 26.03
CA LEU H 16 -18.01 8.94 27.16
C LEU H 16 -17.88 10.09 28.11
N ILE H 17 -18.17 9.82 29.37
CA ILE H 17 -17.93 10.78 30.45
C ILE H 17 -16.51 10.55 30.92
N SER H 18 -15.65 11.53 30.71
CA SER H 18 -14.25 11.34 31.01
C SER H 18 -13.86 11.90 32.35
N THR H 19 -12.88 11.29 33.00
CA THR H 19 -12.38 11.87 34.22
C THR H 19 -11.65 13.09 33.82
N PRO H 20 -11.56 14.07 34.79
CA PRO H 20 -10.84 15.27 34.34
C PRO H 20 -9.36 15.03 34.46
N VAL H 21 -8.89 13.97 33.87
CA VAL H 21 -7.49 13.70 33.81
C VAL H 21 -7.05 13.64 32.36
N ILE H 22 -7.84 14.20 31.47
CA ILE H 22 -7.57 14.08 30.05
C ILE H 22 -7.31 12.64 29.71
N GLU H 23 -8.28 11.78 29.98
CA GLU H 23 -8.22 10.42 29.51
C GLU H 23 -8.42 10.37 28.00
N ASN H 24 -7.79 9.40 27.38
CA ASN H 24 -7.87 9.14 25.97
C ASN H 24 -8.64 7.87 25.62
N ALA H 25 -9.61 7.48 26.45
CA ALA H 25 -10.50 6.38 26.15
C ALA H 25 -11.27 6.60 24.88
N HIS H 26 -11.62 7.84 24.59
CA HIS H 26 -12.29 8.13 23.29
C HIS H 26 -11.44 7.73 22.09
N VAL H 27 -10.14 7.97 22.17
CA VAL H 27 -9.25 7.63 21.11
C VAL H 27 -9.12 6.13 21.00
N GLU H 28 -8.82 5.52 22.14
CA GLU H 28 -8.79 4.07 22.23
C GLU H 28 -10.03 3.39 21.64
N LEU H 29 -11.20 3.90 21.98
CA LEU H 29 -12.44 3.28 21.50
C LEU H 29 -12.59 3.48 20.01
N ALA H 30 -12.26 4.66 19.53
CA ALA H 30 -12.30 4.89 18.11
C ALA H 30 -11.39 3.88 17.36
N ARG H 31 -10.24 3.50 17.89
CA ARG H 31 -9.40 2.48 17.25
C ARG H 31 -10.00 1.07 17.28
N VAL H 32 -10.68 0.75 18.35
CA VAL H 32 -11.20 -0.60 18.51
C VAL H 32 -12.52 -0.78 17.79
N ALA H 33 -13.35 0.27 17.79
CA ALA H 33 -14.69 0.16 17.25
C ALA H 33 -14.62 -0.09 15.79
N PRO H 34 -15.58 -0.84 15.27
CA PRO H 34 -15.65 -1.08 13.87
C PRO H 34 -16.15 0.19 13.20
N GLU H 35 -16.14 0.19 11.88
CA GLU H 35 -16.63 1.31 11.06
C GLU H 35 -18.09 1.60 11.33
N GLY H 36 -18.41 2.87 11.47
CA GLY H 36 -19.79 3.29 11.64
C GLY H 36 -20.12 3.70 13.07
N VAL H 37 -19.28 3.33 14.01
CA VAL H 37 -19.50 3.69 15.39
C VAL H 37 -18.93 5.06 15.66
N GLY H 38 -19.76 5.97 16.15
CA GLY H 38 -19.30 7.32 16.46
C GLY H 38 -18.95 7.42 17.91
N VAL H 39 -17.93 8.21 18.24
CA VAL H 39 -17.52 8.42 19.62
C VAL H 39 -17.58 9.89 20.00
N TYR H 40 -18.11 10.15 21.19
CA TYR H 40 -18.24 11.51 21.71
C TYR H 40 -17.76 11.52 23.13
N GLN H 41 -17.53 12.72 23.64
CA GLN H 41 -16.87 12.87 24.93
C GLN H 41 -17.47 14.07 25.67
N THR H 42 -17.46 14.02 26.99
CA THR H 42 -17.79 15.17 27.81
C THR H 42 -17.00 15.11 29.11
N PHE H 43 -16.67 16.27 29.67
CA PHE H 43 -15.99 16.37 30.95
C PHE H 43 -16.90 16.94 32.05
N PRO H 44 -17.05 16.23 33.16
CA PRO H 44 -17.77 16.80 34.28
C PRO H 44 -16.90 17.89 34.91
N TYR H 45 -17.50 18.95 35.46
CA TYR H 45 -16.72 20.01 36.15
C TYR H 45 -16.68 19.70 37.62
N VAL H 46 -15.51 19.32 38.12
CA VAL H 46 -15.40 18.86 39.49
C VAL H 46 -14.11 19.39 40.08
N PRO H 47 -14.08 20.70 40.36
CA PRO H 47 -12.88 21.36 40.89
C PRO H 47 -12.68 20.97 42.35
N ASN H 48 -11.42 20.97 42.79
CA ASN H 48 -11.10 20.79 44.21
C ASN H 48 -11.72 19.54 44.83
N PHE H 49 -11.71 18.48 44.05
CA PHE H 49 -12.25 17.22 44.51
C PHE H 49 -11.30 16.61 45.52
N ARG H 50 -11.87 16.15 46.63
CA ARG H 50 -11.13 15.19 47.47
C ARG H 50 -12.13 14.20 48.07
N VAL H 51 -11.57 13.13 48.63
CA VAL H 51 -12.36 11.99 49.03
C VAL H 51 -13.17 12.29 50.30
N ASP H 52 -14.42 12.70 50.11
CA ASP H 52 -15.29 13.18 51.17
C ASP H 52 -16.73 12.89 50.76
N ALA H 53 -17.60 12.52 51.70
CA ALA H 53 -19.02 12.26 51.41
C ALA H 53 -19.69 13.41 50.65
N THR H 54 -19.39 14.64 51.04
CA THR H 54 -20.00 15.85 50.44
C THR H 54 -19.47 16.05 49.03
N ASN H 55 -18.19 15.72 48.82
CA ASN H 55 -17.57 15.84 47.50
C ASN H 55 -18.03 14.76 46.56
N ILE H 56 -18.06 13.53 47.07
CA ILE H 56 -18.59 12.41 46.33
C ILE H 56 -20.05 12.66 45.90
N LYS H 57 -20.86 13.23 46.76
CA LYS H 57 -22.21 13.60 46.36
C LYS H 57 -22.21 14.61 45.23
N ARG H 58 -21.30 15.57 45.29
CA ARG H 58 -21.16 16.60 44.26
C ARG H 58 -20.72 15.97 42.94
N ALA H 59 -19.75 15.08 43.06
CA ALA H 59 -19.25 14.32 41.92
C ALA H 59 -20.40 13.66 41.19
N VAL H 60 -21.17 12.87 41.90
CA VAL H 60 -22.28 12.13 41.31
C VAL H 60 -23.29 13.05 40.63
N GLU H 61 -23.49 14.24 41.16
CA GLU H 61 -24.42 15.16 40.54
C GLU H 61 -23.81 15.67 39.24
N GLN H 62 -22.49 15.80 39.21
CA GLN H 62 -21.78 16.21 37.99
C GLN H 62 -21.82 15.13 36.90
N LEU H 63 -21.51 13.89 37.26
CA LEU H 63 -21.74 12.77 36.37
C LEU H 63 -23.17 12.77 35.82
N GLU H 64 -24.18 13.07 36.63
CA GLU H 64 -25.55 13.03 36.13
C GLU H 64 -25.79 14.15 35.14
N THR H 65 -25.11 15.28 35.34
CA THR H 65 -25.25 16.40 34.42
C THR H 65 -24.63 16.05 33.08
N SER H 66 -23.41 15.52 33.14
CA SER H 66 -22.67 15.05 31.97
C SER H 66 -23.51 14.06 31.16
N ALA H 67 -24.02 13.04 31.84
CA ALA H 67 -24.89 12.07 31.20
C ALA H 67 -26.10 12.69 30.54
N ALA H 68 -26.68 13.68 31.17
CA ALA H 68 -27.83 14.34 30.58
C ALA H 68 -27.41 15.16 29.37
N ALA H 69 -26.26 15.82 29.47
CA ALA H 69 -25.73 16.61 28.34
C ALA H 69 -25.54 15.69 27.14
N LEU H 70 -24.92 14.53 27.39
CA LEU H 70 -24.74 13.52 26.33
C LEU H 70 -26.06 13.00 25.81
N GLY H 71 -26.96 12.63 26.71
CA GLY H 71 -28.28 12.17 26.30
C GLY H 71 -28.96 13.15 25.36
N SER H 72 -28.97 14.41 25.77
CA SER H 72 -29.64 15.43 24.99
C SER H 72 -28.92 15.66 23.67
N ALA H 73 -27.59 15.51 23.67
CA ALA H 73 -26.83 15.63 22.42
C ALA H 73 -27.31 14.65 21.36
N GLY H 74 -27.52 13.40 21.75
CA GLY H 74 -28.08 12.42 20.83
C GLY H 74 -27.35 11.08 20.77
N VAL H 75 -26.55 10.77 21.78
CA VAL H 75 -25.83 9.51 21.78
C VAL H 75 -26.83 8.39 22.04
N ASP H 76 -26.42 7.17 21.78
CA ASP H 76 -27.24 6.02 22.00
C ASP H 76 -26.89 5.32 23.30
N ILE H 77 -25.67 5.51 23.76
CA ILE H 77 -25.12 4.81 24.90
C ILE H 77 -24.20 5.78 25.64
N VAL H 78 -24.13 5.64 26.97
CA VAL H 78 -23.27 6.48 27.75
C VAL H 78 -22.30 5.62 28.54
N GLY H 79 -21.04 6.01 28.53
CA GLY H 79 -20.02 5.22 29.20
C GLY H 79 -19.36 6.09 30.21
N GLN H 80 -19.10 5.54 31.39
CA GLN H 80 -18.44 6.27 32.44
C GLN H 80 -17.05 5.72 32.60
N VAL H 81 -16.07 6.59 32.42
CA VAL H 81 -14.69 6.23 32.46
C VAL H 81 -14.17 6.40 33.88
N GLY H 82 -13.56 5.36 34.42
CA GLY H 82 -12.99 5.39 35.79
C GLY H 82 -13.34 4.11 36.50
N THR H 83 -12.36 3.23 36.64
CA THR H 83 -12.59 1.94 37.28
C THR H 83 -12.92 2.12 38.76
N PRO H 84 -12.06 2.88 39.50
CA PRO H 84 -12.28 2.92 40.93
C PRO H 84 -13.63 3.51 41.35
N PHE H 85 -14.21 4.31 40.51
CA PHE H 85 -15.43 4.94 40.89
C PHE H 85 -16.50 3.91 41.08
N SER H 86 -16.33 2.78 40.46
CA SER H 86 -17.30 1.73 40.59
C SER H 86 -17.34 1.21 42.01
N PHE H 87 -16.29 1.49 42.77
CA PHE H 87 -16.29 1.07 44.15
C PHE H 87 -15.95 2.16 45.15
N ALA H 88 -16.87 3.08 45.36
CA ALA H 88 -16.70 4.08 46.39
C ALA H 88 -17.78 4.02 47.47
N GLY H 89 -17.35 3.80 48.70
CA GLY H 89 -18.18 3.98 49.87
C GLY H 89 -19.40 3.09 49.91
N GLY H 90 -19.29 1.94 49.26
CA GLY H 90 -20.37 0.99 49.20
C GLY H 90 -19.77 -0.38 49.33
N THR H 91 -20.57 -1.38 49.65
CA THR H 91 -19.99 -2.71 49.70
C THR H 91 -20.44 -3.47 48.48
N GLY H 92 -19.52 -4.16 47.84
CA GLY H 92 -19.84 -4.91 46.65
C GLY H 92 -20.33 -4.08 45.48
N LEU H 93 -21.44 -4.48 44.87
CA LEU H 93 -21.77 -3.91 43.57
C LEU H 93 -22.87 -2.87 43.68
N GLU H 94 -23.49 -2.78 44.84
CA GLU H 94 -24.71 -1.99 45.00
C GLU H 94 -24.47 -0.51 44.65
N TRP H 95 -23.26 -0.04 44.91
CA TRP H 95 -22.90 1.35 44.59
C TRP H 95 -22.89 1.58 43.10
N ALA H 96 -22.12 0.74 42.42
CA ALA H 96 -22.04 0.74 40.96
C ALA H 96 -23.41 0.68 40.34
N GLU H 97 -24.23 -0.30 40.74
CA GLU H 97 -25.55 -0.46 40.13
C GLU H 97 -26.45 0.75 40.40
N ASP H 98 -26.23 1.41 41.51
CA ASP H 98 -26.96 2.61 41.81
C ASP H 98 -26.60 3.74 40.87
N ILE H 99 -25.31 4.02 40.78
CA ILE H 99 -24.79 5.02 39.84
C ILE H 99 -25.26 4.71 38.41
N SER H 100 -25.12 3.45 38.01
CA SER H 100 -25.57 3.07 36.71
C SER H 100 -27.02 3.54 36.50
N THR H 101 -27.91 3.28 37.47
CA THR H 101 -29.35 3.66 37.37
C THR H 101 -29.54 5.18 37.34
N LYS H 102 -28.78 5.90 38.16
CA LYS H 102 -28.81 7.38 38.12
C LYS H 102 -28.49 7.91 36.69
N LEU H 103 -27.41 7.38 36.09
CA LEU H 103 -26.95 7.83 34.77
C LEU H 103 -27.90 7.39 33.64
N GLU H 104 -28.50 6.20 33.77
CA GLU H 104 -29.56 5.79 32.84
C GLU H 104 -30.70 6.77 32.93
N LYS H 105 -31.07 7.13 34.18
CA LYS H 105 -32.20 8.05 34.46
C LYS H 105 -31.88 9.41 33.90
N ALA H 106 -30.68 9.91 34.21
CA ALA H 106 -30.24 11.24 33.78
C ALA H 106 -30.09 11.40 32.26
N SER H 107 -29.74 10.32 31.56
CA SER H 107 -29.44 10.38 30.12
C SER H 107 -30.58 9.87 29.24
N GLY H 108 -31.33 8.92 29.78
CA GLY H 108 -32.36 8.27 29.02
C GLY H 108 -31.83 7.17 28.17
N LYS H 109 -30.59 6.76 28.43
CA LYS H 109 -29.88 5.82 27.56
C LYS H 109 -29.20 4.77 28.37
N PRO H 110 -29.00 3.59 27.80
CA PRO H 110 -28.23 2.58 28.55
C PRO H 110 -26.85 3.07 28.89
N VAL H 111 -26.24 2.43 29.87
CA VAL H 111 -25.02 2.93 30.47
C VAL H 111 -24.02 1.83 30.74
N ALA H 112 -22.75 2.12 30.52
CA ALA H 112 -21.67 1.23 30.88
C ALA H 112 -20.78 1.98 31.84
N LEU H 113 -20.31 1.28 32.86
CA LEU H 113 -19.32 1.83 33.77
C LEU H 113 -18.07 1.04 33.67
N GLY H 115 -15.57 0.06 35.67
CA GLY H 115 -15.24 -0.99 36.66
C GLY H 115 -16.25 -2.16 36.62
N LEU H 116 -17.52 -1.81 36.58
CA LEU H 116 -18.56 -2.81 36.58
C LEU H 116 -18.45 -3.72 35.38
N SER H 117 -18.02 -3.17 34.24
CA SER H 117 -17.85 -3.94 32.99
C SER H 117 -16.91 -5.12 33.10
N ILE H 118 -15.85 -4.98 33.91
CA ILE H 118 -14.94 -6.11 34.12
C ILE H 118 -15.68 -7.32 34.70
N VAL H 119 -16.54 -7.04 35.68
CA VAL H 119 -17.31 -8.09 36.33
C VAL H 119 -18.28 -8.73 35.33
N GLU H 120 -18.99 -7.88 34.60
CA GLU H 120 -19.96 -8.38 33.64
C GLU H 120 -19.28 -9.23 32.60
N ALA H 121 -18.08 -8.83 32.19
CA ALA H 121 -17.35 -9.57 31.16
C ALA H 121 -16.92 -10.93 31.66
N LEU H 122 -16.33 -10.94 32.85
CA LEU H 122 -15.91 -12.21 33.47
C LEU H 122 -17.09 -13.15 33.63
N GLN H 123 -18.22 -12.58 34.07
CA GLN H 123 -19.42 -13.38 34.21
C GLN H 123 -19.88 -13.93 32.87
N GLU H 124 -20.05 -13.07 31.88
CA GLU H 124 -20.54 -13.50 30.57
C GLU H 124 -19.64 -14.58 30.00
N ARG H 125 -18.34 -14.52 30.30
CA ARG H 125 -17.39 -15.49 29.75
C ARG H 125 -17.35 -16.75 30.56
N GLY H 126 -17.87 -16.69 31.77
CA GLY H 126 -17.77 -17.79 32.67
C GLY H 126 -16.41 -17.95 33.33
N TYR H 127 -15.66 -16.86 33.46
CA TYR H 127 -14.39 -16.95 34.18
C TYR H 127 -14.66 -16.81 35.66
N LYS H 128 -14.24 -17.80 36.43
CA LYS H 128 -14.49 -17.79 37.88
C LYS H 128 -13.29 -17.38 38.69
N THR H 129 -12.11 -17.71 38.20
CA THR H 129 -10.91 -17.35 38.92
C THR H 129 -10.04 -16.50 38.05
N VAL H 130 -9.36 -15.56 38.70
CA VAL H 130 -8.55 -14.56 38.05
C VAL H 130 -7.20 -14.39 38.70
N ALA H 131 -6.23 -13.93 37.94
CA ALA H 131 -4.96 -13.47 38.46
C ALA H 131 -4.77 -12.05 37.97
N ILE H 132 -4.32 -11.14 38.82
CA ILE H 132 -4.38 -9.73 38.50
C ILE H 132 -3.02 -9.07 38.50
N SER H 133 -2.80 -8.21 37.52
CA SER H 133 -1.68 -7.32 37.48
C SER H 133 -2.26 -5.92 37.53
N SER H 134 -1.96 -5.15 38.56
CA SER H 134 -2.56 -3.83 38.68
C SER H 134 -1.50 -2.81 38.95
N THR H 135 -0.68 -2.57 37.97
CA THR H 135 0.54 -1.85 38.18
C THR H 135 0.18 -0.49 38.71
N TYR H 136 -0.81 0.10 38.09
CA TYR H 136 -1.21 1.47 38.42
C TYR H 136 -1.67 1.75 39.89
N TYR H 137 -1.98 0.71 40.68
CA TYR H 137 -2.70 0.87 41.95
C TYR H 137 -1.84 0.84 43.24
N SER H 138 -2.35 1.46 44.32
CA SER H 138 -1.76 1.50 45.67
C SER H 138 -2.45 0.39 46.54
N ARG H 139 -1.80 -0.09 47.60
CA ARG H 139 -2.27 -1.30 48.34
C ARG H 139 -3.73 -1.19 48.78
N GLU H 140 -4.13 0.01 49.20
CA GLU H 140 -5.52 0.22 49.56
C GLU H 140 -6.44 -0.08 48.37
N LEU H 141 -6.21 0.54 47.22
CA LEU H 141 -7.08 0.32 46.09
C LEU H 141 -7.10 -1.12 45.64
N SER H 142 -5.94 -1.73 45.62
CA SER H 142 -5.88 -3.13 45.21
C SER H 142 -6.80 -4.04 46.04
N GLU H 143 -6.76 -3.92 47.36
CA GLU H 143 -7.62 -4.75 48.21
C GLU H 143 -9.09 -4.36 47.96
N ARG H 144 -9.33 -3.07 47.79
CA ARG H 144 -10.67 -2.59 47.52
C ARG H 144 -11.22 -3.25 46.23
N TYR H 145 -10.40 -3.20 45.17
CA TYR H 145 -10.67 -3.80 43.87
C TYR H 145 -10.94 -5.31 43.98
N THR H 146 -10.01 -6.00 44.64
CA THR H 146 -10.18 -7.44 44.93
C THR H 146 -11.53 -7.73 45.53
N GLN H 147 -11.87 -6.96 46.55
CA GLN H 147 -13.16 -7.07 47.20
C GLN H 147 -14.32 -6.98 46.20
N PHE H 148 -14.25 -5.93 45.39
CA PHE H 148 -15.24 -5.64 44.36
C PHE H 148 -15.46 -6.84 43.45
N LEU H 149 -14.38 -7.45 43.00
CA LEU H 149 -14.48 -8.62 42.15
C LEU H 149 -15.07 -9.80 42.86
N GLU H 150 -14.65 -9.99 44.11
CA GLU H 150 -15.15 -11.08 44.93
C GLU H 150 -16.62 -10.86 45.19
N ALA H 151 -17.02 -9.62 45.37
CA ALA H 151 -18.46 -9.28 45.38
C ALA H 151 -19.22 -9.73 44.12
N GLY H 152 -18.51 -9.92 43.00
CA GLY H 152 -19.13 -10.43 41.77
C GLY H 152 -19.02 -11.93 41.58
N GLY H 153 -18.46 -12.61 42.58
CA GLY H 153 -18.43 -14.07 42.55
C GLY H 153 -17.19 -14.57 41.89
N ILE H 154 -16.11 -13.82 42.06
CA ILE H 154 -14.88 -14.08 41.32
C ILE H 154 -13.74 -14.23 42.30
N ARG H 155 -13.16 -15.41 42.28
CA ARG H 155 -12.02 -15.70 43.12
C ARG H 155 -10.72 -15.16 42.54
N VAL H 156 -10.08 -14.28 43.30
CA VAL H 156 -8.79 -13.72 42.94
C VAL H 156 -7.61 -14.54 43.45
N LEU H 157 -7.01 -15.38 42.62
CA LEU H 157 -5.88 -16.19 43.05
C LEU H 157 -4.62 -15.39 43.37
N THR H 158 -4.46 -14.22 42.78
CA THR H 158 -3.36 -13.34 43.12
C THR H 158 -3.64 -11.94 42.66
N ILE H 159 -2.92 -10.97 43.21
CA ILE H 159 -2.88 -9.63 42.68
C ILE H 159 -1.55 -9.00 43.01
N LYS H 160 -0.94 -8.30 42.07
CA LYS H 160 0.36 -7.76 42.32
C LYS H 160 0.53 -6.47 41.54
N ASN H 161 0.84 -5.39 42.23
CA ASN H 161 1.17 -4.16 41.53
C ASN H 161 2.50 -3.62 41.99
N TRP H 162 3.39 -3.46 41.03
CA TRP H 162 4.67 -2.84 41.25
C TRP H 162 5.35 -3.39 42.50
N PRO H 182 4.95 2.43 29.87
CA PRO H 182 6.10 1.55 30.02
C PRO H 182 5.54 0.12 29.96
N ALA H 183 5.18 -0.15 28.74
CA ALA H 183 4.50 -1.38 28.40
C ALA H 183 5.36 -2.55 28.77
N SER H 184 6.66 -2.33 28.94
CA SER H 184 7.56 -3.42 29.28
C SER H 184 7.09 -4.03 30.60
N TYR H 185 6.72 -3.14 31.53
CA TYR H 185 6.32 -3.59 32.86
C TYR H 185 4.96 -4.25 32.77
N ALA H 186 4.08 -3.68 31.95
CA ALA H 186 2.76 -4.24 31.76
C ALA H 186 2.86 -5.69 31.29
N TYR H 187 3.58 -5.87 30.18
CA TYR H 187 3.79 -7.21 29.62
C TYR H 187 4.44 -8.13 30.65
N LYS H 188 5.52 -7.66 31.26
CA LYS H 188 6.29 -8.50 32.18
C LYS H 188 5.45 -8.90 33.39
N SER H 189 4.72 -7.94 33.93
CA SER H 189 3.85 -8.18 35.08
C SER H 189 2.82 -9.25 34.78
N ALA H 190 2.10 -9.08 33.67
CA ALA H 190 1.10 -10.04 33.32
C ALA H 190 1.74 -11.40 33.12
N ARG H 191 2.96 -11.43 32.58
CA ARG H 191 3.61 -12.72 32.36
C ARG H 191 3.88 -13.39 33.70
N GLU H 192 4.38 -12.59 34.65
CA GLU H 192 4.74 -13.04 36.00
C GLU H 192 3.53 -13.62 36.73
N VAL H 193 2.48 -12.80 36.84
CA VAL H 193 1.21 -13.23 37.47
C VAL H 193 0.65 -14.51 36.85
N ALA H 194 0.77 -14.69 35.53
CA ALA H 194 0.23 -15.89 34.89
C ALA H 194 1.10 -17.08 35.20
N ALA H 195 2.40 -16.83 35.39
CA ALA H 195 3.36 -17.88 35.73
C ALA H 195 3.13 -18.39 37.15
N GLU H 196 2.85 -17.44 38.02
CA GLU H 196 2.48 -17.66 39.39
C GLU H 196 1.17 -18.42 39.54
N ALA H 197 0.18 -18.12 38.72
CA ALA H 197 -1.15 -18.68 38.94
C ALA H 197 -1.66 -19.36 37.70
N PRO H 198 -0.96 -20.53 37.43
CA PRO H 198 -1.28 -21.10 36.11
C PRO H 198 -2.69 -21.62 35.92
N GLU H 199 -3.45 -21.78 36.97
CA GLU H 199 -4.78 -22.35 36.82
C GLU H 199 -5.84 -21.30 36.61
N ALA H 200 -5.45 -20.03 36.58
CA ALA H 200 -6.42 -18.94 36.45
C ALA H 200 -7.22 -19.01 35.15
N ASP H 201 -8.49 -18.73 35.22
CA ASP H 201 -9.33 -18.71 34.05
C ASP H 201 -8.93 -17.58 33.10
N CYS H 202 -8.47 -16.47 33.67
CA CYS H 202 -8.29 -15.22 32.96
C CYS H 202 -7.30 -14.35 33.70
N ILE H 203 -6.54 -13.56 32.97
CA ILE H 203 -5.64 -12.57 33.53
C ILE H 203 -6.31 -11.21 33.41
N ILE H 204 -6.15 -10.38 34.44
CA ILE H 204 -6.69 -9.04 34.43
C ILE H 204 -5.56 -8.03 34.53
N SER H 206 -5.17 -4.07 35.36
CA SER H 206 -5.98 -3.03 35.92
C SER H 206 -5.20 -1.76 36.13
N GLY H 207 -5.92 -0.64 36.07
CA GLY H 207 -5.29 0.64 35.95
C GLY H 207 -5.52 1.09 34.53
N ALA H 208 -6.59 1.83 34.32
CA ALA H 208 -7.04 2.21 32.98
C ALA H 208 -6.11 3.18 32.20
N ALA H 209 -5.35 4.00 32.94
CA ALA H 209 -4.51 5.05 32.35
C ALA H 209 -3.25 4.53 31.64
N VAL H 210 -2.84 3.29 31.91
CA VAL H 210 -1.85 2.59 31.06
C VAL H 210 -2.56 2.06 29.79
N HIS H 211 -1.87 2.11 28.66
CA HIS H 211 -2.50 1.70 27.43
C HIS H 211 -2.21 0.25 27.08
N THR H 212 -3.23 -0.58 27.24
CA THR H 212 -3.10 -2.00 27.21
C THR H 212 -3.67 -2.71 25.96
N ASP H 214 -3.18 -2.67 22.83
CA ASP H 214 -2.22 -3.20 21.89
C ASP H 214 -1.49 -4.44 22.34
N ILE H 215 -1.45 -4.72 23.63
CA ILE H 215 -0.75 -5.91 24.06
C ILE H 215 -1.60 -7.09 24.46
N ILE H 216 -2.91 -6.96 24.35
CA ILE H 216 -3.78 -8.03 24.79
C ILE H 216 -3.58 -9.25 23.91
N ALA H 217 -3.71 -9.07 22.61
CA ALA H 217 -3.57 -10.20 21.73
C ALA H 217 -2.21 -10.87 21.84
N PRO H 218 -1.11 -10.08 21.81
CA PRO H 218 0.20 -10.72 21.96
C PRO H 218 0.30 -11.51 23.26
N LEU H 219 -0.17 -10.92 24.38
CA LEU H 219 -0.22 -11.67 25.64
C LEU H 219 -1.06 -12.94 25.56
N GLU H 220 -2.27 -12.86 24.99
CA GLU H 220 -3.08 -14.04 24.81
C GLU H 220 -2.31 -15.09 24.00
N ALA H 221 -1.58 -14.67 22.98
CA ALA H 221 -0.83 -15.63 22.18
C ALA H 221 0.31 -16.25 22.98
N ASP H 222 1.00 -15.43 23.77
CA ASP H 222 2.15 -15.91 24.49
C ASP H 222 1.78 -16.79 25.68
N LEU H 223 0.68 -16.46 26.35
CA LEU H 223 0.25 -17.20 27.55
C LEU H 223 -0.73 -18.30 27.26
N GLY H 224 -1.35 -18.27 26.10
CA GLY H 224 -2.44 -19.22 25.81
C GLY H 224 -3.62 -19.12 26.74
N LYS H 225 -3.86 -17.95 27.32
CA LYS H 225 -4.93 -17.73 28.30
C LYS H 225 -5.66 -16.41 27.94
N PRO H 226 -6.93 -16.26 28.33
CA PRO H 226 -7.63 -15.00 28.11
C PRO H 226 -7.02 -13.91 28.92
N VAL H 227 -7.10 -12.69 28.41
CA VAL H 227 -6.55 -11.53 29.08
C VAL H 227 -7.53 -10.41 28.89
N ILE H 228 -7.79 -9.69 29.97
CA ILE H 228 -8.79 -8.70 30.02
C ILE H 228 -8.26 -7.50 30.78
N SER H 229 -8.67 -6.32 30.33
CA SER H 229 -8.22 -5.08 30.89
C SER H 229 -9.46 -4.23 31.18
N SER H 230 -9.26 -3.15 31.93
CA SER H 230 -10.32 -2.24 32.23
C SER H 230 -10.91 -1.71 30.94
N ASP H 231 -10.03 -1.27 30.04
CA ASP H 231 -10.42 -0.75 28.75
C ASP H 231 -11.20 -1.79 27.92
N SER H 232 -10.68 -3.02 27.85
CA SER H 232 -11.24 -3.98 26.93
C SER H 232 -12.62 -4.38 27.38
N ALA H 233 -12.78 -4.54 28.69
CA ALA H 233 -14.08 -4.90 29.24
C ALA H 233 -15.09 -3.79 29.03
N PHE H 234 -14.65 -2.55 29.23
CA PHE H 234 -15.50 -1.36 29.02
C PHE H 234 -15.94 -1.30 27.58
N PHE H 235 -15.00 -1.49 26.65
CA PHE H 235 -15.36 -1.36 25.23
C PHE H 235 -16.27 -2.51 24.84
N TRP H 236 -15.97 -3.69 25.40
CA TRP H 236 -16.82 -4.86 25.15
C TRP H 236 -18.24 -4.57 25.56
N LYS H 237 -18.36 -3.99 26.72
CA LYS H 237 -19.68 -3.67 27.25
C LYS H 237 -20.38 -2.67 26.35
N ILE H 238 -19.65 -1.62 25.98
CA ILE H 238 -20.24 -0.58 25.17
C ILE H 238 -20.75 -1.15 23.85
N LEU H 239 -19.92 -1.96 23.19
CA LEU H 239 -20.33 -2.49 21.93
C LEU H 239 -21.46 -3.47 22.07
N SER H 240 -21.43 -4.29 23.12
CA SER H 240 -22.57 -5.15 23.46
C SER H 240 -23.87 -4.34 23.56
N LEU H 241 -23.87 -3.27 24.36
CA LEU H 241 -25.03 -2.41 24.45
C LEU H 241 -25.44 -1.85 23.10
N LEU H 242 -24.51 -1.43 22.27
CA LEU H 242 -24.88 -0.94 20.95
C LEU H 242 -25.41 -2.05 20.07
N GLY H 243 -25.14 -3.29 20.41
CA GLY H 243 -25.58 -4.38 19.58
C GLY H 243 -24.75 -4.54 18.34
N VAL H 244 -23.53 -4.05 18.43
CA VAL H 244 -22.56 -4.14 17.35
C VAL H 244 -21.68 -5.33 17.62
N ARG H 245 -21.50 -6.17 16.62
CA ARG H 245 -20.76 -7.41 16.74
C ARG H 245 -19.44 -7.53 16.01
N GLU H 246 -18.78 -6.42 15.71
CA GLU H 246 -17.48 -6.46 15.08
C GLU H 246 -16.54 -5.50 15.75
N THR H 247 -15.26 -5.66 15.54
CA THR H 247 -14.25 -4.72 16.01
C THR H 247 -13.37 -4.40 14.86
N SER H 248 -12.52 -3.41 15.04
CA SER H 248 -11.59 -3.06 14.01
C SER H 248 -10.61 -4.14 13.70
N GLY H 249 -10.26 -4.95 14.68
CA GLY H 249 -9.03 -5.64 14.62
C GLY H 249 -8.79 -6.74 15.57
N GLY H 250 -7.57 -6.80 16.03
CA GLY H 250 -7.03 -7.92 16.80
C GLY H 250 -6.89 -7.48 18.23
N TRP H 251 -8.03 -7.33 18.89
CA TRP H 251 -8.06 -6.81 20.24
C TRP H 251 -8.28 -7.87 21.34
N GLY H 252 -8.05 -9.14 21.03
CA GLY H 252 -8.20 -10.18 22.04
C GLY H 252 -9.53 -10.92 21.96
N SER H 253 -9.60 -12.00 22.71
CA SER H 253 -10.67 -12.97 22.57
C SER H 253 -12.00 -12.43 23.10
N LEU H 254 -11.97 -11.69 24.19
CA LEU H 254 -13.19 -11.14 24.68
C LEU H 254 -13.83 -10.36 23.54
N LEU H 255 -13.14 -9.37 23.00
CA LEU H 255 -13.75 -8.55 21.96
C LEU H 255 -14.03 -9.35 20.70
N ASP H 256 -13.27 -10.40 20.45
CA ASP H 256 -13.60 -11.26 19.32
C ASP H 256 -14.87 -12.06 19.57
N SER H 257 -15.27 -12.22 20.83
CA SER H 257 -16.43 -13.01 21.15
C SER H 257 -17.73 -12.24 21.00
N LEU H 258 -17.68 -10.94 20.72
CA LEU H 258 -18.92 -10.16 20.53
C LEU H 258 -19.79 -10.82 19.48
#